data_3GNB
# 
_entry.id   3GNB 
# 
_audit_conform.dict_name       mmcif_pdbx.dic 
_audit_conform.dict_version    5.378 
_audit_conform.dict_location   http://mmcif.pdb.org/dictionaries/ascii/mmcif_pdbx.dic 
# 
loop_
_database_2.database_id 
_database_2.database_code 
_database_2.pdbx_database_accession 
_database_2.pdbx_DOI 
PDB   3GNB         pdb_00003gnb 10.2210/pdb3gnb/pdb 
NDB   PD1262       ?            ?                   
RCSB  RCSB052074   ?            ?                   
WWPDB D_1000052074 ?            ?                   
# 
_pdbx_database_related.db_name        PDB 
_pdbx_database_related.db_id          3GNA 
_pdbx_database_related.details        'Crystal structure of the RAG1 nonamer-binding domain with DNA' 
_pdbx_database_related.content_type   unspecified 
# 
_pdbx_database_status.status_code                     REL 
_pdbx_database_status.entry_id                        3GNB 
_pdbx_database_status.recvd_initial_deposition_date   2009-03-16 
_pdbx_database_status.deposit_site                    RCSB 
_pdbx_database_status.process_site                    RCSB 
_pdbx_database_status.status_code_sf                  REL 
_pdbx_database_status.status_code_mr                  ? 
_pdbx_database_status.SG_entry                        ? 
_pdbx_database_status.pdb_format_compatible           Y 
_pdbx_database_status.status_code_cs                  ? 
_pdbx_database_status.status_code_nmr_data            ? 
_pdbx_database_status.methods_development_category    ? 
# 
loop_
_audit_author.name 
_audit_author.pdbx_ordinal 
'Yin, F.F.'    1 
'Bailey, S.'   2 
'Innis, C.A.'  3 
'Steitz, T.A.' 4 
'Schatz, D.G.' 5 
# 
_citation.id                        primary 
_citation.title                     
'Structure of the RAG1 nonamer binding domain with DNA reveals a dimer that mediates DNA synapsis.' 
_citation.journal_abbrev            Nat.Struct.Mol.Biol. 
_citation.journal_volume            16 
_citation.page_first                499 
_citation.page_last                 508 
_citation.year                      2009 
_citation.journal_id_ASTM           ? 
_citation.country                   US 
_citation.journal_id_ISSN           1545-9993 
_citation.journal_id_CSD            ? 
_citation.book_publisher            ? 
_citation.pdbx_database_id_PubMed   19396172 
_citation.pdbx_database_id_DOI      10.1038/nsmb.1593 
# 
loop_
_citation_author.citation_id 
_citation_author.name 
_citation_author.ordinal 
_citation_author.identifier_ORCID 
primary 'Yin, F.F.'     1 ? 
primary 'Bailey, S.'    2 ? 
primary 'Innis, C.A.'   3 ? 
primary 'Ciubotaru, M.' 4 ? 
primary 'Kamtekar, S.'  5 ? 
primary 'Steitz, T.A.'  6 ? 
primary 'Schatz, D.G.'  7 ? 
# 
_cell.entry_id           3GNB 
_cell.length_a           97.470 
_cell.length_b           97.470 
_cell.length_c           69.780 
_cell.angle_alpha        90.00 
_cell.angle_beta         90.00 
_cell.angle_gamma        90.00 
_cell.Z_PDB              16 
_cell.pdbx_unique_axis   ? 
_cell.length_a_esd       ? 
_cell.length_b_esd       ? 
_cell.length_c_esd       ? 
_cell.angle_alpha_esd    ? 
_cell.angle_beta_esd     ? 
_cell.angle_gamma_esd    ? 
# 
_symmetry.entry_id                         3GNB 
_symmetry.space_group_name_H-M             'I 4 2 2' 
_symmetry.pdbx_full_space_group_name_H-M   ? 
_symmetry.cell_setting                     ? 
_symmetry.Int_Tables_number                97 
_symmetry.space_group_name_Hall            ? 
# 
loop_
_entity.id 
_entity.type 
_entity.src_method 
_entity.pdbx_description 
_entity.formula_weight 
_entity.pdbx_number_of_molecules 
_entity.pdbx_ec 
_entity.pdbx_mutation 
_entity.pdbx_fragment 
_entity.details 
1 polymer man 'V(D)J recombination-activating protein 1'           10805.378 1 ? ? 'Nonamer binding domain: UNP residues 389-456' 
? 
2 polymer syn "5'-D(*AP*AP*TP*TP*TP*TP*CP*AP*GP*AP*AP*AP*CP*C)-3'" 4247.805  1 ? ? ?                                              
? 
3 polymer syn "5'-D(*AP*GP*GP*TP*TP*TP*CP*TP*GP*AP*AP*AP*AP*C)-3'" 4303.828  1 ? ? ?                                              
? 
4 water   nat water                                                18.015    8 ? ? ?                                              
? 
# 
_entity_name_com.entity_id   1 
_entity_name_com.name        RAG-1 
# 
loop_
_entity_poly.entity_id 
_entity_poly.type 
_entity_poly.nstd_linkage 
_entity_poly.nstd_monomer 
_entity_poly.pdbx_seq_one_letter_code 
_entity_poly.pdbx_seq_one_letter_code_can 
_entity_poly.pdbx_strand_id 
_entity_poly.pdbx_target_identifier 
1 'polypeptide(L)'        no no 
;MGSSHHHHHHSSGLVPGSHMGGRPRQHLLSLTRRAQKHRLRELKIQVKEFADKEEGGDVKAVCLTLFLLALRARNEHRQA
DELEAIMQGRGSGLQP
;
;MGSSHHHHHHSSGLVPGSHMGGRPRQHLLSLTRRAQKHRLRELKIQVKEFADKEEGGDVKAVCLTLFLLALRARNEHRQA
DELEAIMQGRGSGLQP
;
A ? 
2 polydeoxyribonucleotide no no '(DA)(DA)(DT)(DT)(DT)(DT)(DC)(DA)(DG)(DA)(DA)(DA)(DC)(DC)' AATTTTCAGAAACC D ? 
3 polydeoxyribonucleotide no no '(DA)(DG)(DG)(DT)(DT)(DT)(DC)(DT)(DG)(DA)(DA)(DA)(DA)(DC)' AGGTTTCTGAAAAC E ? 
# 
loop_
_entity_poly_seq.entity_id 
_entity_poly_seq.num 
_entity_poly_seq.mon_id 
_entity_poly_seq.hetero 
1 1  MET n 
1 2  GLY n 
1 3  SER n 
1 4  SER n 
1 5  HIS n 
1 6  HIS n 
1 7  HIS n 
1 8  HIS n 
1 9  HIS n 
1 10 HIS n 
1 11 SER n 
1 12 SER n 
1 13 GLY n 
1 14 LEU n 
1 15 VAL n 
1 16 PRO n 
1 17 GLY n 
1 18 SER n 
1 19 HIS n 
1 20 MET n 
1 21 GLY n 
1 22 GLY n 
1 23 ARG n 
1 24 PRO n 
1 25 ARG n 
1 26 GLN n 
1 27 HIS n 
1 28 LEU n 
1 29 LEU n 
1 30 SER n 
1 31 LEU n 
1 32 THR n 
1 33 ARG n 
1 34 ARG n 
1 35 ALA n 
1 36 GLN n 
1 37 LYS n 
1 38 HIS n 
1 39 ARG n 
1 40 LEU n 
1 41 ARG n 
1 42 GLU n 
1 43 LEU n 
1 44 LYS n 
1 45 ILE n 
1 46 GLN n 
1 47 VAL n 
1 48 LYS n 
1 49 GLU n 
1 50 PHE n 
1 51 ALA n 
1 52 ASP n 
1 53 LYS n 
1 54 GLU n 
1 55 GLU n 
1 56 GLY n 
1 57 GLY n 
1 58 ASP n 
1 59 VAL n 
1 60 LYS n 
1 61 ALA n 
1 62 VAL n 
1 63 CYS n 
1 64 LEU n 
1 65 THR n 
1 66 LEU n 
1 67 PHE n 
1 68 LEU n 
1 69 LEU n 
1 70 ALA n 
1 71 LEU n 
1 72 ARG n 
1 73 ALA n 
1 74 ARG n 
1 75 ASN n 
1 76 GLU n 
1 77 HIS n 
1 78 ARG n 
1 79 GLN n 
1 80 ALA n 
1 81 ASP n 
1 82 GLU n 
1 83 LEU n 
1 84 GLU n 
1 85 ALA n 
1 86 ILE n 
1 87 MET n 
1 88 GLN n 
1 89 GLY n 
1 90 ARG n 
1 91 GLY n 
1 92 SER n 
1 93 GLY n 
1 94 LEU n 
1 95 GLN n 
1 96 PRO n 
2 1  DA  n 
2 2  DA  n 
2 3  DT  n 
2 4  DT  n 
2 5  DT  n 
2 6  DT  n 
2 7  DC  n 
2 8  DA  n 
2 9  DG  n 
2 10 DA  n 
2 11 DA  n 
2 12 DA  n 
2 13 DC  n 
2 14 DC  n 
3 1  DA  n 
3 2  DG  n 
3 3  DG  n 
3 4  DT  n 
3 5  DT  n 
3 6  DT  n 
3 7  DC  n 
3 8  DT  n 
3 9  DG  n 
3 10 DA  n 
3 11 DA  n 
3 12 DA  n 
3 13 DA  n 
3 14 DC  n 
# 
_entity_src_gen.entity_id                          1 
_entity_src_gen.pdbx_src_id                        1 
_entity_src_gen.pdbx_alt_source_flag               sample 
_entity_src_gen.pdbx_seq_type                      ? 
_entity_src_gen.pdbx_beg_seq_num                   ? 
_entity_src_gen.pdbx_end_seq_num                   ? 
_entity_src_gen.gene_src_common_name               Mouse 
_entity_src_gen.gene_src_genus                     ? 
_entity_src_gen.pdbx_gene_src_gene                 'Rag1, Rag-1' 
_entity_src_gen.gene_src_species                   ? 
_entity_src_gen.gene_src_strain                    ? 
_entity_src_gen.gene_src_tissue                    ? 
_entity_src_gen.gene_src_tissue_fraction           ? 
_entity_src_gen.gene_src_details                   ? 
_entity_src_gen.pdbx_gene_src_fragment             ? 
_entity_src_gen.pdbx_gene_src_scientific_name      'Mus musculus' 
_entity_src_gen.pdbx_gene_src_ncbi_taxonomy_id     10090 
_entity_src_gen.pdbx_gene_src_variant              ? 
_entity_src_gen.pdbx_gene_src_cell_line            ? 
_entity_src_gen.pdbx_gene_src_atcc                 ? 
_entity_src_gen.pdbx_gene_src_organ                ? 
_entity_src_gen.pdbx_gene_src_organelle            ? 
_entity_src_gen.pdbx_gene_src_cell                 ? 
_entity_src_gen.pdbx_gene_src_cellular_location    ? 
_entity_src_gen.host_org_common_name               ? 
_entity_src_gen.pdbx_host_org_scientific_name      'Escherichia coli' 
_entity_src_gen.pdbx_host_org_ncbi_taxonomy_id     562 
_entity_src_gen.host_org_genus                     ? 
_entity_src_gen.pdbx_host_org_gene                 ? 
_entity_src_gen.pdbx_host_org_organ                ? 
_entity_src_gen.host_org_species                   ? 
_entity_src_gen.pdbx_host_org_tissue               ? 
_entity_src_gen.pdbx_host_org_tissue_fraction      ? 
_entity_src_gen.pdbx_host_org_strain               'BL21(DE3)' 
_entity_src_gen.pdbx_host_org_variant              ? 
_entity_src_gen.pdbx_host_org_cell_line            ? 
_entity_src_gen.pdbx_host_org_atcc                 ? 
_entity_src_gen.pdbx_host_org_culture_collection   ? 
_entity_src_gen.pdbx_host_org_cell                 ? 
_entity_src_gen.pdbx_host_org_organelle            ? 
_entity_src_gen.pdbx_host_org_cellular_location    ? 
_entity_src_gen.pdbx_host_org_vector_type          plasmid 
_entity_src_gen.pdbx_host_org_vector               ? 
_entity_src_gen.host_org_details                   ? 
_entity_src_gen.expression_system_id               ? 
_entity_src_gen.plasmid_name                       pET28a 
_entity_src_gen.plasmid_details                    ? 
_entity_src_gen.pdbx_description                   ? 
# 
loop_
_struct_ref.id 
_struct_ref.db_name 
_struct_ref.db_code 
_struct_ref.pdbx_db_accession 
_struct_ref.entity_id 
_struct_ref.pdbx_seq_one_letter_code 
_struct_ref.pdbx_align_begin 
_struct_ref.pdbx_db_isoform 
1 UNP RAG1_MOUSE P15919 1 GGRPRQHLLSLTRRAQKHRLRELKIQVKEFADKEEGGDVKAVCLTLFLLALRARNEHRQADELEAIMQGRGSGLQP 389 ? 
2 PDB 3GNB       3GNB   2 AATTTTCAGAAACC                                                               1   ? 
3 PDB 3GNB       3GNB   3 AGGTTTCTGAAAAC                                                               1   ? 
# 
loop_
_struct_ref_seq.align_id 
_struct_ref_seq.ref_id 
_struct_ref_seq.pdbx_PDB_id_code 
_struct_ref_seq.pdbx_strand_id 
_struct_ref_seq.seq_align_beg 
_struct_ref_seq.pdbx_seq_align_beg_ins_code 
_struct_ref_seq.seq_align_end 
_struct_ref_seq.pdbx_seq_align_end_ins_code 
_struct_ref_seq.pdbx_db_accession 
_struct_ref_seq.db_align_beg 
_struct_ref_seq.pdbx_db_align_beg_ins_code 
_struct_ref_seq.db_align_end 
_struct_ref_seq.pdbx_db_align_end_ins_code 
_struct_ref_seq.pdbx_auth_seq_align_beg 
_struct_ref_seq.pdbx_auth_seq_align_end 
1 1 3GNB A 21 ? 96 ? P15919 389 ? 464 ? 389 464 
2 2 3GNB D 1  ? 14 ? 3GNB   1   ? 14  ? 1   14  
3 3 3GNB E 1  ? 14 ? 3GNB   1   ? 14  ? 1   14  
# 
loop_
_struct_ref_seq_dif.align_id 
_struct_ref_seq_dif.pdbx_pdb_id_code 
_struct_ref_seq_dif.mon_id 
_struct_ref_seq_dif.pdbx_pdb_strand_id 
_struct_ref_seq_dif.seq_num 
_struct_ref_seq_dif.pdbx_pdb_ins_code 
_struct_ref_seq_dif.pdbx_seq_db_name 
_struct_ref_seq_dif.pdbx_seq_db_accession_code 
_struct_ref_seq_dif.db_mon_id 
_struct_ref_seq_dif.pdbx_seq_db_seq_num 
_struct_ref_seq_dif.details 
_struct_ref_seq_dif.pdbx_auth_seq_num 
_struct_ref_seq_dif.pdbx_ordinal 
1 3GNB MET A 1  ? UNP P15919 ? ? 'expression tag' 369 1  
1 3GNB GLY A 2  ? UNP P15919 ? ? 'expression tag' 370 2  
1 3GNB SER A 3  ? UNP P15919 ? ? 'expression tag' 371 3  
1 3GNB SER A 4  ? UNP P15919 ? ? 'expression tag' 372 4  
1 3GNB HIS A 5  ? UNP P15919 ? ? 'expression tag' 373 5  
1 3GNB HIS A 6  ? UNP P15919 ? ? 'expression tag' 374 6  
1 3GNB HIS A 7  ? UNP P15919 ? ? 'expression tag' 375 7  
1 3GNB HIS A 8  ? UNP P15919 ? ? 'expression tag' 376 8  
1 3GNB HIS A 9  ? UNP P15919 ? ? 'expression tag' 377 9  
1 3GNB HIS A 10 ? UNP P15919 ? ? 'expression tag' 378 10 
1 3GNB SER A 11 ? UNP P15919 ? ? 'expression tag' 379 11 
1 3GNB SER A 12 ? UNP P15919 ? ? 'expression tag' 380 12 
1 3GNB GLY A 13 ? UNP P15919 ? ? 'expression tag' 381 13 
1 3GNB LEU A 14 ? UNP P15919 ? ? 'expression tag' 382 14 
1 3GNB VAL A 15 ? UNP P15919 ? ? 'expression tag' 383 15 
1 3GNB PRO A 16 ? UNP P15919 ? ? 'expression tag' 384 16 
1 3GNB GLY A 17 ? UNP P15919 ? ? 'expression tag' 385 17 
1 3GNB SER A 18 ? UNP P15919 ? ? 'expression tag' 386 18 
1 3GNB HIS A 19 ? UNP P15919 ? ? 'expression tag' 387 19 
1 3GNB MET A 20 ? UNP P15919 ? ? 'expression tag' 388 20 
# 
loop_
_chem_comp.id 
_chem_comp.type 
_chem_comp.mon_nstd_flag 
_chem_comp.name 
_chem_comp.pdbx_synonyms 
_chem_comp.formula 
_chem_comp.formula_weight 
ALA 'L-peptide linking' y ALANINE                              ? 'C3 H7 N O2'      89.093  
ARG 'L-peptide linking' y ARGININE                             ? 'C6 H15 N4 O2 1'  175.209 
ASN 'L-peptide linking' y ASPARAGINE                           ? 'C4 H8 N2 O3'     132.118 
ASP 'L-peptide linking' y 'ASPARTIC ACID'                      ? 'C4 H7 N O4'      133.103 
CYS 'L-peptide linking' y CYSTEINE                             ? 'C3 H7 N O2 S'    121.158 
DA  'DNA linking'       y "2'-DEOXYADENOSINE-5'-MONOPHOSPHATE" ? 'C10 H14 N5 O6 P' 331.222 
DC  'DNA linking'       y "2'-DEOXYCYTIDINE-5'-MONOPHOSPHATE"  ? 'C9 H14 N3 O7 P'  307.197 
DG  'DNA linking'       y "2'-DEOXYGUANOSINE-5'-MONOPHOSPHATE" ? 'C10 H14 N5 O7 P' 347.221 
DT  'DNA linking'       y "THYMIDINE-5'-MONOPHOSPHATE"         ? 'C10 H15 N2 O8 P' 322.208 
GLN 'L-peptide linking' y GLUTAMINE                            ? 'C5 H10 N2 O3'    146.144 
GLU 'L-peptide linking' y 'GLUTAMIC ACID'                      ? 'C5 H9 N O4'      147.129 
GLY 'peptide linking'   y GLYCINE                              ? 'C2 H5 N O2'      75.067  
HIS 'L-peptide linking' y HISTIDINE                            ? 'C6 H10 N3 O2 1'  156.162 
HOH non-polymer         . WATER                                ? 'H2 O'            18.015  
ILE 'L-peptide linking' y ISOLEUCINE                           ? 'C6 H13 N O2'     131.173 
LEU 'L-peptide linking' y LEUCINE                              ? 'C6 H13 N O2'     131.173 
LYS 'L-peptide linking' y LYSINE                               ? 'C6 H15 N2 O2 1'  147.195 
MET 'L-peptide linking' y METHIONINE                           ? 'C5 H11 N O2 S'   149.211 
PHE 'L-peptide linking' y PHENYLALANINE                        ? 'C9 H11 N O2'     165.189 
PRO 'L-peptide linking' y PROLINE                              ? 'C5 H9 N O2'      115.130 
SER 'L-peptide linking' y SERINE                               ? 'C3 H7 N O3'      105.093 
THR 'L-peptide linking' y THREONINE                            ? 'C4 H9 N O3'      119.119 
VAL 'L-peptide linking' y VALINE                               ? 'C5 H11 N O2'     117.146 
# 
_exptl.entry_id          3GNB 
_exptl.method            'X-RAY DIFFRACTION' 
_exptl.crystals_number   1 
# 
_exptl_crystal.id                    1 
_exptl_crystal.density_meas          ? 
_exptl_crystal.density_Matthews      2.14 
_exptl_crystal.density_percent_sol   42.54 
_exptl_crystal.description           ? 
_exptl_crystal.F_000                 ? 
_exptl_crystal.preparation           ? 
# 
_exptl_crystal_grow.crystal_id      1 
_exptl_crystal_grow.method          'VAPOR DIFFUSION, HANGING DROP' 
_exptl_crystal_grow.temp            298 
_exptl_crystal_grow.temp_details    ? 
_exptl_crystal_grow.pH              7.5 
_exptl_crystal_grow.pdbx_details    '20% PEG 400, pH 7.5, VAPOR DIFFUSION, HANGING DROP, temperature 298K' 
_exptl_crystal_grow.pdbx_pH_range   ? 
# 
loop_
_exptl_crystal_grow_comp.crystal_id 
_exptl_crystal_grow_comp.id 
_exptl_crystal_grow_comp.sol_id 
_exptl_crystal_grow_comp.name 
_exptl_crystal_grow_comp.volume 
_exptl_crystal_grow_comp.conc 
_exptl_crystal_grow_comp.details 
1 1 1 'PEG 400' ? ? ? 
1 2 2 'PEG 400' ? ? ? 
# 
_diffrn.id                     1 
_diffrn.ambient_temp           100 
_diffrn.ambient_temp_details   ? 
_diffrn.crystal_id             1 
# 
_diffrn_detector.diffrn_id              1 
_diffrn_detector.detector               CCD 
_diffrn_detector.type                   'ADSC QUANTUM 315r' 
_diffrn_detector.pdbx_collection_date   2008-06-17 
_diffrn_detector.details                ? 
# 
_diffrn_radiation.diffrn_id                        1 
_diffrn_radiation.wavelength_id                    1 
_diffrn_radiation.pdbx_monochromatic_or_laue_m_l   M 
_diffrn_radiation.monochromator                    'Si(111) channel' 
_diffrn_radiation.pdbx_diffrn_protocol             'SINGLE WAVELENGTH' 
_diffrn_radiation.pdbx_scattering_type             x-ray 
# 
_diffrn_radiation_wavelength.id           1 
_diffrn_radiation_wavelength.wavelength   1.008 
_diffrn_radiation_wavelength.wt           1.0 
# 
_diffrn_source.diffrn_id                   1 
_diffrn_source.source                      SYNCHROTRON 
_diffrn_source.type                        'APS BEAMLINE 24-ID-C' 
_diffrn_source.pdbx_synchrotron_site       APS 
_diffrn_source.pdbx_synchrotron_beamline   24-ID-C 
_diffrn_source.pdbx_wavelength             ? 
_diffrn_source.pdbx_wavelength_list        1.008 
# 
_reflns.entry_id                     3GNB 
_reflns.observed_criterion_sigma_I   1 
_reflns.observed_criterion_sigma_F   1 
_reflns.d_resolution_low             50.0 
_reflns.d_resolution_high            3.00 
_reflns.number_obs                   3382 
_reflns.number_all                   ? 
_reflns.percent_possible_obs         99.2 
_reflns.pdbx_Rmerge_I_obs            0.066 
_reflns.pdbx_Rsym_value              ? 
_reflns.pdbx_netI_over_sigmaI        ? 
_reflns.B_iso_Wilson_estimate        ? 
_reflns.pdbx_redundancy              ? 
_reflns.R_free_details               ? 
_reflns.limit_h_max                  ? 
_reflns.limit_h_min                  ? 
_reflns.limit_k_max                  ? 
_reflns.limit_k_min                  ? 
_reflns.limit_l_max                  ? 
_reflns.limit_l_min                  ? 
_reflns.observed_criterion_F_max     ? 
_reflns.observed_criterion_F_min     ? 
_reflns.pdbx_chi_squared             ? 
_reflns.pdbx_scaling_rejects         ? 
_reflns.pdbx_ordinal                 1 
_reflns.pdbx_diffrn_id               1 
# 
_reflns_shell.d_res_high             3.00 
_reflns_shell.d_res_low              3.11 
_reflns_shell.percent_possible_all   100 
_reflns_shell.Rmerge_I_obs           0.239 
_reflns_shell.pdbx_Rsym_value        ? 
_reflns_shell.meanI_over_sigI_obs    ? 
_reflns_shell.pdbx_redundancy        ? 
_reflns_shell.percent_possible_obs   ? 
_reflns_shell.number_unique_all      ? 
_reflns_shell.number_measured_all    ? 
_reflns_shell.number_measured_obs    ? 
_reflns_shell.number_unique_obs      ? 
_reflns_shell.pdbx_chi_squared       ? 
_reflns_shell.pdbx_ordinal           1 
_reflns_shell.pdbx_diffrn_id         1 
# 
_refine.entry_id                                 3GNB 
_refine.ls_number_reflns_obs                     3382 
_refine.ls_number_reflns_all                     ? 
_refine.pdbx_ls_sigma_I                          ? 
_refine.pdbx_ls_sigma_F                          ? 
_refine.pdbx_data_cutoff_high_absF               ? 
_refine.pdbx_data_cutoff_low_absF                ? 
_refine.pdbx_data_cutoff_high_rms_absF           ? 
_refine.ls_d_res_low                             20.00 
_refine.ls_d_res_high                            3.00 
_refine.ls_percent_reflns_obs                    99.41 
_refine.ls_R_factor_obs                          0.24272 
_refine.ls_R_factor_all                          ? 
_refine.ls_R_factor_R_work                       0.24165 
_refine.ls_R_factor_R_free                       0.26739 
_refine.ls_R_factor_R_free_error                 ? 
_refine.ls_R_factor_R_free_error_details         ? 
_refine.ls_percent_reflns_R_free                 4.5 
_refine.ls_number_reflns_R_free                  158 
_refine.ls_number_parameters                     ? 
_refine.ls_number_restraints                     ? 
_refine.occupancy_min                            ? 
_refine.occupancy_max                            ? 
_refine.correlation_coeff_Fo_to_Fc               0.936 
_refine.correlation_coeff_Fo_to_Fc_free          0.915 
_refine.B_iso_mean                               46.720 
_refine.aniso_B[1][1]                            0.36 
_refine.aniso_B[2][2]                            0.36 
_refine.aniso_B[3][3]                            -0.72 
_refine.aniso_B[1][2]                            0.00 
_refine.aniso_B[1][3]                            0.00 
_refine.aniso_B[2][3]                            0.00 
_refine.solvent_model_details                    'BABINET MODEL WITH MASK' 
_refine.solvent_model_param_ksol                 ? 
_refine.solvent_model_param_bsol                 ? 
_refine.pdbx_solvent_vdw_probe_radii             1.20 
_refine.pdbx_solvent_ion_probe_radii             0.80 
_refine.pdbx_solvent_shrinkage_radii             0.80 
_refine.pdbx_ls_cross_valid_method               THROUGHOUT 
_refine.details                                  
'1. The Bijvoet pairs were used in phasing. 2. HYDROGENS HAVE BEEN ADDED IN THE RIDING POSITIONS' 
_refine.pdbx_starting_model                      'PDB entry 3GNA' 
_refine.pdbx_method_to_determine_struct          'FOURIER SYNTHESIS' 
_refine.pdbx_isotropic_thermal_model             ? 
_refine.pdbx_stereochemistry_target_values       'MAXIMUM LIKELIHOOD' 
_refine.pdbx_stereochem_target_val_spec_case     ? 
_refine.pdbx_R_Free_selection_details            RANDOM 
_refine.pdbx_overall_ESU_R                       ? 
_refine.pdbx_overall_ESU_R_Free                  0.468 
_refine.overall_SU_ML                            0.377 
_refine.overall_SU_B                             52.263 
_refine.ls_redundancy_reflns_obs                 ? 
_refine.B_iso_min                                ? 
_refine.B_iso_max                                ? 
_refine.overall_SU_R_Cruickshank_DPI             ? 
_refine.overall_SU_R_free                        ? 
_refine.ls_wR_factor_R_free                      ? 
_refine.ls_wR_factor_R_work                      ? 
_refine.overall_FOM_free_R_set                   ? 
_refine.overall_FOM_work_R_set                   ? 
_refine.pdbx_overall_phase_error                 ? 
_refine.pdbx_refine_id                           'X-RAY DIFFRACTION' 
_refine.pdbx_TLS_residual_ADP_flag               'LIKELY RESIDUAL' 
_refine.pdbx_diffrn_id                           1 
_refine.pdbx_overall_SU_R_free_Cruickshank_DPI   ? 
_refine.pdbx_overall_SU_R_Blow_DPI               ? 
_refine.pdbx_overall_SU_R_free_Blow_DPI          ? 
# 
_refine_hist.pdbx_refine_id                   'X-RAY DIFFRACTION' 
_refine_hist.cycle_id                         LAST 
_refine_hist.pdbx_number_atoms_protein        553 
_refine_hist.pdbx_number_atoms_nucleic_acid   548 
_refine_hist.pdbx_number_atoms_ligand         0 
_refine_hist.number_atoms_solvent             8 
_refine_hist.number_atoms_total               1109 
_refine_hist.d_res_high                       3.00 
_refine_hist.d_res_low                        20.00 
# 
loop_
_refine_ls_restr.type 
_refine_ls_restr.dev_ideal 
_refine_ls_restr.dev_ideal_target 
_refine_ls_restr.weight 
_refine_ls_restr.number 
_refine_ls_restr.pdbx_refine_id 
_refine_ls_restr.pdbx_restraint_function 
r_bond_refined_d             0.005  0.021  ? 1175 'X-RAY DIFFRACTION' ? 
r_bond_other_d               0.001  0.020  ? 670  'X-RAY DIFFRACTION' ? 
r_angle_refined_deg          1.071  2.547  ? 1691 'X-RAY DIFFRACTION' ? 
r_angle_other_deg            0.899  3.000  ? 1647 'X-RAY DIFFRACTION' ? 
r_dihedral_angle_1_deg       3.592  5.000  ? 69   'X-RAY DIFFRACTION' ? 
r_dihedral_angle_2_deg       23.445 22.333 ? 30   'X-RAY DIFFRACTION' ? 
r_dihedral_angle_3_deg       15.234 15.000 ? 117  'X-RAY DIFFRACTION' ? 
r_dihedral_angle_4_deg       11.679 15.000 ? 9    'X-RAY DIFFRACTION' ? 
r_chiral_restr               0.053  0.200  ? 191  'X-RAY DIFFRACTION' ? 
r_gen_planes_refined         0.002  0.020  ? 890  'X-RAY DIFFRACTION' ? 
r_gen_planes_other           0.001  0.020  ? 119  'X-RAY DIFFRACTION' ? 
r_nbd_refined                0.222  0.200  ? 144  'X-RAY DIFFRACTION' ? 
r_nbd_other                  0.186  0.200  ? 567  'X-RAY DIFFRACTION' ? 
r_nbtor_refined              0.209  0.200  ? 437  'X-RAY DIFFRACTION' ? 
r_nbtor_other                0.082  0.200  ? 422  'X-RAY DIFFRACTION' ? 
r_xyhbond_nbd_refined        0.058  0.200  ? 17   'X-RAY DIFFRACTION' ? 
r_xyhbond_nbd_other          ?      ?      ? ?    'X-RAY DIFFRACTION' ? 
r_metal_ion_refined          ?      ?      ? ?    'X-RAY DIFFRACTION' ? 
r_metal_ion_other            ?      ?      ? ?    'X-RAY DIFFRACTION' ? 
r_symmetry_vdw_refined       0.144  0.200  ? 12   'X-RAY DIFFRACTION' ? 
r_symmetry_vdw_other         0.232  0.200  ? 59   'X-RAY DIFFRACTION' ? 
r_symmetry_hbond_refined     0.163  0.200  ? 2    'X-RAY DIFFRACTION' ? 
r_symmetry_hbond_other       ?      ?      ? ?    'X-RAY DIFFRACTION' ? 
r_symmetry_metal_ion_refined ?      ?      ? ?    'X-RAY DIFFRACTION' ? 
r_symmetry_metal_ion_other   ?      ?      ? ?    'X-RAY DIFFRACTION' ? 
r_mcbond_it                  0.090  1.500  ? 451  'X-RAY DIFFRACTION' ? 
r_mcbond_other               0.016  1.500  ? 139  'X-RAY DIFFRACTION' ? 
r_mcangle_it                 0.112  2.000  ? 538  'X-RAY DIFFRACTION' ? 
r_scbond_it                  0.082  2.000  ? 1137 'X-RAY DIFFRACTION' ? 
r_scangle_it                 0.120  2.500  ? 1152 'X-RAY DIFFRACTION' ? 
r_rigid_bond_restr           ?      ?      ? ?    'X-RAY DIFFRACTION' ? 
r_sphericity_free            ?      ?      ? ?    'X-RAY DIFFRACTION' ? 
r_sphericity_bonded          ?      ?      ? ?    'X-RAY DIFFRACTION' ? 
# 
loop_
_refine_ls_restr_ncs.dom_id 
_refine_ls_restr_ncs.pdbx_auth_asym_id 
_refine_ls_restr_ncs.pdbx_number 
_refine_ls_restr_ncs.rms_dev_position 
_refine_ls_restr_ncs.weight_position 
_refine_ls_restr_ncs.pdbx_type 
_refine_ls_restr_ncs.pdbx_ens_id 
_refine_ls_restr_ncs.pdbx_ordinal 
_refine_ls_restr_ncs.pdbx_refine_id 
_refine_ls_restr_ncs.ncs_model_details 
_refine_ls_restr_ncs.rms_dev_B_iso 
_refine_ls_restr_ncs.weight_B_iso 
_refine_ls_restr_ncs.pdbx_asym_id 
_refine_ls_restr_ncs.pdbx_rms 
_refine_ls_restr_ncs.pdbx_weight 
1 D 280 0.17 ?     'loose positional' 1 1 'X-RAY DIFFRACTION' ? ? ? ? ? ? 
1 D 280 0.21 10.00 'loose thermal'    1 2 'X-RAY DIFFRACTION' ? ? ? ? ? ? 
# 
_refine_ls_shell.pdbx_total_number_of_bins_used   20 
_refine_ls_shell.d_res_high                       3.00 
_refine_ls_shell.d_res_low                        3.08 
_refine_ls_shell.number_reflns_R_work             235 
_refine_ls_shell.R_factor_R_work                  0.332 
_refine_ls_shell.percent_reflns_obs               100.00 
_refine_ls_shell.R_factor_R_free                  0.441 
_refine_ls_shell.R_factor_R_free_error            ? 
_refine_ls_shell.percent_reflns_R_free            ? 
_refine_ls_shell.number_reflns_R_free             10 
_refine_ls_shell.number_reflns_all                ? 
_refine_ls_shell.R_factor_all                     ? 
_refine_ls_shell.number_reflns_obs                ? 
_refine_ls_shell.redundancy_reflns_obs            ? 
_refine_ls_shell.pdbx_refine_id                   'X-RAY DIFFRACTION' 
# 
loop_
_struct_ncs_dom.id 
_struct_ncs_dom.details 
_struct_ncs_dom.pdbx_ens_id 
1 D 1 
2 E 1 
# 
loop_
_struct_ncs_dom_lim.pdbx_ens_id 
_struct_ncs_dom_lim.dom_id 
_struct_ncs_dom_lim.pdbx_component_id 
_struct_ncs_dom_lim.beg_label_asym_id 
_struct_ncs_dom_lim.beg_label_comp_id 
_struct_ncs_dom_lim.beg_label_seq_id 
_struct_ncs_dom_lim.beg_label_alt_id 
_struct_ncs_dom_lim.end_label_asym_id 
_struct_ncs_dom_lim.end_label_comp_id 
_struct_ncs_dom_lim.end_label_seq_id 
_struct_ncs_dom_lim.end_label_alt_id 
_struct_ncs_dom_lim.beg_auth_asym_id 
_struct_ncs_dom_lim.beg_auth_comp_id 
_struct_ncs_dom_lim.beg_auth_seq_id 
_struct_ncs_dom_lim.end_auth_asym_id 
_struct_ncs_dom_lim.end_auth_comp_id 
_struct_ncs_dom_lim.end_auth_seq_id 
_struct_ncs_dom_lim.pdbx_refine_code 
_struct_ncs_dom_lim.selection_details 
1 1 1 B DA 1 A B DC 14 A D DA 1 D DC 14 3 ? 
1 2 1 C DA 1 B C DC 14 B E DA 1 E DC 14 3 ? 
# 
_struct_ncs_ens.id        1 
_struct_ncs_ens.details   ? 
# 
_struct.entry_id                  3GNB 
_struct.title                     'Crystal structure of the RAG1 nonamer-binding domain with DNA' 
_struct.pdbx_model_details        ? 
_struct.pdbx_CASP_flag            ? 
_struct.pdbx_model_type_details   ? 
# 
_struct_keywords.entry_id        3GNB 
_struct_keywords.pdbx_keywords   RECOMBINATION 
_struct_keywords.text            
;vdj recombination, DNA recombination, DNA-binding, Endonuclease, Hydrolase, Metal-binding, Nuclease, Nucleus, Zinc-finger, RECOMBINATION
;
# 
loop_
_struct_asym.id 
_struct_asym.pdbx_blank_PDB_chainid_flag 
_struct_asym.pdbx_modified 
_struct_asym.entity_id 
_struct_asym.details 
A N N 1 ? 
B N N 2 ? 
C N N 3 ? 
D N N 4 ? 
# 
_struct_biol.id        1 
_struct_biol.details   ? 
# 
loop_
_struct_conf.conf_type_id 
_struct_conf.id 
_struct_conf.pdbx_PDB_helix_id 
_struct_conf.beg_label_comp_id 
_struct_conf.beg_label_asym_id 
_struct_conf.beg_label_seq_id 
_struct_conf.pdbx_beg_PDB_ins_code 
_struct_conf.end_label_comp_id 
_struct_conf.end_label_asym_id 
_struct_conf.end_label_seq_id 
_struct_conf.pdbx_end_PDB_ins_code 
_struct_conf.beg_auth_comp_id 
_struct_conf.beg_auth_asym_id 
_struct_conf.beg_auth_seq_id 
_struct_conf.end_auth_comp_id 
_struct_conf.end_auth_asym_id 
_struct_conf.end_auth_seq_id 
_struct_conf.pdbx_PDB_helix_class 
_struct_conf.details 
_struct_conf.pdbx_PDB_helix_length 
HELX_P HELX_P1 1 HIS A 27 ? LEU A 31 ? HIS A 395 LEU A 399 5 ? 5  
HELX_P HELX_P2 2 THR A 32 ? GLY A 56 ? THR A 400 GLY A 424 1 ? 25 
HELX_P HELX_P3 3 ASP A 58 ? ALA A 73 ? ASP A 426 ALA A 441 1 ? 16 
HELX_P HELX_P4 4 GLU A 76 ? GLN A 88 ? GLU A 444 GLN A 456 1 ? 13 
# 
_struct_conf_type.id          HELX_P 
_struct_conf_type.criteria    ? 
_struct_conf_type.reference   ? 
# 
loop_
_struct_conn.id 
_struct_conn.conn_type_id 
_struct_conn.pdbx_leaving_atom_flag 
_struct_conn.pdbx_PDB_id 
_struct_conn.ptnr1_label_asym_id 
_struct_conn.ptnr1_label_comp_id 
_struct_conn.ptnr1_label_seq_id 
_struct_conn.ptnr1_label_atom_id 
_struct_conn.pdbx_ptnr1_label_alt_id 
_struct_conn.pdbx_ptnr1_PDB_ins_code 
_struct_conn.pdbx_ptnr1_standard_comp_id 
_struct_conn.ptnr1_symmetry 
_struct_conn.ptnr2_label_asym_id 
_struct_conn.ptnr2_label_comp_id 
_struct_conn.ptnr2_label_seq_id 
_struct_conn.ptnr2_label_atom_id 
_struct_conn.pdbx_ptnr2_label_alt_id 
_struct_conn.pdbx_ptnr2_PDB_ins_code 
_struct_conn.ptnr1_auth_asym_id 
_struct_conn.ptnr1_auth_comp_id 
_struct_conn.ptnr1_auth_seq_id 
_struct_conn.ptnr2_auth_asym_id 
_struct_conn.ptnr2_auth_comp_id 
_struct_conn.ptnr2_auth_seq_id 
_struct_conn.ptnr2_symmetry 
_struct_conn.pdbx_ptnr3_label_atom_id 
_struct_conn.pdbx_ptnr3_label_seq_id 
_struct_conn.pdbx_ptnr3_label_comp_id 
_struct_conn.pdbx_ptnr3_label_asym_id 
_struct_conn.pdbx_ptnr3_label_alt_id 
_struct_conn.pdbx_ptnr3_PDB_ins_code 
_struct_conn.details 
_struct_conn.pdbx_dist_value 
_struct_conn.pdbx_value_order 
_struct_conn.pdbx_role 
hydrog1  hydrog ? ? C DG 2  O6 B ? ? 1_555 C DA 13 N6 B ? E DG 2  E DA 13 5_655 ? ? ? ? ? ? 'DG-DA MISPAIR' ? ? ? 
hydrog2  hydrog ? ? C DG 2  N1 B ? ? 1_555 C DC 14 N3 B ? E DG 2  E DC 14 5_655 ? ? ? ? ? ? WATSON-CRICK    ? ? ? 
hydrog3  hydrog ? ? C DG 2  N2 B ? ? 1_555 C DC 14 O2 B ? E DG 2  E DC 14 5_655 ? ? ? ? ? ? WATSON-CRICK    ? ? ? 
hydrog4  hydrog ? ? C DG 2  O6 B ? ? 1_555 C DC 14 N4 B ? E DG 2  E DC 14 5_655 ? ? ? ? ? ? WATSON-CRICK    ? ? ? 
hydrog5  hydrog ? ? C DG 3  O6 B ? ? 1_555 C DA 12 N6 B ? E DG 3  E DA 12 5_655 ? ? ? ? ? ? 'DG-DA MISPAIR' ? ? ? 
hydrog6  hydrog ? ? C DG 3  N1 B ? ? 1_555 C DA 13 N3 B ? E DG 3  E DA 13 5_655 ? ? ? ? ? ? 'DG-DA MISPAIR' ? ? ? 
hydrog7  hydrog ? ? C DT 4  N3 B ? ? 1_555 C DA 12 N1 B ? E DT 4  E DA 12 5_655 ? ? ? ? ? ? WATSON-CRICK    ? ? ? 
hydrog8  hydrog ? ? C DT 4  O4 B ? ? 1_555 C DA 12 N6 B ? E DT 4  E DA 12 5_655 ? ? ? ? ? ? WATSON-CRICK    ? ? ? 
hydrog9  hydrog ? ? C DT 5  N3 B ? ? 1_555 C DA 11 N1 B ? E DT 5  E DA 11 5_655 ? ? ? ? ? ? WATSON-CRICK    ? ? ? 
hydrog10 hydrog ? ? C DT 5  O4 B ? ? 1_555 C DA 11 N6 B ? E DT 5  E DA 11 5_655 ? ? ? ? ? ? WATSON-CRICK    ? ? ? 
hydrog11 hydrog ? ? C DT 6  N3 B ? ? 1_555 C DA 10 N1 B ? E DT 6  E DA 10 5_655 ? ? ? ? ? ? WATSON-CRICK    ? ? ? 
hydrog12 hydrog ? ? C DT 6  O4 B ? ? 1_555 C DA 10 N6 B ? E DT 6  E DA 10 5_655 ? ? ? ? ? ? WATSON-CRICK    ? ? ? 
hydrog13 hydrog ? ? C DC 7  N3 B ? ? 1_555 C DG 9  N1 B ? E DC 7  E DG 9  5_655 ? ? ? ? ? ? WATSON-CRICK    ? ? ? 
hydrog14 hydrog ? ? C DC 7  N4 B ? ? 1_555 C DG 9  O6 B ? E DC 7  E DG 9  5_655 ? ? ? ? ? ? WATSON-CRICK    ? ? ? 
hydrog15 hydrog ? ? C DC 7  O2 B ? ? 1_555 C DG 9  N2 B ? E DC 7  E DG 9  5_655 ? ? ? ? ? ? WATSON-CRICK    ? ? ? 
hydrog16 hydrog ? ? C DG 9  N1 B ? ? 1_555 C DC 7  N3 B ? E DG 9  E DC 7  5_655 ? ? ? ? ? ? WATSON-CRICK    ? ? ? 
hydrog17 hydrog ? ? C DG 9  N2 B ? ? 1_555 C DC 7  O2 B ? E DG 9  E DC 7  5_655 ? ? ? ? ? ? WATSON-CRICK    ? ? ? 
hydrog18 hydrog ? ? C DG 9  O6 B ? ? 1_555 C DC 7  N4 B ? E DG 9  E DC 7  5_655 ? ? ? ? ? ? WATSON-CRICK    ? ? ? 
hydrog19 hydrog ? ? C DA 10 N1 B ? ? 1_555 C DT 6  N3 B ? E DA 10 E DT 6  5_655 ? ? ? ? ? ? WATSON-CRICK    ? ? ? 
hydrog20 hydrog ? ? C DA 10 N6 B ? ? 1_555 C DT 6  O4 B ? E DA 10 E DT 6  5_655 ? ? ? ? ? ? WATSON-CRICK    ? ? ? 
hydrog21 hydrog ? ? C DA 11 N1 B ? ? 1_555 C DT 5  N3 B ? E DA 11 E DT 5  5_655 ? ? ? ? ? ? WATSON-CRICK    ? ? ? 
hydrog22 hydrog ? ? C DA 11 N6 B ? ? 1_555 C DT 5  O4 B ? E DA 11 E DT 5  5_655 ? ? ? ? ? ? WATSON-CRICK    ? ? ? 
hydrog23 hydrog ? ? C DA 12 N6 B ? ? 1_555 C DG 3  O6 B ? E DA 12 E DG 3  5_655 ? ? ? ? ? ? 'DA-DG MISPAIR' ? ? ? 
hydrog24 hydrog ? ? C DA 12 N1 B ? ? 1_555 C DT 4  N3 B ? E DA 12 E DT 4  5_655 ? ? ? ? ? ? WATSON-CRICK    ? ? ? 
hydrog25 hydrog ? ? C DA 12 N6 B ? ? 1_555 C DT 4  O4 B ? E DA 12 E DT 4  5_655 ? ? ? ? ? ? WATSON-CRICK    ? ? ? 
hydrog26 hydrog ? ? C DA 13 N6 B ? ? 1_555 C DG 2  O6 B ? E DA 13 E DG 2  5_655 ? ? ? ? ? ? 'DA-DG MISPAIR' ? ? ? 
hydrog27 hydrog ? ? C DA 13 N1 B ? ? 1_555 C DG 3  N2 B ? E DA 13 E DG 3  5_655 ? ? ? ? ? ? 'DA-DG MISPAIR' ? ? ? 
hydrog28 hydrog ? ? C DC 14 N3 B ? ? 1_555 C DG 2  N1 B ? E DC 14 E DG 2  5_655 ? ? ? ? ? ? WATSON-CRICK    ? ? ? 
hydrog29 hydrog ? ? C DC 14 N4 B ? ? 1_555 C DG 2  O6 B ? E DC 14 E DG 2  5_655 ? ? ? ? ? ? WATSON-CRICK    ? ? ? 
hydrog30 hydrog ? ? C DC 14 O2 B ? ? 1_555 C DG 2  N2 B ? E DC 14 E DG 2  5_655 ? ? ? ? ? ? WATSON-CRICK    ? ? ? 
# 
_struct_conn_type.id          hydrog 
_struct_conn_type.criteria    ? 
_struct_conn_type.reference   ? 
# 
_atom_sites.entry_id                    3GNB 
_atom_sites.fract_transf_matrix[1][1]   -0.00261315 
_atom_sites.fract_transf_matrix[1][2]   -0.00511719 
_atom_sites.fract_transf_matrix[1][3]   0.00850020 
_atom_sites.fract_transf_matrix[2][1]   0.00664053 
_atom_sites.fract_transf_matrix[2][2]   0.00562893 
_atom_sites.fract_transf_matrix[2][3]   0.00543011 
_atom_sites.fract_transf_matrix[3][1]   -0.01029671 
_atom_sites.fract_transf_matrix[3][2]   0.00961623 
_atom_sites.fract_transf_matrix[3][3]   0.00262362 
_atom_sites.fract_transf_vector[1]      0.283449 
_atom_sites.fract_transf_vector[2]      0.252680 
_atom_sites.fract_transf_vector[3]      -0.007216 
# 
loop_
_atom_type.symbol 
C 
N 
O 
P 
S 
# 
loop_
_atom_site.group_PDB 
_atom_site.id 
_atom_site.type_symbol 
_atom_site.label_atom_id 
_atom_site.label_alt_id 
_atom_site.label_comp_id 
_atom_site.label_asym_id 
_atom_site.label_entity_id 
_atom_site.label_seq_id 
_atom_site.pdbx_PDB_ins_code 
_atom_site.Cartn_x 
_atom_site.Cartn_y 
_atom_site.Cartn_z 
_atom_site.occupancy 
_atom_site.B_iso_or_equiv 
_atom_site.pdbx_formal_charge 
_atom_site.auth_seq_id 
_atom_site.auth_comp_id 
_atom_site.auth_asym_id 
_atom_site.auth_atom_id 
_atom_site.pdbx_PDB_model_num 
ATOM   1    N N     . GLY A 1 21 ? 2.149   -24.923 16.780  1.00 53.22 ? 389 GLY A N     1 
ATOM   2    C CA    . GLY A 1 21 ? 2.424   -24.745 15.326  1.00 53.32 ? 389 GLY A CA    1 
ATOM   3    C C     . GLY A 1 21 ? 1.690   -23.551 14.747  1.00 53.39 ? 389 GLY A C     1 
ATOM   4    O O     . GLY A 1 21 ? 2.044   -22.404 15.023  1.00 53.48 ? 389 GLY A O     1 
ATOM   5    N N     . GLY A 1 22 ? 0.662   -23.824 13.946  1.00 53.37 ? 390 GLY A N     1 
ATOM   6    C CA    . GLY A 1 22 ? -0.121  -22.776 13.294  1.00 53.32 ? 390 GLY A CA    1 
ATOM   7    C C     . GLY A 1 22 ? -0.143  -22.972 11.794  1.00 53.32 ? 390 GLY A C     1 
ATOM   8    O O     . GLY A 1 22 ? 0.830   -23.450 11.209  1.00 53.39 ? 390 GLY A O     1 
ATOM   9    N N     . ARG A 1 23 ? -1.259  -22.608 11.171  1.00 53.30 ? 391 ARG A N     1 
ATOM   10   C CA    . ARG A 1 23 ? -1.403  -22.725 9.724   1.00 53.33 ? 391 ARG A CA    1 
ATOM   11   C C     . ARG A 1 23 ? -0.376  -21.836 9.033   1.00 53.33 ? 391 ARG A C     1 
ATOM   12   O O     . ARG A 1 23 ? -0.201  -20.683 9.425   1.00 53.31 ? 391 ARG A O     1 
ATOM   13   C CB    . ARG A 1 23 ? -2.814  -22.326 9.293   1.00 53.34 ? 391 ARG A CB    1 
ATOM   14   C CG    . ARG A 1 23 ? -3.029  -22.208 7.789   1.00 53.38 ? 391 ARG A CG    1 
ATOM   15   C CD    . ARG A 1 23 ? -4.509  -22.146 7.488   1.00 53.40 ? 391 ARG A CD    1 
ATOM   16   N NE    . ARG A 1 23 ? -4.825  -22.106 6.064   1.00 53.42 ? 391 ARG A NE    1 
ATOM   17   C CZ    . ARG A 1 23 ? -6.063  -22.111 5.570   1.00 53.49 ? 391 ARG A CZ    1 
ATOM   18   N NH1   . ARG A 1 23 ? -7.118  -22.153 6.380   1.00 53.58 ? 391 ARG A NH1   1 
ATOM   19   N NH2   . ARG A 1 23 ? -6.252  -22.076 4.255   1.00 53.55 ? 391 ARG A NH2   1 
ATOM   20   N N     . PRO A 1 24 ? 0.331   -22.378 8.025   1.00 53.35 ? 392 PRO A N     1 
ATOM   21   C CA    . PRO A 1 24 ? 1.269   -21.537 7.289   1.00 53.39 ? 392 PRO A CA    1 
ATOM   22   C C     . PRO A 1 24 ? 0.555   -20.420 6.539   1.00 53.34 ? 392 PRO A C     1 
ATOM   23   O O     . PRO A 1 24 ? -0.563  -20.613 6.057   1.00 53.20 ? 392 PRO A O     1 
ATOM   24   C CB    . PRO A 1 24 ? 1.917   -22.512 6.298   1.00 53.43 ? 392 PRO A CB    1 
ATOM   25   C CG    . PRO A 1 24 ? 1.653   -23.862 6.843   1.00 53.41 ? 392 PRO A CG    1 
ATOM   26   C CD    . PRO A 1 24 ? 0.338   -23.764 7.529   1.00 53.37 ? 392 PRO A CD    1 
ATOM   27   N N     . ARG A 1 25 ? 1.201   -19.263 6.443   1.00 53.39 ? 393 ARG A N     1 
ATOM   28   C CA    . ARG A 1 25 ? 0.625   -18.120 5.747   1.00 53.54 ? 393 ARG A CA    1 
ATOM   29   C C     . ARG A 1 25 ? 0.755   -18.268 4.236   1.00 53.63 ? 393 ARG A C     1 
ATOM   30   O O     . ARG A 1 25 ? 1.794   -18.703 3.736   1.00 53.69 ? 393 ARG A O     1 
ATOM   31   C CB    . ARG A 1 25 ? 1.316   -16.823 6.173   1.00 53.57 ? 393 ARG A CB    1 
ATOM   32   C CG    . ARG A 1 25 ? 1.016   -16.372 7.586   1.00 53.57 ? 393 ARG A CG    1 
ATOM   33   C CD    . ARG A 1 25 ? 1.625   -15.002 7.829   1.00 53.64 ? 393 ARG A CD    1 
ATOM   34   N NE    . ARG A 1 25 ? 1.359   -14.502 9.173   1.00 53.70 ? 393 ARG A NE    1 
ATOM   35   C CZ    . ARG A 1 25 ? 1.753   -13.312 9.629   1.00 53.82 ? 393 ARG A CZ    1 
ATOM   36   N NH1   . ARG A 1 25 ? 2.435   -12.490 8.843   1.00 54.02 ? 393 ARG A NH1   1 
ATOM   37   N NH2   . ARG A 1 25 ? 1.467   -12.935 10.871  1.00 53.83 ? 393 ARG A NH2   1 
ATOM   38   N N     . GLN A 1 26 ? -0.303  -17.901 3.516   1.00 53.70 ? 394 GLN A N     1 
ATOM   39   C CA    . GLN A 1 26 ? -0.282  -17.869 2.054   1.00 53.76 ? 394 GLN A CA    1 
ATOM   40   C C     . GLN A 1 26 ? 0.355   -16.543 1.654   1.00 53.81 ? 394 GLN A C     1 
ATOM   41   O O     . GLN A 1 26 ? 0.627   -15.718 2.520   1.00 53.84 ? 394 GLN A O     1 
ATOM   42   C CB    . GLN A 1 26 ? -1.700  -17.981 1.488   1.00 53.76 ? 394 GLN A CB    1 
ATOM   43   C CG    . GLN A 1 26 ? -2.461  -19.216 1.980   1.00 53.79 ? 394 GLN A CG    1 
ATOM   44   C CD    . GLN A 1 26 ? -3.782  -19.445 1.260   1.00 53.80 ? 394 GLN A CD    1 
ATOM   45   O OE1   . GLN A 1 26 ? -4.125  -18.734 0.314   1.00 53.95 ? 394 GLN A OE1   1 
ATOM   46   N NE2   . GLN A 1 26 ? -4.529  -20.448 1.707   1.00 53.74 ? 394 GLN A NE2   1 
ATOM   47   N N     . HIS A 1 27 ? 0.626   -16.324 0.370   1.00 53.92 ? 395 HIS A N     1 
ATOM   48   C CA    . HIS A 1 27 ? 1.175   -15.025 -0.028  1.00 53.87 ? 395 HIS A CA    1 
ATOM   49   C C     . HIS A 1 27 ? 0.062   -13.983 0.034   1.00 53.83 ? 395 HIS A C     1 
ATOM   50   O O     . HIS A 1 27 ? -1.094  -14.280 -0.276  1.00 53.87 ? 395 HIS A O     1 
ATOM   51   C CB    . HIS A 1 27 ? 1.821   -15.043 -1.414  1.00 54.00 ? 395 HIS A CB    1 
ATOM   52   C CG    . HIS A 1 27 ? 2.467   -13.742 -1.775  1.00 54.03 ? 395 HIS A CG    1 
ATOM   53   N ND1   . HIS A 1 27 ? 3.563   -13.247 -1.101  1.00 54.18 ? 395 HIS A ND1   1 
ATOM   54   C CD2   . HIS A 1 27 ? 2.161   -12.822 -2.720  1.00 54.13 ? 395 HIS A CD2   1 
ATOM   55   C CE1   . HIS A 1 27 ? 3.907   -12.083 -1.621  1.00 54.21 ? 395 HIS A CE1   1 
ATOM   56   N NE2   . HIS A 1 27 ? 3.072   -11.801 -2.603  1.00 54.23 ? 395 HIS A NE2   1 
ATOM   57   N N     . LEU A 1 28 ? 0.419   -12.770 0.446   1.00 53.67 ? 396 LEU A N     1 
ATOM   58   C CA    . LEU A 1 28 ? -0.548  -11.686 0.611   1.00 53.58 ? 396 LEU A CA    1 
ATOM   59   C C     . LEU A 1 28 ? -1.430  -11.499 -0.622  1.00 53.41 ? 396 LEU A C     1 
ATOM   60   O O     . LEU A 1 28 ? -2.644  -11.342 -0.505  1.00 53.37 ? 396 LEU A O     1 
ATOM   61   C CB    . LEU A 1 28 ? 0.176   -10.371 0.924   1.00 53.59 ? 396 LEU A CB    1 
ATOM   62   C CG    . LEU A 1 28 ? -0.699  -9.185  1.340   1.00 53.65 ? 396 LEU A CG    1 
ATOM   63   C CD1   . LEU A 1 28 ? -1.371  -9.449  2.680   1.00 53.65 ? 396 LEU A CD1   1 
ATOM   64   C CD2   . LEU A 1 28 ? 0.128   -7.912  1.405   1.00 53.64 ? 396 LEU A CD2   1 
ATOM   65   N N     . LEU A 1 29 ? -0.817  -11.546 -1.800  1.00 53.32 ? 397 LEU A N     1 
ATOM   66   C CA    . LEU A 1 29 ? -1.522  -11.295 -3.061  1.00 53.42 ? 397 LEU A CA    1 
ATOM   67   C C     . LEU A 1 29 ? -2.449  -12.431 -3.514  1.00 53.46 ? 397 LEU A C     1 
ATOM   68   O O     . LEU A 1 29 ? -3.232  -12.247 -4.448  1.00 53.50 ? 397 LEU A O     1 
ATOM   69   C CB    . LEU A 1 29 ? -0.517  -10.967 -4.170  1.00 53.37 ? 397 LEU A CB    1 
ATOM   70   C CG    . LEU A 1 29 ? 0.469   -9.834  -3.861  1.00 53.36 ? 397 LEU A CG    1 
ATOM   71   C CD1   . LEU A 1 29 ? 1.460   -9.671  -5.000  1.00 53.41 ? 397 LEU A CD1   1 
ATOM   72   C CD2   . LEU A 1 29 ? -0.260  -8.525  -3.594  1.00 53.36 ? 397 LEU A CD2   1 
ATOM   73   N N     . SER A 1 30 ? -2.361  -13.593 -2.866  1.00 53.57 ? 398 SER A N     1 
ATOM   74   C CA    . SER A 1 30 ? -3.231  -14.735 -3.179  1.00 53.59 ? 398 SER A CA    1 
ATOM   75   C C     . SER A 1 30 ? -4.465  -14.792 -2.273  1.00 53.57 ? 398 SER A C     1 
ATOM   76   O O     . SER A 1 30 ? -5.408  -15.538 -2.549  1.00 53.59 ? 398 SER A O     1 
ATOM   77   C CB    . SER A 1 30 ? -2.456  -16.048 -3.045  1.00 53.68 ? 398 SER A CB    1 
ATOM   78   O OG    . SER A 1 30 ? -2.106  -16.303 -1.694  1.00 53.72 ? 398 SER A OG    1 
ATOM   79   N N     . LEU A 1 31 ? -4.451  -14.009 -1.197  1.00 53.54 ? 399 LEU A N     1 
ATOM   80   C CA    . LEU A 1 31 ? -5.533  -14.007 -0.213  1.00 53.53 ? 399 LEU A CA    1 
ATOM   81   C C     . LEU A 1 31 ? -6.765  -13.244 -0.677  1.00 53.55 ? 399 LEU A C     1 
ATOM   82   O O     . LEU A 1 31 ? -6.690  -12.406 -1.580  1.00 53.52 ? 399 LEU A O     1 
ATOM   83   C CB    . LEU A 1 31 ? -5.054  -13.374 1.099   1.00 53.42 ? 399 LEU A CB    1 
ATOM   84   C CG    . LEU A 1 31 ? -4.021  -14.130 1.933   1.00 53.35 ? 399 LEU A CG    1 
ATOM   85   C CD1   . LEU A 1 31 ? -3.594  -13.288 3.124   1.00 53.28 ? 399 LEU A CD1   1 
ATOM   86   C CD2   . LEU A 1 31 ? -4.569  -15.470 2.391   1.00 53.32 ? 399 LEU A CD2   1 
ATOM   87   N N     . THR A 1 32 ? -7.898  -13.545 -0.045  1.00 53.60 ? 400 THR A N     1 
ATOM   88   C CA    . THR A 1 32 ? -9.116  -12.771 -0.249  1.00 53.61 ? 400 THR A CA    1 
ATOM   89   C C     . THR A 1 32 ? -8.856  -11.378 0.305   1.00 53.69 ? 400 THR A C     1 
ATOM   90   O O     . THR A 1 32 ? -8.034  -11.204 1.208   1.00 53.73 ? 400 THR A O     1 
ATOM   91   C CB    . THR A 1 32 ? -10.337 -13.371 0.483   1.00 53.53 ? 400 THR A CB    1 
ATOM   92   O OG1   . THR A 1 32 ? -10.036 -13.543 1.874   1.00 53.46 ? 400 THR A OG1   1 
ATOM   93   C CG2   . THR A 1 32 ? -10.729 -14.709 -0.126  1.00 53.51 ? 400 THR A CG2   1 
ATOM   94   N N     . ARG A 1 33 ? -9.565  -10.390 -0.230  1.00 53.75 ? 401 ARG A N     1 
ATOM   95   C CA    . ARG A 1 33 ? -9.404  -9.004  0.213   1.00 53.79 ? 401 ARG A CA    1 
ATOM   96   C C     . ARG A 1 33 ? -9.640  -8.938  1.720   1.00 53.75 ? 401 ARG A C     1 
ATOM   97   O O     . ARG A 1 33 ? -8.975  -8.194  2.437   1.00 53.71 ? 401 ARG A O     1 
ATOM   98   C CB    . ARG A 1 33 ? -10.359 -8.077  -0.545  1.00 53.84 ? 401 ARG A CB    1 
ATOM   99   C CG    . ARG A 1 33 ? -10.337 -8.303  -2.063  1.00 53.95 ? 401 ARG A CG    1 
ATOM   100  C CD    . ARG A 1 33 ? -10.527 -7.020  -2.858  1.00 54.03 ? 401 ARG A CD    1 
ATOM   101  N NE    . ARG A 1 33 ? -11.918 -6.566  -2.930  1.00 54.18 ? 401 ARG A NE    1 
ATOM   102  C CZ    . ARG A 1 33 ? -12.734 -6.734  -3.973  1.00 54.25 ? 401 ARG A CZ    1 
ATOM   103  N NH1   . ARG A 1 33 ? -12.328 -7.359  -5.078  1.00 54.36 ? 401 ARG A NH1   1 
ATOM   104  N NH2   . ARG A 1 33 ? -13.975 -6.263  -3.914  1.00 54.27 ? 401 ARG A NH2   1 
ATOM   105  N N     . ARG A 1 34 ? -10.600 -9.741  2.169   1.00 53.83 ? 402 ARG A N     1 
ATOM   106  C CA    . ARG A 1 34 ? -10.901 -9.960  3.581   1.00 53.81 ? 402 ARG A CA    1 
ATOM   107  C C     . ARG A 1 34 ? -9.652  -10.356 4.376   1.00 53.73 ? 402 ARG A C     1 
ATOM   108  O O     . ARG A 1 34 ? -9.264  -9.668  5.322   1.00 53.56 ? 402 ARG A O     1 
ATOM   109  C CB    . ARG A 1 34 ? -11.961 -11.068 3.673   1.00 53.98 ? 402 ARG A CB    1 
ATOM   110  C CG    . ARG A 1 34 ? -12.227 -11.642 5.052   1.00 54.05 ? 402 ARG A CG    1 
ATOM   111  C CD    . ARG A 1 34 ? -12.793 -10.602 5.991   1.00 54.22 ? 402 ARG A CD    1 
ATOM   112  N NE    . ARG A 1 34 ? -13.254 -11.205 7.239   1.00 54.30 ? 402 ARG A NE    1 
ATOM   113  C CZ    . ARG A 1 34 ? -12.514 -11.375 8.335   1.00 54.44 ? 402 ARG A CZ    1 
ATOM   114  N NH1   . ARG A 1 34 ? -11.242 -10.985 8.389   1.00 54.53 ? 402 ARG A NH1   1 
ATOM   115  N NH2   . ARG A 1 34 ? -13.064 -11.940 9.399   1.00 54.39 ? 402 ARG A NH2   1 
ATOM   116  N N     . ALA A 1 35 ? -9.036  -11.469 3.981   1.00 53.69 ? 403 ALA A N     1 
ATOM   117  C CA    . ALA A 1 35 ? -7.837  -11.985 4.652   1.00 53.67 ? 403 ALA A CA    1 
ATOM   118  C C     . ALA A 1 35 ? -6.639  -11.047 4.498   1.00 53.65 ? 403 ALA A C     1 
ATOM   119  O O     . ALA A 1 35 ? -5.832  -10.915 5.419   1.00 53.67 ? 403 ALA A O     1 
ATOM   120  C CB    . ALA A 1 35 ? -7.491  -13.369 4.128   1.00 53.65 ? 403 ALA A CB    1 
ATOM   121  N N     . GLN A 1 36 ? -6.518  -10.420 3.328   1.00 53.66 ? 404 GLN A N     1 
ATOM   122  C CA    . GLN A 1 36 ? -5.471  -9.420  3.080   1.00 53.69 ? 404 GLN A CA    1 
ATOM   123  C C     . GLN A 1 36 ? -5.568  -8.299  4.096   1.00 53.66 ? 404 GLN A C     1 
ATOM   124  O O     . GLN A 1 36 ? -4.583  -7.906  4.722   1.00 53.62 ? 404 GLN A O     1 
ATOM   125  C CB    . GLN A 1 36 ? -5.627  -8.806  1.689   1.00 53.66 ? 404 GLN A CB    1 
ATOM   126  C CG    . GLN A 1 36 ? -5.173  -9.690  0.558   1.00 53.82 ? 404 GLN A CG    1 
ATOM   127  C CD    . GLN A 1 36 ? -5.270  -9.003  -0.791  1.00 53.85 ? 404 GLN A CD    1 
ATOM   128  O OE1   . GLN A 1 36 ? -6.110  -8.127  -0.998  1.00 53.96 ? 404 GLN A OE1   1 
ATOM   129  N NE2   . GLN A 1 36 ? -4.410  -9.403  -1.719  1.00 54.14 ? 404 GLN A NE2   1 
ATOM   130  N N     . LYS A 1 37 ? -6.789  -7.796  4.228   1.00 53.75 ? 405 LYS A N     1 
ATOM   131  C CA    . LYS A 1 37 ? -7.133  -6.714  5.138   1.00 53.76 ? 405 LYS A CA    1 
ATOM   132  C C     . LYS A 1 37 ? -6.752  -7.060  6.580   1.00 53.73 ? 405 LYS A C     1 
ATOM   133  O O     . LYS A 1 37 ? -6.281  -6.204  7.332   1.00 53.65 ? 405 LYS A O     1 
ATOM   134  C CB    . LYS A 1 37 ? -8.639  -6.481  5.038   1.00 53.77 ? 405 LYS A CB    1 
ATOM   135  C CG    . LYS A 1 37 ? -9.114  -5.083  5.272   1.00 53.87 ? 405 LYS A CG    1 
ATOM   136  C CD    . LYS A 1 37 ? -10.532 -4.978  4.734   1.00 53.87 ? 405 LYS A CD    1 
ATOM   137  C CE    . LYS A 1 37 ? -11.322 -3.939  5.454   1.00 54.00 ? 405 LYS A CE    1 
ATOM   138  N NZ    . LYS A 1 37 ? -12.783 -4.168  5.307   1.00 54.09 ? 405 LYS A NZ    1 
ATOM   139  N N     . HIS A 1 38 ? -6.959  -8.326  6.944   1.00 53.74 ? 406 HIS A N     1 
ATOM   140  C CA    . HIS A 1 38 ? -6.662  -8.829  8.287   1.00 53.72 ? 406 HIS A CA    1 
ATOM   141  C C     . HIS A 1 38 ? -5.165  -8.849  8.599   1.00 53.68 ? 406 HIS A C     1 
ATOM   142  O O     . HIS A 1 38 ? -4.768  -8.616  9.741   1.00 53.66 ? 406 HIS A O     1 
ATOM   143  C CB    . HIS A 1 38 ? -7.259  -10.233 8.466   1.00 53.76 ? 406 HIS A CB    1 
ATOM   144  C CG    . HIS A 1 38 ? -7.047  -10.819 9.828   1.00 53.77 ? 406 HIS A CG    1 
ATOM   145  N ND1   . HIS A 1 38 ? -6.588  -12.104 10.024  1.00 53.97 ? 406 HIS A ND1   1 
ATOM   146  C CD2   . HIS A 1 38 ? -7.214  -10.288 11.062  1.00 53.75 ? 406 HIS A CD2   1 
ATOM   147  C CE1   . HIS A 1 38 ? -6.499  -12.346 11.319  1.00 53.95 ? 406 HIS A CE1   1 
ATOM   148  N NE2   . HIS A 1 38 ? -6.869  -11.259 11.972  1.00 53.78 ? 406 HIS A NE2   1 
ATOM   149  N N     . ARG A 1 39 ? -4.339  -9.129  7.594   1.00 53.70 ? 407 ARG A N     1 
ATOM   150  C CA    . ARG A 1 39 ? -2.886  -9.170  7.798   1.00 53.79 ? 407 ARG A CA    1 
ATOM   151  C C     . ARG A 1 39 ? -2.229  -7.798  7.852   1.00 53.80 ? 407 ARG A C     1 
ATOM   152  O O     . ARG A 1 39 ? -1.342  -7.570  8.674   1.00 53.78 ? 407 ARG A O     1 
ATOM   153  C CB    . ARG A 1 39 ? -2.200  -10.068 6.764   1.00 53.81 ? 407 ARG A CB    1 
ATOM   154  C CG    . ARG A 1 39 ? -1.853  -11.413 7.358   1.00 53.91 ? 407 ARG A CG    1 
ATOM   155  C CD    . ARG A 1 39 ? -1.637  -12.479 6.337   1.00 53.92 ? 407 ARG A CD    1 
ATOM   156  N NE    . ARG A 1 39 ? -0.446  -12.292 5.515   1.00 53.93 ? 407 ARG A NE    1 
ATOM   157  C CZ    . ARG A 1 39 ? -0.035  -13.184 4.618   1.00 54.07 ? 407 ARG A CZ    1 
ATOM   158  N NH1   . ARG A 1 39 ? -0.726  -14.300 4.449   1.00 54.13 ? 407 ARG A NH1   1 
ATOM   159  N NH2   . ARG A 1 39 ? 1.054   -12.970 3.895   1.00 54.11 ? 407 ARG A NH2   1 
ATOM   160  N N     . LEU A 1 40 ? -2.664  -6.888  6.988   1.00 53.90 ? 408 LEU A N     1 
ATOM   161  C CA    . LEU A 1 40 ? -2.110  -5.535  6.966   1.00 53.92 ? 408 LEU A CA    1 
ATOM   162  C C     . LEU A 1 40 ? -2.698  -4.644  8.064   1.00 53.94 ? 408 LEU A C     1 
ATOM   163  O O     . LEU A 1 40 ? -2.131  -3.598  8.379   1.00 54.10 ? 408 LEU A O     1 
ATOM   164  C CB    . LEU A 1 40 ? -2.332  -4.889  5.597   1.00 53.98 ? 408 LEU A CB    1 
ATOM   165  C CG    . LEU A 1 40 ? -1.656  -5.588  4.414   1.00 53.96 ? 408 LEU A CG    1 
ATOM   166  C CD1   . LEU A 1 40 ? -2.061  -4.925  3.108   1.00 53.98 ? 408 LEU A CD1   1 
ATOM   167  C CD2   . LEU A 1 40 ? -0.144  -5.585  4.565   1.00 53.90 ? 408 LEU A CD2   1 
ATOM   168  N N     . ARG A 1 41 ? -3.832  -5.058  8.630   1.00 53.84 ? 409 ARG A N     1 
ATOM   169  C CA    . ARG A 1 41 ? -4.507  -4.321  9.710   1.00 53.86 ? 409 ARG A CA    1 
ATOM   170  C C     . ARG A 1 41 ? -3.602  -3.491  10.630  1.00 53.81 ? 409 ARG A C     1 
ATOM   171  O O     . ARG A 1 41 ? -3.866  -2.309  10.848  1.00 53.83 ? 409 ARG A O     1 
ATOM   172  C CB    . ARG A 1 41 ? -5.379  -5.282  10.544  1.00 53.90 ? 409 ARG A CB    1 
ATOM   173  C CG    . ARG A 1 41 ? -5.038  -5.327  12.030  1.00 54.01 ? 409 ARG A CG    1 
ATOM   174  C CD    . ARG A 1 41 ? -6.003  -6.160  12.842  1.00 54.17 ? 409 ARG A CD    1 
ATOM   175  N NE    . ARG A 1 41 ? -7.055  -5.341  13.434  1.00 54.33 ? 409 ARG A NE    1 
ATOM   176  C CZ    . ARG A 1 41 ? -6.876  -4.500  14.454  1.00 54.40 ? 409 ARG A CZ    1 
ATOM   177  N NH1   . ARG A 1 41 ? -5.675  -4.332  15.004  1.00 54.49 ? 409 ARG A NH1   1 
ATOM   178  N NH2   . ARG A 1 41 ? -7.905  -3.806  14.916  1.00 54.46 ? 409 ARG A NH2   1 
ATOM   179  N N     . GLU A 1 42 ? -2.549  -4.103  11.168  1.00 53.74 ? 410 GLU A N     1 
ATOM   180  C CA    . GLU A 1 42 ? -1.672  -3.414  12.127  1.00 53.74 ? 410 GLU A CA    1 
ATOM   181  C C     . GLU A 1 42 ? -0.851  -2.300  11.493  1.00 53.66 ? 410 GLU A C     1 
ATOM   182  O O     . GLU A 1 42 ? -0.553  -1.294  12.139  1.00 53.71 ? 410 GLU A O     1 
ATOM   183  C CB    . GLU A 1 42 ? -0.753  -4.402  12.856  1.00 53.87 ? 410 GLU A CB    1 
ATOM   184  C CG    . GLU A 1 42 ? -1.413  -5.068  14.058  1.00 54.16 ? 410 GLU A CG    1 
ATOM   185  C CD    . GLU A 1 42 ? -1.808  -4.072  15.145  1.00 54.46 ? 410 GLU A CD    1 
ATOM   186  O OE1   . GLU A 1 42 ? -1.182  -2.993  15.237  1.00 54.81 ? 410 GLU A OE1   1 
ATOM   187  O OE2   . GLU A 1 42 ? -2.745  -4.371  15.914  1.00 54.70 ? 410 GLU A OE2   1 
ATOM   188  N N     . LEU A 1 43 ? -0.488  -2.489  10.229  1.00 53.56 ? 411 LEU A N     1 
ATOM   189  C CA    . LEU A 1 43 ? 0.240   -1.481  9.469   1.00 53.54 ? 411 LEU A CA    1 
ATOM   190  C C     . LEU A 1 43 ? -0.740  -0.433  8.949   1.00 53.53 ? 411 LEU A C     1 
ATOM   191  O O     . LEU A 1 43 ? -0.412  0.755   8.896   1.00 53.51 ? 411 LEU A O     1 
ATOM   192  C CB    . LEU A 1 43 ? 0.988   -2.135  8.308   1.00 53.47 ? 411 LEU A CB    1 
ATOM   193  C CG    . LEU A 1 43 ? 1.784   -1.219  7.376   1.00 53.44 ? 411 LEU A CG    1 
ATOM   194  C CD1   . LEU A 1 43 ? 2.971   -0.614  8.107   1.00 53.33 ? 411 LEU A CD1   1 
ATOM   195  C CD2   . LEU A 1 43 ? 2.252   -1.986  6.152   1.00 53.38 ? 411 LEU A CD2   1 
ATOM   196  N N     . LYS A 1 44 ? -1.935  -0.878  8.556   1.00 53.61 ? 412 LYS A N     1 
ATOM   197  C CA    . LYS A 1 44 ? -2.992  0.033   8.117   1.00 53.63 ? 412 LYS A CA    1 
ATOM   198  C C     . LYS A 1 44 ? -3.172  1.118   9.179   1.00 53.57 ? 412 LYS A C     1 
ATOM   199  O O     . LYS A 1 44 ? -3.324  2.296   8.851   1.00 53.60 ? 412 LYS A O     1 
ATOM   200  C CB    . LYS A 1 44 ? -4.311  -0.720  7.887   1.00 53.77 ? 412 LYS A CB    1 
ATOM   201  C CG    . LYS A 1 44 ? -5.391  0.106   7.189   1.00 53.88 ? 412 LYS A CG    1 
ATOM   202  C CD    . LYS A 1 44 ? -6.710  -0.653  7.073   1.00 53.98 ? 412 LYS A CD    1 
ATOM   203  C CE    . LYS A 1 44 ? -7.782  0.191   6.392   1.00 54.13 ? 412 LYS A CE    1 
ATOM   204  N NZ    . LYS A 1 44 ? -9.057  -0.558  6.196   1.00 54.21 ? 412 LYS A NZ    1 
ATOM   205  N N     . ILE A 1 45 ? -3.139  0.708   10.448  1.00 53.49 ? 413 ILE A N     1 
ATOM   206  C CA    . ILE A 1 45 ? -3.241  1.634   11.579  1.00 53.45 ? 413 ILE A CA    1 
ATOM   207  C C     . ILE A 1 45 ? -2.065  2.612   11.628  1.00 53.41 ? 413 ILE A C     1 
ATOM   208  O O     . ILE A 1 45 ? -2.267  3.816   11.790  1.00 53.49 ? 413 ILE A O     1 
ATOM   209  C CB    . ILE A 1 45 ? -3.323  0.882   12.928  1.00 53.39 ? 413 ILE A CB    1 
ATOM   210  C CG1   . ILE A 1 45 ? -4.674  0.176   13.060  1.00 53.40 ? 413 ILE A CG1   1 
ATOM   211  C CG2   . ILE A 1 45 ? -3.141  1.843   14.095  1.00 53.40 ? 413 ILE A CG2   1 
ATOM   212  C CD1   . ILE A 1 45 ? -4.866  -0.542  14.380  1.00 53.39 ? 413 ILE A CD1   1 
ATOM   213  N N     . GLN A 1 46 ? -0.845  2.096   11.499  1.00 53.34 ? 414 GLN A N     1 
ATOM   214  C CA    . GLN A 1 46 ? 0.352   2.947   11.493  1.00 53.33 ? 414 GLN A CA    1 
ATOM   215  C C     . GLN A 1 46 ? 0.306   3.977   10.371  1.00 53.20 ? 414 GLN A C     1 
ATOM   216  O O     . GLN A 1 46 ? 0.705   5.128   10.560  1.00 53.13 ? 414 GLN A O     1 
ATOM   217  C CB    . GLN A 1 46 ? 1.626   2.112   11.360  1.00 53.37 ? 414 GLN A CB    1 
ATOM   218  C CG    . GLN A 1 46 ? 2.073   1.455   12.651  1.00 53.48 ? 414 GLN A CG    1 
ATOM   219  C CD    . GLN A 1 46 ? 3.403   0.739   12.509  1.00 53.52 ? 414 GLN A CD    1 
ATOM   220  O OE1   . GLN A 1 46 ? 3.651   0.049   11.519  1.00 53.77 ? 414 GLN A OE1   1 
ATOM   221  N NE2   . GLN A 1 46 ? 4.265   0.889   13.509  0.50 53.59 ? 414 GLN A NE2   1 
ATOM   222  N N     . VAL A 1 47 ? -0.174  3.552   9.205   1.00 53.16 ? 415 VAL A N     1 
ATOM   223  C CA    . VAL A 1 47 ? -0.313  4.442   8.056   1.00 53.21 ? 415 VAL A CA    1 
ATOM   224  C C     . VAL A 1 47 ? -1.335  5.524   8.372   1.00 53.21 ? 415 VAL A C     1 
ATOM   225  O O     . VAL A 1 47 ? -1.091  6.706   8.132   1.00 53.18 ? 415 VAL A O     1 
ATOM   226  C CB    . VAL A 1 47 ? -0.770  3.684   6.796   1.00 53.18 ? 415 VAL A CB    1 
ATOM   227  C CG1   . VAL A 1 47 ? -0.998  4.651   5.643   1.00 53.17 ? 415 VAL A CG1   1 
ATOM   228  C CG2   . VAL A 1 47 ? 0.251   2.626   6.409   1.00 53.07 ? 415 VAL A CG2   1 
ATOM   229  N N     . LYS A 1 48 ? -2.480  5.100   8.904   1.00 53.37 ? 416 LYS A N     1 
ATOM   230  C CA    . LYS A 1 48 ? -3.540  6.018   9.317   1.00 53.40 ? 416 LYS A CA    1 
ATOM   231  C C     . LYS A 1 48 ? -2.955  7.093   10.231  1.00 53.39 ? 416 LYS A C     1 
ATOM   232  O O     . LYS A 1 48 ? -3.071  8.286   9.952   1.00 53.35 ? 416 LYS A O     1 
ATOM   233  C CB    . LYS A 1 48 ? -4.652  5.258   10.052  1.00 53.52 ? 416 LYS A CB    1 
ATOM   234  C CG    . LYS A 1 48 ? -5.885  6.088   10.378  1.00 53.61 ? 416 LYS A CG    1 
ATOM   235  C CD    . LYS A 1 48 ? -6.745  6.315   9.145   1.00 53.78 ? 416 LYS A CD    1 
ATOM   236  C CE    . LYS A 1 48 ? -7.895  7.268   9.430   1.00 53.80 ? 416 LYS A CE    1 
ATOM   237  N NZ    . LYS A 1 48 ? -7.430  8.656   9.697   1.00 53.86 ? 416 LYS A NZ    1 
ATOM   238  N N     . GLU A 1 49 ? -2.320  6.647   11.314  1.00 53.47 ? 417 GLU A N     1 
ATOM   239  C CA    . GLU A 1 49 ? -1.682  7.544   12.287  1.00 53.61 ? 417 GLU A CA    1 
ATOM   240  C C     . GLU A 1 49 ? -0.711  8.528   11.648  1.00 53.58 ? 417 GLU A C     1 
ATOM   241  O O     . GLU A 1 49 ? -0.689  9.706   12.008  1.00 53.62 ? 417 GLU A O     1 
ATOM   242  C CB    . GLU A 1 49 ? -0.963  6.742   13.382  1.00 53.69 ? 417 GLU A CB    1 
ATOM   243  C CG    . GLU A 1 49 ? -1.725  6.681   14.704  1.00 53.90 ? 417 GLU A CG    1 
ATOM   244  C CD    . GLU A 1 49 ? -1.306  5.520   15.594  1.00 53.96 ? 417 GLU A CD    1 
ATOM   245  O OE1   . GLU A 1 49 ? -1.080  4.408   15.069  1.00 54.15 ? 417 GLU A OE1   1 
ATOM   246  O OE2   . GLU A 1 49 ? -1.226  5.715   16.827  1.00 54.25 ? 417 GLU A OE2   1 
ATOM   247  N N     . PHE A 1 50 ? 0.092   8.044   10.705  1.00 53.52 ? 418 PHE A N     1 
ATOM   248  C CA    . PHE A 1 50 ? 1.049   8.900   10.015  1.00 53.45 ? 418 PHE A CA    1 
ATOM   249  C C     . PHE A 1 50 ? 0.317   9.901   9.136   1.00 53.36 ? 418 PHE A C     1 
ATOM   250  O O     . PHE A 1 50 ? 0.561   11.105  9.219   1.00 53.39 ? 418 PHE A O     1 
ATOM   251  C CB    . PHE A 1 50 ? 2.008   8.075   9.159   1.00 53.52 ? 418 PHE A CB    1 
ATOM   252  C CG    . PHE A 1 50 ? 2.982   8.911   8.384   1.00 53.53 ? 418 PHE A CG    1 
ATOM   253  C CD1   . PHE A 1 50 ? 4.163   9.346   8.971   1.00 53.53 ? 418 PHE A CD1   1 
ATOM   254  C CD2   . PHE A 1 50 ? 2.711   9.281   7.073   1.00 53.62 ? 418 PHE A CD2   1 
ATOM   255  C CE1   . PHE A 1 50 ? 5.063   10.128  8.261   1.00 53.56 ? 418 PHE A CE1   1 
ATOM   256  C CE2   . PHE A 1 50 ? 3.604   10.063  6.357   1.00 53.64 ? 418 PHE A CE2   1 
ATOM   257  C CZ    . PHE A 1 50 ? 4.783   10.487  6.951   1.00 53.61 ? 418 PHE A CZ    1 
ATOM   258  N N     . ALA A 1 51 ? -0.573  9.388   8.291   1.00 53.26 ? 419 ALA A N     1 
ATOM   259  C CA    . ALA A 1 51 ? -1.367  10.223  7.396   1.00 53.26 ? 419 ALA A CA    1 
ATOM   260  C C     . ALA A 1 51 ? -2.024  11.364  8.159   1.00 53.22 ? 419 ALA A C     1 
ATOM   261  O O     . ALA A 1 51 ? -2.027  12.501  7.695   1.00 53.24 ? 419 ALA A O     1 
ATOM   262  C CB    . ALA A 1 51 ? -2.423  9.388   6.689   1.00 53.22 ? 419 ALA A CB    1 
ATOM   263  N N     . ASP A 1 52 ? -2.567  11.058  9.335   1.00 53.24 ? 420 ASP A N     1 
ATOM   264  C CA    . ASP A 1 52 ? -3.234  12.058  10.170  1.00 53.35 ? 420 ASP A CA    1 
ATOM   265  C C     . ASP A 1 52 ? -2.255  13.087  10.721  1.00 53.41 ? 420 ASP A C     1 
ATOM   266  O O     . ASP A 1 52 ? -2.456  14.293  10.568  1.00 53.40 ? 420 ASP A O     1 
ATOM   267  C CB    . ASP A 1 52 ? -3.954  11.385  11.343  1.00 53.33 ? 420 ASP A CB    1 
ATOM   268  C CG    . ASP A 1 52 ? -5.099  10.492  10.899  1.00 53.28 ? 420 ASP A CG    1 
ATOM   269  O OD1   . ASP A 1 52 ? -5.618  10.680  9.778   1.00 53.14 ? 420 ASP A OD1   1 
ATOM   270  O OD2   . ASP A 1 52 ? -5.489  9.602   11.682  1.00 53.23 ? 420 ASP A OD2   1 
ATOM   271  N N     . LYS A 1 53 ? -1.200  12.596  11.360  1.00 53.53 ? 421 LYS A N     1 
ATOM   272  C CA    . LYS A 1 53 ? -0.210  13.453  12.012  1.00 53.63 ? 421 LYS A CA    1 
ATOM   273  C C     . LYS A 1 53 ? 0.642   14.287  11.057  1.00 53.62 ? 421 LYS A C     1 
ATOM   274  O O     . LYS A 1 53 ? 1.079   15.379  11.424  1.00 53.66 ? 421 LYS A O     1 
ATOM   275  C CB    . LYS A 1 53 ? 0.709   12.610  12.904  1.00 53.72 ? 421 LYS A CB    1 
ATOM   276  C CG    . LYS A 1 53 ? 0.014   12.039  14.130  1.00 53.84 ? 421 LYS A CG    1 
ATOM   277  C CD    . LYS A 1 53 ? 0.900   11.055  14.874  1.00 53.86 ? 421 LYS A CD    1 
ATOM   278  C CE    . LYS A 1 53 ? 0.184   10.482  16.088  1.00 53.91 ? 421 LYS A CE    1 
ATOM   279  N NZ    . LYS A 1 53 ? 0.935   9.352   16.701  1.00 53.96 ? 421 LYS A NZ    1 
ATOM   280  N N     . GLU A 1 54 ? 0.870   13.791  9.842   1.00 53.62 ? 422 GLU A N     1 
ATOM   281  C CA    . GLU A 1 54 ? 1.790   14.456  8.913   1.00 53.61 ? 422 GLU A CA    1 
ATOM   282  C C     . GLU A 1 54 ? 1.223   14.879  7.553   1.00 53.60 ? 422 GLU A C     1 
ATOM   283  O O     . GLU A 1 54 ? 1.751   15.807  6.944   1.00 53.60 ? 422 GLU A O     1 
ATOM   284  C CB    . GLU A 1 54 ? 3.014   13.561  8.685   1.00 53.62 ? 422 GLU A CB    1 
ATOM   285  C CG    . GLU A 1 54 ? 3.780   13.194  9.959   1.00 53.69 ? 422 GLU A CG    1 
ATOM   286  C CD    . GLU A 1 54 ? 4.442   14.383  10.644  1.00 53.80 ? 422 GLU A CD    1 
ATOM   287  O OE1   . GLU A 1 54 ? 4.508   15.477  10.048  1.00 53.95 ? 422 GLU A OE1   1 
ATOM   288  O OE2   . GLU A 1 54 ? 4.906   14.216  11.791  1.00 53.95 ? 422 GLU A OE2   1 
ATOM   289  N N     . GLU A 1 55 ? 0.165   14.226  7.075   1.00 53.62 ? 423 GLU A N     1 
ATOM   290  C CA    . GLU A 1 55 ? -0.352  14.513  5.730   1.00 53.64 ? 423 GLU A CA    1 
ATOM   291  C C     . GLU A 1 55 ? -1.851  14.815  5.685   1.00 53.63 ? 423 GLU A C     1 
ATOM   292  O O     . GLU A 1 55 ? -2.514  14.549  4.679   1.00 53.49 ? 423 GLU A O     1 
ATOM   293  C CB    . GLU A 1 55 ? -0.020  13.344  4.798   1.00 53.71 ? 423 GLU A CB    1 
ATOM   294  C CG    . GLU A 1 55 ? 1.458   12.948  4.796   1.00 53.83 ? 423 GLU A CG    1 
ATOM   295  C CD    . GLU A 1 55 ? 2.369   14.075  4.361   1.00 53.87 ? 423 GLU A CD    1 
ATOM   296  O OE1   . GLU A 1 55 ? 1.913   14.925  3.575   1.00 53.80 ? 423 GLU A OE1   1 
ATOM   297  O OE2   . GLU A 1 55 ? 3.538   14.104  4.803   1.00 53.94 ? 423 GLU A OE2   1 
ATOM   298  N N     . GLY A 1 56 ? -2.372  15.385  6.770   1.00 53.69 ? 424 GLY A N     1 
ATOM   299  C CA    . GLY A 1 56 ? -3.787  15.757  6.860   1.00 53.77 ? 424 GLY A CA    1 
ATOM   300  C C     . GLY A 1 56 ? -4.747  14.605  6.620   1.00 53.84 ? 424 GLY A C     1 
ATOM   301  O O     . GLY A 1 56 ? -5.792  14.777  5.990   1.00 53.98 ? 424 GLY A O     1 
ATOM   302  N N     . GLY A 1 57 ? -4.384  13.432  7.130   1.00 53.81 ? 425 GLY A N     1 
ATOM   303  C CA    . GLY A 1 57 ? -5.193  12.223  6.990   1.00 53.72 ? 425 GLY A CA    1 
ATOM   304  C C     . GLY A 1 57 ? -5.445  11.786  5.558   1.00 53.70 ? 425 GLY A C     1 
ATOM   305  O O     . GLY A 1 57 ? -6.485  11.190  5.271   1.00 53.76 ? 425 GLY A O     1 
ATOM   306  N N     . ASP A 1 58 ? -4.504  12.075  4.660   1.00 53.55 ? 426 ASP A N     1 
ATOM   307  C CA    . ASP A 1 58 ? -4.650  11.687  3.258   1.00 53.48 ? 426 ASP A CA    1 
ATOM   308  C C     . ASP A 1 58 ? -3.965  10.347  3.032   1.00 53.44 ? 426 ASP A C     1 
ATOM   309  O O     . ASP A 1 58 ? -2.845  10.280  2.520   1.00 53.39 ? 426 ASP A O     1 
ATOM   310  C CB    . ASP A 1 58 ? -4.087  12.756  2.315   1.00 53.42 ? 426 ASP A CB    1 
ATOM   311  C CG    . ASP A 1 58 ? -4.491  12.529  0.861   1.00 53.42 ? 426 ASP A CG    1 
ATOM   312  O OD1   . ASP A 1 58 ? -4.965  11.423  0.521   1.00 53.36 ? 426 ASP A OD1   1 
ATOM   313  O OD2   . ASP A 1 58 ? -4.340  13.462  0.050   1.00 53.31 ? 426 ASP A OD2   1 
ATOM   314  N N     . VAL A 1 59 ? -4.657  9.281   3.418   1.00 53.42 ? 427 VAL A N     1 
ATOM   315  C CA    . VAL A 1 59 ? -4.134  7.926   3.281   1.00 53.37 ? 427 VAL A CA    1 
ATOM   316  C C     . VAL A 1 59 ? -3.887  7.599   1.811   1.00 53.29 ? 427 VAL A C     1 
ATOM   317  O O     . VAL A 1 59 ? -2.796  7.166   1.449   1.00 53.34 ? 427 VAL A O     1 
ATOM   318  C CB    . VAL A 1 59 ? -5.097  6.879   3.885   1.00 53.35 ? 427 VAL A CB    1 
ATOM   319  C CG1   . VAL A 1 59 ? -4.537  5.475   3.713   1.00 53.41 ? 427 VAL A CG1   1 
ATOM   320  C CG2   . VAL A 1 59 ? -5.351  7.170   5.359   1.00 53.43 ? 427 VAL A CG2   1 
ATOM   321  N N     . LYS A 1 60 ? -4.897  7.828   0.973   1.00 53.33 ? 428 LYS A N     1 
ATOM   322  C CA    . LYS A 1 60 ? -4.801  7.549   -0.463  1.00 53.42 ? 428 LYS A CA    1 
ATOM   323  C C     . LYS A 1 60 ? -3.508  8.084   -1.073  1.00 53.48 ? 428 LYS A C     1 
ATOM   324  O O     . LYS A 1 60 ? -2.723  7.322   -1.638  1.00 53.56 ? 428 LYS A O     1 
ATOM   325  C CB    . LYS A 1 60 ? -6.008  8.128   -1.210  1.00 53.47 ? 428 LYS A CB    1 
ATOM   326  C CG    . LYS A 1 60 ? -5.955  7.935   -2.725  1.00 53.48 ? 428 LYS A CG    1 
ATOM   327  C CD    . LYS A 1 60 ? -7.302  8.202   -3.378  1.00 53.55 ? 428 LYS A CD    1 
ATOM   328  C CE    . LYS A 1 60 ? -7.205  8.126   -4.894  1.00 53.60 ? 428 LYS A CE    1 
ATOM   329  N NZ    . LYS A 1 60 ? -8.503  8.413   -5.568  1.00 53.58 ? 428 LYS A NZ    1 
ATOM   330  N N     . ALA A 1 61 ? -3.293  9.393   -0.951  1.00 53.52 ? 429 ALA A N     1 
ATOM   331  C CA    . ALA A 1 61 ? -2.099  10.040  -1.503  1.00 53.45 ? 429 ALA A CA    1 
ATOM   332  C C     . ALA A 1 61 ? -0.819  9.460   -0.910  1.00 53.43 ? 429 ALA A C     1 
ATOM   333  O O     . ALA A 1 61 ? 0.183   9.311   -1.613  1.00 53.51 ? 429 ALA A O     1 
ATOM   334  C CB    . ALA A 1 61 ? -2.150  11.542  -1.270  1.00 53.50 ? 429 ALA A CB    1 
ATOM   335  N N     . VAL A 1 62 ? -0.857  9.141   0.382   1.00 53.35 ? 430 VAL A N     1 
ATOM   336  C CA    . VAL A 1 62 ? 0.287   8.539   1.062   1.00 53.27 ? 430 VAL A CA    1 
ATOM   337  C C     . VAL A 1 62 ? 0.608   7.164   0.483   1.00 53.28 ? 430 VAL A C     1 
ATOM   338  O O     . VAL A 1 62 ? 1.724   6.941   0.009   1.00 53.35 ? 430 VAL A O     1 
ATOM   339  C CB    . VAL A 1 62 ? 0.056   8.425   2.587   1.00 53.19 ? 430 VAL A CB    1 
ATOM   340  C CG1   . VAL A 1 62 ? 1.107   7.528   3.229   1.00 53.09 ? 430 VAL A CG1   1 
ATOM   341  C CG2   . VAL A 1 62 ? 0.066   9.801   3.228   1.00 53.12 ? 430 VAL A CG2   1 
ATOM   342  N N     . CYS A 1 63 ? -0.365  6.251   0.513   1.00 53.27 ? 431 CYS A N     1 
ATOM   343  C CA    A CYS A 1 63 ? -0.186  4.895   -0.015  0.50 53.19 ? 431 CYS A CA    1 
ATOM   344  C CA    B CYS A 1 63 ? -0.132  4.899   -0.003  0.50 53.36 ? 431 CYS A CA    1 
ATOM   345  C C     . CYS A 1 63 ? 0.120   4.902   -1.510  1.00 53.27 ? 431 CYS A C     1 
ATOM   346  O O     . CYS A 1 63 ? 0.894   4.079   -2.000  1.00 53.33 ? 431 CYS A O     1 
ATOM   347  C CB    A CYS A 1 63 ? -1.436  4.050   0.247   0.50 53.04 ? 431 CYS A CB    1 
ATOM   348  C CB    B CYS A 1 63 ? -1.255  3.929   0.385   0.50 53.37 ? 431 CYS A CB    1 
ATOM   349  S SG    A CYS A 1 63 ? -1.806  3.795   1.996   0.50 52.51 ? 431 CYS A SG    1 
ATOM   350  S SG    B CYS A 1 63 ? -2.923  4.544   0.134   0.50 53.76 ? 431 CYS A SG    1 
ATOM   351  N N     . LEU A 1 64 ? -0.511  5.820   -2.241  1.00 53.34 ? 432 LEU A N     1 
ATOM   352  C CA    . LEU A 1 64 ? -0.256  5.945   -3.679  1.00 53.38 ? 432 LEU A CA    1 
ATOM   353  C C     . LEU A 1 64 ? 1.219   6.275   -3.885  1.00 53.42 ? 432 LEU A C     1 
ATOM   354  O O     . LEU A 1 64 ? 1.923   5.588   -4.628  1.00 53.43 ? 432 LEU A O     1 
ATOM   355  C CB    . LEU A 1 64 ? -1.122  7.041   -4.316  1.00 53.42 ? 432 LEU A CB    1 
ATOM   356  C CG    . LEU A 1 64 ? -0.801  7.444   -5.765  1.00 53.38 ? 432 LEU A CG    1 
ATOM   357  C CD1   . LEU A 1 64 ? -0.613  6.229   -6.667  1.00 53.43 ? 432 LEU A CD1   1 
ATOM   358  C CD2   . LEU A 1 64 ? -1.888  8.353   -6.318  1.00 53.38 ? 432 LEU A CD2   1 
ATOM   359  N N     . THR A 1 65 ? 1.670   7.330   -3.210  1.00 53.42 ? 433 THR A N     1 
ATOM   360  C CA    . THR A 1 65 ? 3.058   7.786   -3.305  1.00 53.39 ? 433 THR A CA    1 
ATOM   361  C C     . THR A 1 65 ? 4.050   6.743   -2.787  1.00 53.37 ? 433 THR A C     1 
ATOM   362  O O     . THR A 1 65 ? 5.108   6.553   -3.387  1.00 53.36 ? 433 THR A O     1 
ATOM   363  C CB    . THR A 1 65 ? 3.262   9.123   -2.562  1.00 53.37 ? 433 THR A CB    1 
ATOM   364  O OG1   . THR A 1 65 ? 2.397   10.117  -3.124  1.00 53.40 ? 433 THR A OG1   1 
ATOM   365  C CG2   . THR A 1 65 ? 4.706   9.594   -2.679  1.00 53.39 ? 433 THR A CG2   1 
ATOM   366  N N     . LEU A 1 66 ? 3.719   6.080   -1.679  1.00 53.39 ? 434 LEU A N     1 
ATOM   367  C CA    . LEU A 1 66 ? 4.556   4.991   -1.160  1.00 53.41 ? 434 LEU A CA    1 
ATOM   368  C C     . LEU A 1 66 ? 4.776   3.942   -2.233  1.00 53.47 ? 434 LEU A C     1 
ATOM   369  O O     . LEU A 1 66 ? 5.901   3.501   -2.465  1.00 53.57 ? 434 LEU A O     1 
ATOM   370  C CB    . LEU A 1 66 ? 3.907   4.312   0.049   1.00 53.33 ? 434 LEU A CB    1 
ATOM   371  C CG    . LEU A 1 66 ? 4.140   4.956   1.413   1.00 53.25 ? 434 LEU A CG    1 
ATOM   372  C CD1   . LEU A 1 66 ? 3.254   4.303   2.459   1.00 53.13 ? 434 LEU A CD1   1 
ATOM   373  C CD2   . LEU A 1 66 ? 5.605   4.854   1.807   1.00 53.19 ? 434 LEU A CD2   1 
ATOM   374  N N     . PHE A 1 67 ? 3.683   3.552   -2.880  1.00 53.50 ? 435 PHE A N     1 
ATOM   375  C CA    . PHE A 1 67 ? 3.717   2.543   -3.927  1.00 53.51 ? 435 PHE A CA    1 
ATOM   376  C C     . PHE A 1 67 ? 4.480   3.031   -5.154  1.00 53.53 ? 435 PHE A C     1 
ATOM   377  O O     . PHE A 1 67 ? 5.333   2.314   -5.678  1.00 53.61 ? 435 PHE A O     1 
ATOM   378  C CB    . PHE A 1 67 ? 2.291   2.138   -4.310  1.00 53.61 ? 435 PHE A CB    1 
ATOM   379  C CG    . PHE A 1 67 ? 2.221   1.032   -5.327  1.00 53.61 ? 435 PHE A CG    1 
ATOM   380  C CD1   . PHE A 1 67 ? 1.470   1.182   -6.484  1.00 53.71 ? 435 PHE A CD1   1 
ATOM   381  C CD2   . PHE A 1 67 ? 2.915   -0.154  -5.133  1.00 53.62 ? 435 PHE A CD2   1 
ATOM   382  C CE1   . PHE A 1 67 ? 1.399   0.164   -7.425  1.00 53.68 ? 435 PHE A CE1   1 
ATOM   383  C CE2   . PHE A 1 67 ? 2.856   -1.173  -6.070  1.00 53.63 ? 435 PHE A CE2   1 
ATOM   384  C CZ    . PHE A 1 67 ? 2.095   -1.015  -7.216  1.00 53.70 ? 435 PHE A CZ    1 
ATOM   385  N N     . LEU A 1 68 ? 4.175   4.245   -5.608  1.00 53.53 ? 436 LEU A N     1 
ATOM   386  C CA    . LEU A 1 68 ? 4.869   4.828   -6.759  1.00 53.53 ? 436 LEU A CA    1 
ATOM   387  C C     . LEU A 1 68 ? 6.371   4.899   -6.506  1.00 53.55 ? 436 LEU A C     1 
ATOM   388  O O     . LEU A 1 68 ? 7.164   4.435   -7.323  1.00 53.63 ? 436 LEU A O     1 
ATOM   389  C CB    . LEU A 1 68 ? 4.329   6.223   -7.090  1.00 53.51 ? 436 LEU A CB    1 
ATOM   390  C CG    . LEU A 1 68 ? 2.998   6.275   -7.845  1.00 53.50 ? 436 LEU A CG    1 
ATOM   391  C CD1   . LEU A 1 68 ? 2.500   7.708   -7.940  1.00 53.55 ? 436 LEU A CD1   1 
ATOM   392  C CD2   . LEU A 1 68 ? 3.129   5.660   -9.232  1.00 53.53 ? 436 LEU A CD2   1 
ATOM   393  N N     . LEU A 1 69 ? 6.753   5.479   -5.371  1.00 53.55 ? 437 LEU A N     1 
ATOM   394  C CA    . LEU A 1 69 ? 8.165   5.563   -4.991  1.00 53.54 ? 437 LEU A CA    1 
ATOM   395  C C     . LEU A 1 69 ? 8.780   4.172   -4.816  1.00 53.53 ? 437 LEU A C     1 
ATOM   396  O O     . LEU A 1 69 ? 9.956   3.970   -5.116  1.00 53.51 ? 437 LEU A O     1 
ATOM   397  C CB    . LEU A 1 69 ? 8.341   6.398   -3.718  1.00 53.57 ? 437 LEU A CB    1 
ATOM   398  C CG    . LEU A 1 69 ? 8.130   7.904   -3.893  1.00 53.52 ? 437 LEU A CG    1 
ATOM   399  C CD1   . LEU A 1 69 ? 8.000   8.598   -2.546  1.00 53.58 ? 437 LEU A CD1   1 
ATOM   400  C CD2   . LEU A 1 69 ? 9.264   8.516   -4.707  1.00 53.56 ? 437 LEU A CD2   1 
ATOM   401  N N     . ALA A 1 70 ? 7.981   3.221   -4.330  1.00 53.47 ? 438 ALA A N     1 
ATOM   402  C CA    . ALA A 1 70 ? 8.426   1.831   -4.192  1.00 53.45 ? 438 ALA A CA    1 
ATOM   403  C C     . ALA A 1 70 ? 8.699   1.199   -5.562  1.00 53.45 ? 438 ALA A C     1 
ATOM   404  O O     . ALA A 1 70 ? 9.629   0.401   -5.708  1.00 53.41 ? 438 ALA A O     1 
ATOM   405  C CB    . ALA A 1 70 ? 7.394   1.012   -3.430  1.00 53.29 ? 438 ALA A CB    1 
ATOM   406  N N     . LEU A 1 71 ? 7.883   1.556   -6.555  1.00 53.45 ? 439 LEU A N     1 
ATOM   407  C CA    . LEU A 1 71 ? 8.052   1.061   -7.927  1.00 53.42 ? 439 LEU A CA    1 
ATOM   408  C C     . LEU A 1 71 ? 9.280   1.668   -8.587  1.00 53.45 ? 439 LEU A C     1 
ATOM   409  O O     . LEU A 1 71 ? 10.085  0.960   -9.191  1.00 53.46 ? 439 LEU A O     1 
ATOM   410  C CB    . LEU A 1 71 ? 6.828   1.395   -8.788  1.00 53.36 ? 439 LEU A CB    1 
ATOM   411  C CG    . LEU A 1 71 ? 5.555   0.574   -8.589  1.00 53.30 ? 439 LEU A CG    1 
ATOM   412  C CD1   . LEU A 1 71 ? 4.425   1.156   -9.422  1.00 53.28 ? 439 LEU A CD1   1 
ATOM   413  C CD2   . LEU A 1 71 ? 5.784   -0.886  -8.942  1.00 53.23 ? 439 LEU A CD2   1 
ATOM   414  N N     . ARG A 1 72 ? 9.405   2.987   -8.479  1.00 53.51 ? 440 ARG A N     1 
ATOM   415  C CA    . ARG A 1 72 ? 10.523  3.711   -9.083  1.00 53.57 ? 440 ARG A CA    1 
ATOM   416  C C     . ARG A 1 72 ? 11.848  3.396   -8.403  1.00 53.60 ? 440 ARG A C     1 
ATOM   417  O O     . ARG A 1 72 ? 12.904  3.462   -9.036  1.00 53.58 ? 440 ARG A O     1 
ATOM   418  C CB    . ARG A 1 72 ? 10.256  5.209   -9.063  1.00 53.60 ? 440 ARG A CB    1 
ATOM   419  C CG    . ARG A 1 72 ? 9.065   5.588   -9.903  1.00 53.62 ? 440 ARG A CG    1 
ATOM   420  C CD    . ARG A 1 72 ? 8.958   7.079   -10.060 1.00 53.66 ? 440 ARG A CD    1 
ATOM   421  N NE    . ARG A 1 72 ? 7.746   7.454   -10.782 1.00 53.71 ? 440 ARG A NE    1 
ATOM   422  C CZ    . ARG A 1 72 ? 7.576   7.340   -12.098 1.00 53.70 ? 440 ARG A CZ    1 
ATOM   423  N NH1   . ARG A 1 72 ? 8.529   6.844   -12.867 1.00 53.66 ? 440 ARG A NH1   1 
ATOM   424  N NH2   . ARG A 1 72 ? 6.431   7.716   -12.645 1.00 53.80 ? 440 ARG A NH2   1 
ATOM   425  N N     . ALA A 1 73 ? 11.792  3.050   -7.118  1.00 53.65 ? 441 ALA A N     1 
ATOM   426  C CA    . ALA A 1 73 ? 12.977  2.597   -6.391  1.00 53.66 ? 441 ALA A CA    1 
ATOM   427  C C     . ALA A 1 73 ? 13.472  1.268   -6.966  1.00 53.67 ? 441 ALA A C     1 
ATOM   428  O O     . ALA A 1 73 ? 14.609  0.859   -6.722  1.00 53.65 ? 441 ALA A O     1 
ATOM   429  C CB    . ALA A 1 73 ? 12.671  2.448   -4.908  1.00 53.67 ? 441 ALA A CB    1 
ATOM   430  N N     . ARG A 1 74 ? 12.601  0.607   -7.727  1.00 53.73 ? 442 ARG A N     1 
ATOM   431  C CA    . ARG A 1 74 ? 12.899  -0.656  -8.387  1.00 53.79 ? 442 ARG A CA    1 
ATOM   432  C C     . ARG A 1 74 ? 13.021  -0.506  -9.907  1.00 53.74 ? 442 ARG A C     1 
ATOM   433  O O     . ARG A 1 74 ? 13.115  -1.502  -10.628 1.00 53.70 ? 442 ARG A O     1 
ATOM   434  C CB    . ARG A 1 74 ? 11.790  -1.651  -8.062  1.00 53.83 ? 442 ARG A CB    1 
ATOM   435  C CG    . ARG A 1 74 ? 11.791  -2.121  -6.618  1.00 53.99 ? 442 ARG A CG    1 
ATOM   436  C CD    . ARG A 1 74 ? 10.526  -2.897  -6.306  1.00 54.17 ? 442 ARG A CD    1 
ATOM   437  N NE    . ARG A 1 74 ? 10.292  -3.959  -7.288  1.00 54.47 ? 442 ARG A NE    1 
ATOM   438  C CZ    . ARG A 1 74 ? 10.433  -5.269  -7.081  1.00 54.61 ? 442 ARG A CZ    1 
ATOM   439  N NH1   . ARG A 1 74 ? 10.791  -5.755  -5.895  1.00 54.71 ? 442 ARG A NH1   1 
ATOM   440  N NH2   . ARG A 1 74 ? 10.189  -6.110  -8.081  1.00 54.68 ? 442 ARG A NH2   1 
ATOM   441  N N     . ASN A 1 75 ? 13.030  0.740   -10.380 1.00 53.75 ? 443 ASN A N     1 
ATOM   442  C CA    . ASN A 1 75 ? 13.099  1.049   -11.810 1.00 53.75 ? 443 ASN A CA    1 
ATOM   443  C C     . ASN A 1 75 ? 11.989  0.408   -12.628 1.00 53.71 ? 443 ASN A C     1 
ATOM   444  O O     . ASN A 1 75 ? 12.200  -0.035  -13.759 1.00 53.73 ? 443 ASN A O     1 
ATOM   445  C CB    . ASN A 1 75 ? 14.471  0.682   -12.378 1.00 53.83 ? 443 ASN A CB    1 
ATOM   446  C CG    . ASN A 1 75 ? 15.538  1.646   -11.953 1.00 53.97 ? 443 ASN A CG    1 
ATOM   447  O OD1   . ASN A 1 75 ? 16.529  1.270   -11.328 1.00 54.32 ? 443 ASN A OD1   1 
ATOM   448  N ND2   . ASN A 1 75 ? 15.340  2.907   -12.286 1.00 54.04 ? 443 ASN A ND2   1 
ATOM   449  N N     . GLU A 1 76 ? 10.801  0.366   -12.040 1.00 53.71 ? 444 GLU A N     1 
ATOM   450  C CA    . GLU A 1 76 ? 9.616   -0.102  -12.734 1.00 53.78 ? 444 GLU A CA    1 
ATOM   451  C C     . GLU A 1 76 ? 8.869   1.157   -13.135 1.00 53.74 ? 444 GLU A C     1 
ATOM   452  O O     . GLU A 1 76 ? 7.716   1.379   -12.759 1.00 53.76 ? 444 GLU A O     1 
ATOM   453  C CB    . GLU A 1 76 ? 8.800   -1.013  -11.831 1.00 53.80 ? 444 GLU A CB    1 
ATOM   454  C CG    . GLU A 1 76 ? 9.486   -2.349  -11.602 1.00 53.94 ? 444 GLU A CG    1 
ATOM   455  C CD    . GLU A 1 76 ? 8.799   -3.191  -10.554 1.00 54.07 ? 444 GLU A CD    1 
ATOM   456  O OE1   . GLU A 1 76 ? 8.357   -2.631  -9.530  1.00 54.58 ? 444 GLU A OE1   1 
ATOM   457  O OE2   . GLU A 1 76 ? 8.710   -4.421  -10.749 1.00 54.30 ? 444 GLU A OE2   1 
ATOM   458  N N     . HIS A 1 77 ? 9.573   1.981   -13.907 1.00 53.77 ? 445 HIS A N     1 
ATOM   459  C CA    . HIS A 1 77 ? 9.092   3.287   -14.337 1.00 53.79 ? 445 HIS A CA    1 
ATOM   460  C C     . HIS A 1 77 ? 7.873   3.202   -15.250 1.00 53.76 ? 445 HIS A C     1 
ATOM   461  O O     . HIS A 1 77 ? 7.014   4.076   -15.217 1.00 53.77 ? 445 HIS A O     1 
ATOM   462  C CB    . HIS A 1 77 ? 10.215  4.051   -15.055 1.00 53.88 ? 445 HIS A CB    1 
ATOM   463  C CG    . HIS A 1 77 ? 11.245  4.633   -14.134 1.00 53.97 ? 445 HIS A CG    1 
ATOM   464  N ND1   . HIS A 1 77 ? 12.378  3.949   -13.743 1.00 54.00 ? 445 HIS A ND1   1 
ATOM   465  C CD2   . HIS A 1 77 ? 11.319  5.849   -13.544 1.00 54.05 ? 445 HIS A CD2   1 
ATOM   466  C CE1   . HIS A 1 77 ? 13.096  4.719   -12.942 1.00 53.99 ? 445 HIS A CE1   1 
ATOM   467  N NE2   . HIS A 1 77 ? 12.474  5.875   -12.805 1.00 54.05 ? 445 HIS A NE2   1 
ATOM   468  N N     . ARG A 1 78 ? 7.797   2.139   -16.048 1.00 53.72 ? 446 ARG A N     1 
ATOM   469  C CA    . ARG A 1 78 ? 6.718   1.971   -17.021 1.00 53.71 ? 446 ARG A CA    1 
ATOM   470  C C     . ARG A 1 78 ? 5.380   1.814   -16.306 1.00 53.67 ? 446 ARG A C     1 
ATOM   471  O O     . ARG A 1 78 ? 4.398   2.468   -16.648 1.00 53.66 ? 446 ARG A O     1 
ATOM   472  C CB    . ARG A 1 78 ? 6.975   0.736   -17.895 1.00 53.76 ? 446 ARG A CB    1 
ATOM   473  C CG    . ARG A 1 78 ? 6.373   0.803   -19.295 1.00 53.76 ? 446 ARG A CG    1 
ATOM   474  C CD    . ARG A 1 78 ? 7.417   1.242   -20.323 1.00 53.83 ? 446 ARG A CD    1 
ATOM   475  N NE    . ARG A 1 78 ? 6.831   1.548   -21.632 1.00 53.86 ? 446 ARG A NE    1 
ATOM   476  C CZ    . ARG A 1 78 ? 6.911   0.790   -22.729 1.00 53.94 ? 446 ARG A CZ    1 
ATOM   477  N NH1   . ARG A 1 78 ? 7.573   -0.366  -22.740 1.00 53.98 ? 446 ARG A NH1   1 
ATOM   478  N NH2   . ARG A 1 78 ? 6.323   1.208   -23.847 1.00 53.97 ? 446 ARG A NH2   1 
ATOM   479  N N     . GLN A 1 79 ? 5.366   0.937   -15.306 1.00 53.64 ? 447 GLN A N     1 
ATOM   480  C CA    . GLN A 1 79 ? 4.172   0.675   -14.501 1.00 53.64 ? 447 GLN A CA    1 
ATOM   481  C C     . GLN A 1 79 ? 3.837   1.914   -13.680 1.00 53.65 ? 447 GLN A C     1 
ATOM   482  O O     . GLN A 1 79 ? 2.679   2.323   -13.600 1.00 53.75 ? 447 GLN A O     1 
ATOM   483  C CB    . GLN A 1 79 ? 4.399   -0.505  -13.551 1.00 53.63 ? 447 GLN A CB    1 
ATOM   484  C CG    . GLN A 1 79 ? 5.151   -1.683  -14.164 1.00 53.65 ? 447 GLN A CG    1 
ATOM   485  C CD    . GLN A 1 79 ? 5.192   -2.903  -13.263 1.00 53.69 ? 447 GLN A CD    1 
ATOM   486  O OE1   . GLN A 1 79 ? 5.668   -3.962  -13.667 1.00 53.89 ? 447 GLN A OE1   1 
ATOM   487  N NE2   . GLN A 1 79 ? 4.697   -2.763  -12.037 1.00 53.63 ? 447 GLN A NE2   1 
ATOM   488  N N     . ALA A 1 80 ? 4.868   2.492   -13.065 1.00 53.63 ? 448 ALA A N     1 
ATOM   489  C CA    . ALA A 1 80 ? 4.728   3.724   -12.289 1.00 53.60 ? 448 ALA A CA    1 
ATOM   490  C C     . ALA A 1 80 ? 4.078   4.818   -13.133 1.00 53.60 ? 448 ALA A C     1 
ATOM   491  O O     . ALA A 1 80 ? 3.201   5.536   -12.655 1.00 53.53 ? 448 ALA A O     1 
ATOM   492  C CB    . ALA A 1 80 ? 6.084   4.185   -11.773 1.00 53.56 ? 448 ALA A CB    1 
ATOM   493  N N     . ASP A 1 81 ? 4.514   4.934   -14.389 1.00 53.66 ? 449 ASP A N     1 
ATOM   494  C CA    . ASP A 1 81 ? 3.934   5.893   -15.333 1.00 53.72 ? 449 ASP A CA    1 
ATOM   495  C C     . ASP A 1 81 ? 2.474   5.557   -15.630 1.00 53.75 ? 449 ASP A C     1 
ATOM   496  O O     . ASP A 1 81 ? 1.627   6.449   -15.690 1.00 53.85 ? 449 ASP A O     1 
ATOM   497  C CB    . ASP A 1 81 ? 4.713   5.913   -16.657 1.00 53.77 ? 449 ASP A CB    1 
ATOM   498  C CG    . ASP A 1 81 ? 6.094   6.531   -16.529 1.00 53.82 ? 449 ASP A CG    1 
ATOM   499  O OD1   . ASP A 1 81 ? 6.559   6.752   -15.396 1.00 53.85 ? 449 ASP A OD1   1 
ATOM   500  O OD2   . ASP A 1 81 ? 6.724   6.792   -17.575 1.00 53.86 ? 449 ASP A OD2   1 
ATOM   501  N N     . GLU A 1 82 ? 2.193   4.269   -15.821 1.00 53.74 ? 450 GLU A N     1 
ATOM   502  C CA    . GLU A 1 82 ? 0.837   3.808   -16.124 1.00 53.71 ? 450 GLU A CA    1 
ATOM   503  C C     . GLU A 1 82 ? -0.129  4.065   -14.965 1.00 53.65 ? 450 GLU A C     1 
ATOM   504  O O     . GLU A 1 82 ? -1.256  4.498   -15.192 1.00 53.68 ? 450 GLU A O     1 
ATOM   505  C CB    . GLU A 1 82 ? 0.833   2.329   -16.532 1.00 53.76 ? 450 GLU A CB    1 
ATOM   506  C CG    . GLU A 1 82 ? 1.427   2.088   -17.925 1.00 53.88 ? 450 GLU A CG    1 
ATOM   507  C CD    . GLU A 1 82 ? 1.406   0.629   -18.358 1.00 53.89 ? 450 GLU A CD    1 
ATOM   508  O OE1   . GLU A 1 82 ? 0.892   -0.223  -17.602 1.00 54.05 ? 450 GLU A OE1   1 
ATOM   509  O OE2   . GLU A 1 82 ? 1.908   0.333   -19.463 1.00 54.01 ? 450 GLU A OE2   1 
ATOM   510  N N     . LEU A 1 83 ? 0.316   3.812   -13.734 1.00 53.56 ? 451 LEU A N     1 
ATOM   511  C CA    . LEU A 1 83 ? -0.491  4.117   -12.547 1.00 53.55 ? 451 LEU A CA    1 
ATOM   512  C C     . LEU A 1 83 ? -0.695  5.621   -12.424 1.00 53.55 ? 451 LEU A C     1 
ATOM   513  O O     . LEU A 1 83 ? -1.739  6.082   -11.969 1.00 53.55 ? 451 LEU A O     1 
ATOM   514  C CB    . LEU A 1 83 ? 0.178   3.592   -11.273 1.00 53.51 ? 451 LEU A CB    1 
ATOM   515  C CG    . LEU A 1 83 ? -0.501  3.952   -9.945  1.00 53.49 ? 451 LEU A CG    1 
ATOM   516  C CD1   . LEU A 1 83 ? -1.977  3.580   -9.952  1.00 53.46 ? 451 LEU A CD1   1 
ATOM   517  C CD2   . LEU A 1 83 ? 0.213   3.271   -8.799  1.00 53.44 ? 451 LEU A CD2   1 
ATOM   518  N N     . GLU A 1 84 ? 0.320   6.376   -12.830 1.00 53.58 ? 452 GLU A N     1 
ATOM   519  C CA    . GLU A 1 84 ? 0.267   7.831   -12.798 1.00 53.67 ? 452 GLU A CA    1 
ATOM   520  C C     . GLU A 1 84 ? -0.705  8.334   -13.866 1.00 53.70 ? 452 GLU A C     1 
ATOM   521  O O     . GLU A 1 84 ? -1.365  9.359   -13.684 1.00 53.73 ? 452 GLU A O     1 
ATOM   522  C CB    . GLU A 1 84 ? 1.668   8.402   -13.015 1.00 53.70 ? 452 GLU A CB    1 
ATOM   523  C CG    . GLU A 1 84 ? 1.920   9.726   -12.315 1.00 53.85 ? 452 GLU A CG    1 
ATOM   524  C CD    . GLU A 1 84 ? 3.372   9.907   -11.904 1.00 53.85 ? 452 GLU A CD    1 
ATOM   525  O OE1   . GLU A 1 84 ? 4.034   8.899   -11.584 1.00 53.76 ? 452 GLU A OE1   1 
ATOM   526  O OE2   . GLU A 1 84 ? 3.845   11.064  -11.875 1.00 54.10 ? 452 GLU A OE2   1 
ATOM   527  N N     . ALA A 1 85 ? -0.784  7.602   -14.976 1.00 53.74 ? 453 ALA A N     1 
ATOM   528  C CA    . ALA A 1 85 ? -1.732  7.900   -16.046 1.00 53.76 ? 453 ALA A CA    1 
ATOM   529  C C     . ALA A 1 85 ? -3.165  7.625   -15.589 1.00 53.83 ? 453 ALA A C     1 
ATOM   530  O O     . ALA A 1 85 ? -4.093  8.321   -15.994 1.00 53.91 ? 453 ALA A O     1 
ATOM   531  C CB    . ALA A 1 85 ? -1.407  7.076   -17.285 1.00 53.74 ? 453 ALA A CB    1 
ATOM   532  N N     . ILE A 1 86 ? -3.336  6.600   -14.755 1.00 53.90 ? 454 ILE A N     1 
ATOM   533  C CA    . ILE A 1 86 ? -4.651  6.234   -14.224 1.00 53.95 ? 454 ILE A CA    1 
ATOM   534  C C     . ILE A 1 86 ? -5.206  7.230   -13.205 1.00 54.03 ? 454 ILE A C     1 
ATOM   535  O O     . ILE A 1 86 ? -6.415  7.471   -13.163 1.00 54.03 ? 454 ILE A O     1 
ATOM   536  C CB    . ILE A 1 86 ? -4.600  4.855   -13.504 1.00 53.94 ? 454 ILE A CB    1 
ATOM   537  C CG1   . ILE A 1 86 ? -4.340  3.725   -14.498 1.00 53.93 ? 454 ILE A CG1   1 
ATOM   538  C CG2   . ILE A 1 86 ? -5.906  4.574   -12.765 1.00 53.94 ? 454 ILE A CG2   1 
ATOM   539  C CD1   . ILE A 1 86 ? -4.314  2.351   -13.858 1.00 53.91 ? 454 ILE A CD1   1 
ATOM   540  N N     . MET A 1 87 ? -4.323  7.826   -12.409 1.00 54.08 ? 455 MET A N     1 
ATOM   541  C CA    . MET A 1 87 ? -4.743  8.526   -11.191 1.00 54.17 ? 455 MET A CA    1 
ATOM   542  C C     . MET A 1 87 ? -5.168  10.004  -11.262 1.00 54.34 ? 455 MET A C     1 
ATOM   543  O O     . MET A 1 87 ? -6.122  10.381  -10.577 1.00 54.51 ? 455 MET A O     1 
ATOM   544  C CB    . MET A 1 87 ? -3.671  8.327   -10.112 1.00 54.12 ? 455 MET A CB    1 
ATOM   545  C CG    . MET A 1 87 ? -3.627  6.893   -9.574  1.00 54.16 ? 455 MET A CG    1 
ATOM   546  S SD    . MET A 1 87 ? -5.112  6.410   -8.669  1.00 54.25 ? 455 MET A SD    1 
ATOM   547  C CE    . MET A 1 87 ? -5.158  7.660   -7.389  1.00 54.34 ? 455 MET A CE    1 
ATOM   548  N N     . GLN A 1 88 ? -4.496  10.827  -12.069 1.00 54.41 ? 456 GLN A N     1 
ATOM   549  C CA    . GLN A 1 88 ? -4.790  12.276  -12.134 1.00 54.43 ? 456 GLN A CA    1 
ATOM   550  C C     . GLN A 1 88 ? -5.628  12.783  -10.950 1.00 54.49 ? 456 GLN A C     1 
ATOM   551  O O     . GLN A 1 88 ? -6.002  13.957  -10.886 1.00 54.50 ? 456 GLN A O     1 
ATOM   552  C CB    . GLN A 1 88 ? -5.468  12.669  -13.459 1.00 54.55 ? 456 GLN A CB    1 
ATOM   553  C CG    . GLN A 1 88 ? -6.723  11.867  -13.836 1.00 54.74 ? 456 GLN A CG    1 
ATOM   554  C CD    . GLN A 1 88 ? -6.466  10.792  -14.880 1.00 54.91 ? 456 GLN A CD    1 
ATOM   555  O OE1   . GLN A 1 88 ? -5.321  10.472  -15.194 1.00 55.12 ? 456 GLN A OE1   1 
ATOM   556  N NE2   . GLN A 1 88 ? -7.541  10.235  -15.431 1.00 54.99 ? 456 GLN A NE2   1 
ATOM   557  O "O5'" A DA  B 2 1  ? -23.237 -3.311  -1.106  0.50 53.46 ? 1   DA  D "O5'" 1 
ATOM   558  C "C5'" A DA  B 2 1  ? -22.239 -3.113  -2.102  0.50 53.44 ? 1   DA  D "C5'" 1 
ATOM   559  C "C4'" A DA  B 2 1  ? -21.419 -1.857  -1.854  0.50 53.44 ? 1   DA  D "C4'" 1 
ATOM   560  O "O4'" A DA  B 2 1  ? -22.225 -0.799  -1.275  0.50 53.34 ? 1   DA  D "O4'" 1 
ATOM   561  C "C3'" A DA  B 2 1  ? -20.281 -2.009  -0.858  0.50 53.46 ? 1   DA  D "C3'" 1 
ATOM   562  O "O3'" A DA  B 2 1  ? -19.161 -2.666  -1.446  0.50 53.53 ? 1   DA  D "O3'" 1 
ATOM   563  C "C2'" A DA  B 2 1  ? -19.998 -0.552  -0.512  0.50 53.43 ? 1   DA  D "C2'" 1 
ATOM   564  C "C1'" A DA  B 2 1  ? -21.367 0.118   -0.620  0.50 53.32 ? 1   DA  D "C1'" 1 
ATOM   565  P P     A DA  B 2 2  ? -18.108 -3.432  -0.515  0.50 53.61 ? 2   DA  D P     1 
ATOM   566  O OP1   A DA  B 2 2  ? -16.938 -3.782  -1.349  0.50 53.65 ? 2   DA  D OP1   1 
ATOM   567  O OP2   A DA  B 2 2  ? -18.836 -4.495  0.213   0.50 53.58 ? 2   DA  D OP2   1 
ATOM   568  O "O5'" A DA  B 2 2  ? -17.679 -2.309  0.545   0.50 53.58 ? 2   DA  D "O5'" 1 
ATOM   569  C "C5'" A DA  B 2 2  ? -17.069 -1.106  0.086   0.50 53.51 ? 2   DA  D "C5'" 1 
ATOM   570  C "C4'" A DA  B 2 2  ? -16.734 -0.130  1.204   0.50 53.47 ? 2   DA  D "C4'" 1 
ATOM   571  O "O4'" A DA  B 2 2  ? -17.931 0.583   1.609   0.50 53.51 ? 2   DA  D "O4'" 1 
ATOM   572  C "C3'" A DA  B 2 2  ? -16.192 -0.729  2.496   0.50 53.44 ? 2   DA  D "C3'" 1 
ATOM   573  O "O3'" A DA  B 2 2  ? -14.799 -0.959  2.407   0.50 53.25 ? 2   DA  D "O3'" 1 
ATOM   574  C "C2'" A DA  B 2 2  ? -16.528 0.367   3.496   0.50 53.50 ? 2   DA  D "C2'" 1 
ATOM   575  C "C1'" A DA  B 2 2  ? -17.901 0.811   3.007   0.50 53.57 ? 2   DA  D "C1'" 1 
ATOM   576  N N9    A DA  B 2 2  ? -18.983 0.071   3.650   0.50 53.60 ? 2   DA  D N9    1 
ATOM   577  C C8    A DA  B 2 2  ? -19.737 -0.945  3.128   0.50 53.63 ? 2   DA  D C8    1 
ATOM   578  N N7    A DA  B 2 2  ? -20.637 -1.417  3.957   0.50 53.63 ? 2   DA  D N7    1 
ATOM   579  C C5    A DA  B 2 2  ? -20.458 -0.662  5.104   0.50 53.63 ? 2   DA  D C5    1 
ATOM   580  C C6    A DA  B 2 2  ? -21.101 -0.665  6.360   0.50 53.64 ? 2   DA  D C6    1 
ATOM   581  N N6    A DA  B 2 2  ? -22.099 -1.499  6.669   0.50 53.64 ? 2   DA  D N6    1 
ATOM   582  N N1    A DA  B 2 2  ? -20.678 0.222   7.290   0.50 53.64 ? 2   DA  D N1    1 
ATOM   583  C C2    A DA  B 2 2  ? -19.676 1.057   6.977   0.50 53.62 ? 2   DA  D C2    1 
ATOM   584  N N3    A DA  B 2 2  ? -18.995 1.153   5.832   0.50 53.62 ? 2   DA  D N3    1 
ATOM   585  C C4    A DA  B 2 2  ? -19.440 0.260   4.931   0.50 53.61 ? 2   DA  D C4    1 
ATOM   586  P P     A DT  B 2 3  ? -14.097 -1.963  3.429   0.50 53.11 ? 3   DT  D P     1 
ATOM   587  O OP1   A DT  B 2 3  ? -12.640 -1.930  3.170   0.50 53.18 ? 3   DT  D OP1   1 
ATOM   588  O OP2   A DT  B 2 3  ? -14.832 -3.245  3.372   0.50 53.11 ? 3   DT  D OP2   1 
ATOM   589  O "O5'" A DT  B 2 3  ? -14.356 -1.287  4.856   0.50 53.12 ? 3   DT  D "O5'" 1 
ATOM   590  C "C5'" A DT  B 2 3  ? -13.796 -0.022  5.185   0.50 53.11 ? 3   DT  D "C5'" 1 
ATOM   591  C "C4'" A DT  B 2 3  ? -14.229 0.428   6.572   0.50 53.10 ? 3   DT  D "C4'" 1 
ATOM   592  O "O4'" A DT  B 2 3  ? -15.667 0.611   6.603   0.50 53.08 ? 3   DT  D "O4'" 1 
ATOM   593  C "C3'" A DT  B 2 3  ? -13.924 -0.555  7.694   0.50 53.09 ? 3   DT  D "C3'" 1 
ATOM   594  O "O3'" A DT  B 2 3  ? -12.649 -0.288  8.257   0.50 53.11 ? 3   DT  D "O3'" 1 
ATOM   595  C "C2'" A DT  B 2 3  ? -15.040 -0.301  8.698   0.50 53.06 ? 3   DT  D "C2'" 1 
ATOM   596  C "C1'" A DT  B 2 3  ? -16.211 0.118   7.816   0.50 52.98 ? 3   DT  D "C1'" 1 
ATOM   597  N N1    A DT  B 2 3  ? -17.167 -1.010  7.546   0.50 52.93 ? 3   DT  D N1    1 
ATOM   598  C C2    A DT  B 2 3  ? -18.082 -1.361  8.523   0.50 52.92 ? 3   DT  D C2    1 
ATOM   599  O O2    A DT  B 2 3  ? -18.163 -0.805  9.605   0.50 52.91 ? 3   DT  D O2    1 
ATOM   600  N N3    A DT  B 2 3  ? -18.912 -2.403  8.185   0.50 52.92 ? 3   DT  D N3    1 
ATOM   601  C C4    A DT  B 2 3  ? -18.922 -3.117  6.997   0.50 52.91 ? 3   DT  D C4    1 
ATOM   602  O O4    A DT  B 2 3  ? -19.708 -4.037  6.791   0.50 52.90 ? 3   DT  D O4    1 
ATOM   603  C C5    A DT  B 2 3  ? -17.944 -2.702  6.021   0.50 52.90 ? 3   DT  D C5    1 
ATOM   604  C C7    A DT  B 2 3  ? -17.854 -3.396  4.694   0.50 52.91 ? 3   DT  D C7    1 
ATOM   605  C C6    A DT  B 2 3  ? -17.128 -1.688  6.337   0.50 52.89 ? 3   DT  D C6    1 
ATOM   606  P P     A DT  B 2 4  ? -11.800 -1.502  8.851   0.50 53.09 ? 4   DT  D P     1 
ATOM   607  O OP1   A DT  B 2 4  ? -10.407 -1.042  9.048   0.50 53.10 ? 4   DT  D OP1   1 
ATOM   608  O OP2   A DT  B 2 4  ? -12.094 -2.686  8.024   0.50 53.10 ? 4   DT  D OP2   1 
ATOM   609  O "O5'" A DT  B 2 4  ? -12.476 -1.780  10.269  0.50 53.18 ? 4   DT  D "O5'" 1 
ATOM   610  C "C5'" A DT  B 2 4  ? -12.566 -0.774  11.259  0.50 53.28 ? 4   DT  D "C5'" 1 
ATOM   611  C "C4'" A DT  B 2 4  ? -13.568 -1.187  12.320  0.50 53.35 ? 4   DT  D "C4'" 1 
ATOM   612  O "O4'" A DT  B 2 4  ? -14.878 -1.337  11.721  0.50 53.42 ? 4   DT  D "O4'" 1 
ATOM   613  C "C3'" A DT  B 2 4  ? -13.277 -2.527  12.979  0.50 53.37 ? 4   DT  D "C3'" 1 
ATOM   614  O "O3'" A DT  B 2 4  ? -12.420 -2.334  14.096  0.50 53.35 ? 4   DT  D "O3'" 1 
ATOM   615  C "C2'" A DT  B 2 4  ? -14.661 -3.029  13.378  0.50 53.41 ? 4   DT  D "C2'" 1 
ATOM   616  C "C1'" A DT  B 2 4  ? -15.609 -2.352  12.388  0.50 53.43 ? 4   DT  D "C1'" 1 
ATOM   617  N N1    A DT  B 2 4  ? -16.202 -3.295  11.371  0.50 53.42 ? 4   DT  D N1    1 
ATOM   618  C C2    A DT  B 2 4  ? -17.397 -3.940  11.650  0.50 53.47 ? 4   DT  D C2    1 
ATOM   619  O O2    A DT  B 2 4  ? -18.023 -3.796  12.685  0.50 53.50 ? 4   DT  D O2    1 
ATOM   620  N N3    A DT  B 2 4  ? -17.847 -4.776  10.655  0.50 53.47 ? 4   DT  D N3    1 
ATOM   621  C C4    A DT  B 2 4  ? -17.240 -5.031  9.437   0.50 53.43 ? 4   DT  D C4    1 
ATOM   622  O O4    A DT  B 2 4  ? -17.725 -5.800  8.611   0.50 53.43 ? 4   DT  D O4    1 
ATOM   623  C C5    A DT  B 2 4  ? -15.999 -4.329  9.208   0.50 53.43 ? 4   DT  D C5    1 
ATOM   624  C C7    A DT  B 2 4  ? -15.245 -4.521  7.926   0.50 53.45 ? 4   DT  D C7    1 
ATOM   625  C C6    A DT  B 2 4  ? -15.545 -3.511  10.168  0.50 53.40 ? 4   DT  D C6    1 
ATOM   626  P P     A DT  B 2 5  ? -11.707 -3.580  14.797  0.50 53.38 ? 5   DT  D P     1 
ATOM   627  O OP1   A DT  B 2 5  ? -10.788 -3.047  15.827  0.50 53.34 ? 5   DT  D OP1   1 
ATOM   628  O OP2   A DT  B 2 5  ? -11.194 -4.473  13.733  0.50 53.26 ? 5   DT  D OP2   1 
ATOM   629  O "O5'" A DT  B 2 5  ? -12.920 -4.324  15.525  0.50 53.41 ? 5   DT  D "O5'" 1 
ATOM   630  C "C5'" A DT  B 2 5  ? -13.627 -3.717  16.601  0.50 53.44 ? 5   DT  D "C5'" 1 
ATOM   631  C "C4'" A DT  B 2 5  ? -14.631 -4.697  17.178  0.50 53.43 ? 5   DT  D "C4'" 1 
ATOM   632  O "O4'" A DT  B 2 5  ? -15.558 -5.076  16.130  0.50 53.40 ? 5   DT  D "O4'" 1 
ATOM   633  C "C3'" A DT  B 2 5  ? -14.014 -5.985  17.716  0.50 53.43 ? 5   DT  D "C3'" 1 
ATOM   634  O "O3'" A DT  B 2 5  ? -14.480 -6.265  19.024  0.50 53.45 ? 5   DT  D "O3'" 1 
ATOM   635  C "C2'" A DT  B 2 5  ? -14.440 -7.079  16.741  0.50 53.42 ? 5   DT  D "C2'" 1 
ATOM   636  C "C1'" A DT  B 2 5  ? -15.618 -6.479  15.978  0.50 53.36 ? 5   DT  D "C1'" 1 
ATOM   637  N N1    A DT  B 2 5  ? -15.624 -6.792  14.503  0.50 53.33 ? 5   DT  D N1    1 
ATOM   638  C C2    A DT  B 2 5  ? -16.739 -7.374  13.921  0.50 53.34 ? 5   DT  D C2    1 
ATOM   639  O O2    A DT  B 2 5  ? -17.754 -7.667  14.530  0.50 53.37 ? 5   DT  D O2    1 
ATOM   640  N N3    A DT  B 2 5  ? -16.627 -7.610  12.571  0.50 53.35 ? 5   DT  D N3    1 
ATOM   641  C C4    A DT  B 2 5  ? -15.543 -7.331  11.757  0.50 53.36 ? 5   DT  D C4    1 
ATOM   642  O O4    A DT  B 2 5  ? -15.547 -7.584  10.555  0.50 53.34 ? 5   DT  D O4    1 
ATOM   643  C C5    A DT  B 2 5  ? -14.414 -6.724  12.421  0.50 53.36 ? 5   DT  D C5    1 
ATOM   644  C C7    A DT  B 2 5  ? -13.177 -6.372  11.649  0.50 53.34 ? 5   DT  D C7    1 
ATOM   645  C C6    A DT  B 2 5  ? -14.509 -6.485  13.738  0.50 53.34 ? 5   DT  D C6    1 
ATOM   646  P P     A DT  B 2 6  ? -14.280 -7.739  19.603  0.50 53.47 ? 6   DT  D P     1 
ATOM   647  O OP1   A DT  B 2 6  ? -14.462 -7.660  21.061  0.50 53.48 ? 6   DT  D OP1   1 
ATOM   648  O OP2   A DT  B 2 6  ? -13.019 -8.286  19.053  0.50 53.53 ? 6   DT  D OP2   1 
ATOM   649  O "O5'" A DT  B 2 6  ? -15.510 -8.554  18.984  0.50 53.38 ? 6   DT  D "O5'" 1 
ATOM   650  C "C5'" A DT  B 2 6  ? -16.841 -8.317  19.427  0.50 53.33 ? 6   DT  D "C5'" 1 
ATOM   651  C "C4'" A DT  B 2 6  ? -17.766 -9.394  18.895  0.50 53.31 ? 6   DT  D "C4'" 1 
ATOM   652  O "O4'" A DT  B 2 6  ? -17.651 -9.459  17.453  0.50 53.28 ? 6   DT  D "O4'" 1 
ATOM   653  C "C3'" A DT  B 2 6  ? -17.466 -10.798 19.408  0.50 53.27 ? 6   DT  D "C3'" 1 
ATOM   654  O "O3'" A DT  B 2 6  ? -18.646 -11.375 19.933  0.50 53.22 ? 6   DT  D "O3'" 1 
ATOM   655  C "C2'" A DT  B 2 6  ? -16.947 -11.564 18.193  0.50 53.26 ? 6   DT  D "C2'" 1 
ATOM   656  C "C1'" A DT  B 2 6  ? -17.573 -10.804 17.030  0.50 53.23 ? 6   DT  D "C1'" 1 
ATOM   657  N N1    A DT  B 2 6  ? -16.800 -10.823 15.743  0.50 53.20 ? 6   DT  D N1    1 
ATOM   658  C C2    A DT  B 2 6  ? -17.370 -11.340 14.590  0.50 53.16 ? 6   DT  D C2    1 
ATOM   659  O O2    A DT  B 2 6  ? -18.491 -11.814 14.532  0.50 53.15 ? 6   DT  D O2    1 
ATOM   660  N N3    A DT  B 2 6  ? -16.563 -11.288 13.480  0.50 53.15 ? 6   DT  D N3    1 
ATOM   661  C C4    A DT  B 2 6  ? -15.277 -10.781 13.401  0.50 53.18 ? 6   DT  D C4    1 
ATOM   662  O O4    A DT  B 2 6  ? -14.640 -10.784 12.352  0.50 53.20 ? 6   DT  D O4    1 
ATOM   663  C C5    A DT  B 2 6  ? -14.743 -10.253 14.635  0.50 53.19 ? 6   DT  D C5    1 
ATOM   664  C C7    A DT  B 2 6  ? -13.359 -9.675  14.680  0.50 53.20 ? 6   DT  D C7    1 
ATOM   665  C C6    A DT  B 2 6  ? -15.520 -10.296 15.729  0.50 53.21 ? 6   DT  D C6    1 
ATOM   666  P P     A DC  B 2 7  ? -18.543 -12.765 20.704  0.50 53.15 ? 7   DC  D P     1 
ATOM   667  O OP1   A DC  B 2 7  ? -19.646 -12.819 21.689  0.50 53.21 ? 7   DC  D OP1   1 
ATOM   668  O OP2   A DC  B 2 7  ? -17.140 -12.944 21.139  0.50 53.22 ? 7   DC  D OP2   1 
ATOM   669  O "O5'" A DC  B 2 7  ? -18.831 -13.822 19.544  0.50 53.28 ? 7   DC  D "O5'" 1 
ATOM   670  C "C5'" A DC  B 2 7  ? -20.156 -13.972 19.064  0.50 53.38 ? 7   DC  D "C5'" 1 
ATOM   671  C "C4'" A DC  B 2 7  ? -20.206 -14.977 17.933  0.50 53.44 ? 7   DC  D "C4'" 1 
ATOM   672  O "O4'" A DC  B 2 7  ? -19.354 -14.532 16.851  0.50 53.49 ? 7   DC  D "O4'" 1 
ATOM   673  C "C3'" A DC  B 2 7  ? -19.734 -16.379 18.309  0.50 53.47 ? 7   DC  D "C3'" 1 
ATOM   674  O "O3'" A DC  B 2 7  ? -20.757 -17.318 17.999  0.50 53.54 ? 7   DC  D "O3'" 1 
ATOM   675  C "C2'" A DC  B 2 7  ? -18.460 -16.583 17.488  0.50 53.49 ? 7   DC  D "C2'" 1 
ATOM   676  C "C1'" A DC  B 2 7  ? -18.681 -15.646 16.306  0.50 53.49 ? 7   DC  D "C1'" 1 
ATOM   677  N N1    A DC  B 2 7  ? -17.446 -15.140 15.611  0.50 53.48 ? 7   DC  D N1    1 
ATOM   678  C C2    A DC  B 2 7  ? -17.226 -15.407 14.246  0.50 53.46 ? 7   DC  D C2    1 
ATOM   679  O O2    A DC  B 2 7  ? -18.044 -16.076 13.602  0.50 53.50 ? 7   DC  D O2    1 
ATOM   680  N N3    A DC  B 2 7  ? -16.103 -14.925 13.652  0.50 53.48 ? 7   DC  D N3    1 
ATOM   681  C C4    A DC  B 2 7  ? -15.225 -14.203 14.354  0.50 53.54 ? 7   DC  D C4    1 
ATOM   682  N N4    A DC  B 2 7  ? -14.135 -13.752 13.724  0.50 53.54 ? 7   DC  D N4    1 
ATOM   683  C C5    A DC  B 2 7  ? -15.428 -13.915 15.739  0.50 53.55 ? 7   DC  D C5    1 
ATOM   684  C C6    A DC  B 2 7  ? -16.539 -14.395 16.316  0.50 53.51 ? 7   DC  D C6    1 
ATOM   685  P P     A DA  B 2 8  ? -20.409 -18.873 17.995  0.50 53.60 ? 8   DA  D P     1 
ATOM   686  O OP1   A DA  B 2 8  ? -21.551 -19.614 17.412  0.50 53.57 ? 8   DA  D OP1   1 
ATOM   687  O OP2   A DA  B 2 8  ? -19.920 -19.211 19.349  0.50 53.58 ? 8   DA  D OP2   1 
ATOM   688  O "O5'" A DA  B 2 8  ? -19.178 -18.918 16.973  0.50 53.67 ? 8   DA  D "O5'" 1 
ATOM   689  C "C5'" A DA  B 2 8  ? -19.380 -18.546 15.609  0.50 53.68 ? 8   DA  D "C5'" 1 
ATOM   690  C "C4'" A DA  B 2 8  ? -19.655 -19.750 14.720  0.50 53.67 ? 8   DA  D "C4'" 1 
ATOM   691  O "O4'" A DA  B 2 8  ? -18.887 -19.621 13.500  0.50 53.75 ? 8   DA  D "O4'" 1 
ATOM   692  C "C3'" A DA  B 2 8  ? -19.248 -21.112 15.270  0.50 53.66 ? 8   DA  D "C3'" 1 
ATOM   693  O "O3'" A DA  B 2 8  ? -20.034 -22.150 14.709  0.50 53.67 ? 8   DA  D "O3'" 1 
ATOM   694  C "C2'" A DA  B 2 8  ? -17.781 -21.227 14.863  0.50 53.69 ? 8   DA  D "C2'" 1 
ATOM   695  C "C1'" A DA  B 2 8  ? -17.662 -20.319 13.637  0.50 53.70 ? 8   DA  D "C1'" 1 
ATOM   696  N N9    A DA  B 2 8  ? -16.585 -19.329 13.683  0.50 53.70 ? 8   DA  D N9    1 
ATOM   697  C C8    A DA  B 2 8  ? -15.991 -18.744 14.771  0.50 53.69 ? 8   DA  D C8    1 
ATOM   698  N N7    A DA  B 2 8  ? -15.045 -17.884 14.458  0.50 53.72 ? 8   DA  D N7    1 
ATOM   699  C C5    A DA  B 2 8  ? -15.018 -17.907 13.070  0.50 53.71 ? 8   DA  D C5    1 
ATOM   700  C C6    A DA  B 2 8  ? -14.249 -17.234 12.087  0.50 53.68 ? 8   DA  D C6    1 
ATOM   701  N N6    A DA  B 2 8  ? -13.293 -16.342 12.396  0.50 53.70 ? 8   DA  D N6    1 
ATOM   702  N N1    A DA  B 2 8  ? -14.529 -17.532 10.764  0.50 53.67 ? 8   DA  D N1    1 
ATOM   703  C C2    A DA  B 2 8  ? -15.453 -18.395 10.466  0.50 53.71 ? 8   DA  D C2    1 
ATOM   704  N N3    A DA  B 2 8  ? -16.231 -19.082 11.295  0.50 53.76 ? 8   DA  D N3    1 
ATOM   705  C C4    A DA  B 2 8  ? -15.963 -18.792 12.584  0.50 53.73 ? 8   DA  D C4    1 
ATOM   706  P P     A DG  B 2 9  ? -19.639 -23.665 15.033  0.50 53.75 ? 9   DG  D P     1 
ATOM   707  O OP1   A DG  B 2 9  ? -20.882 -24.465 15.088  0.50 53.66 ? 9   DG  D OP1   1 
ATOM   708  O OP2   A DG  B 2 9  ? -18.713 -23.654 16.189  0.50 53.72 ? 9   DG  D OP2   1 
ATOM   709  O "O5'" A DG  B 2 9  ? -18.802 -24.085 13.739  0.50 53.73 ? 9   DG  D "O5'" 1 
ATOM   710  C "C5'" A DG  B 2 9  ? -19.304 -23.798 12.438  0.50 53.77 ? 9   DG  D "C5'" 1 
ATOM   711  C "C4'" A DG  B 2 9  ? -18.208 -23.942 11.396  0.50 53.79 ? 9   DG  D "C4'" 1 
ATOM   712  O "O4'" A DG  B 2 9  ? -17.276 -22.831 11.507  0.50 53.77 ? 9   DG  D "O4'" 1 
ATOM   713  C "C3'" A DG  B 2 9  ? -17.366 -25.213 11.527  0.50 53.80 ? 9   DG  D "C3'" 1 
ATOM   714  O "O3'" A DG  B 2 9  ? -17.224 -25.838 10.257  0.50 53.94 ? 9   DG  D "O3'" 1 
ATOM   715  C "C2'" A DG  B 2 9  ? -16.039 -24.693 12.072  0.50 53.75 ? 9   DG  D "C2'" 1 
ATOM   716  C "C1'" A DG  B 2 9  ? -15.967 -23.344 11.375  0.50 53.75 ? 9   DG  D "C1'" 1 
ATOM   717  N N9    A DG  B 2 9  ? -14.997 -22.391 11.919  0.50 53.75 ? 9   DG  D N9    1 
ATOM   718  C C8    A DG  B 2 9  ? -14.716 -22.121 13.238  0.50 53.74 ? 9   DG  D C8    1 
ATOM   719  N N7    A DG  B 2 9  ? -13.793 -21.211 13.397  0.50 53.74 ? 9   DG  D N7    1 
ATOM   720  C C5    A DG  B 2 9  ? -13.435 -20.852 12.104  0.50 53.74 ? 9   DG  D C5    1 
ATOM   721  C C6    A DG  B 2 9  ? -12.482 -19.911 11.631  0.50 53.77 ? 9   DG  D C6    1 
ATOM   722  O O6    A DG  B 2 9  ? -11.732 -19.171 12.282  0.50 53.79 ? 9   DG  D O6    1 
ATOM   723  N N1    A DG  B 2 9  ? -12.438 -19.860 10.238  0.50 53.78 ? 9   DG  D N1    1 
ATOM   724  C C2    A DG  B 2 9  ? -13.219 -20.626 9.401   0.50 53.76 ? 9   DG  D C2    1 
ATOM   725  N N2    A DG  B 2 9  ? -13.042 -20.445 8.085   0.50 53.78 ? 9   DG  D N2    1 
ATOM   726  N N3    A DG  B 2 9  ? -14.114 -21.510 9.829   0.50 53.72 ? 9   DG  D N3    1 
ATOM   727  C C4    A DG  B 2 9  ? -14.170 -21.572 11.184  0.50 53.73 ? 9   DG  D C4    1 
ATOM   728  P P     A DA  B 2 10 ? -16.860 -27.391 10.152  0.50 54.09 ? 10  DA  D P     1 
ATOM   729  O OP1   A DA  B 2 10 ? -18.068 -28.118 9.700   0.50 53.89 ? 10  DA  D OP1   1 
ATOM   730  O OP2   A DA  B 2 10 ? -16.179 -27.794 11.403  0.50 54.02 ? 10  DA  D OP2   1 
ATOM   731  O "O5'" A DA  B 2 10 ? -15.779 -27.393 8.973   0.50 54.15 ? 10  DA  D "O5'" 1 
ATOM   732  C "C5'" A DA  B 2 10 ? -15.968 -26.555 7.837   0.50 54.28 ? 10  DA  D "C5'" 1 
ATOM   733  C "C4'" A DA  B 2 10 ? -14.643 -26.051 7.292   0.50 54.47 ? 10  DA  D "C4'" 1 
ATOM   734  O "O4'" A DA  B 2 10 ? -14.087 -25.056 8.195   0.50 54.62 ? 10  DA  D "O4'" 1 
ATOM   735  C "C3'" A DA  B 2 10 ? -13.553 -27.107 7.119   0.50 54.62 ? 10  DA  D "C3'" 1 
ATOM   736  O "O3'" A DA  B 2 10 ? -12.839 -26.848 5.910   0.50 55.05 ? 10  DA  D "O3'" 1 
ATOM   737  C "C2'" A DA  B 2 10 ? -12.690 -26.885 8.358   0.50 54.56 ? 10  DA  D "C2'" 1 
ATOM   738  C "C1'" A DA  B 2 10 ? -12.726 -25.364 8.425   0.50 54.42 ? 10  DA  D "C1'" 1 
ATOM   739  N N9    A DA  B 2 10 ? -12.299 -24.761 9.688   0.50 54.33 ? 10  DA  D N9    1 
ATOM   740  C C8    A DA  B 2 10 ? -12.706 -25.102 10.948  0.50 54.31 ? 10  DA  D C8    1 
ATOM   741  N N7    A DA  B 2 10 ? -12.156 -24.380 11.897  0.50 54.27 ? 10  DA  D N7    1 
ATOM   742  C C5    A DA  B 2 10 ? -11.331 -23.503 11.213  0.50 54.21 ? 10  DA  D C5    1 
ATOM   743  C C6    A DA  B 2 10 ? -10.468 -22.473 11.645  0.50 54.29 ? 10  DA  D C6    1 
ATOM   744  N N6    A DA  B 2 10 ? -10.295 -22.152 12.933  0.50 54.31 ? 10  DA  D N6    1 
ATOM   745  N N1    A DA  B 2 10 ? -9.785  -21.782 10.703  0.50 54.34 ? 10  DA  D N1    1 
ATOM   746  C C2    A DA  B 2 10 ? -9.960  -22.108 9.413   0.50 54.33 ? 10  DA  D C2    1 
ATOM   747  N N3    A DA  B 2 10 ? -10.743 -23.054 8.888   0.50 54.30 ? 10  DA  D N3    1 
ATOM   748  C C4    A DA  B 2 10 ? -11.408 -23.723 9.848   0.50 54.22 ? 10  DA  D C4    1 
ATOM   749  P P     A DA  B 2 11 ? -12.314 -28.005 4.935   0.50 55.31 ? 11  DA  D P     1 
ATOM   750  O OP1   A DA  B 2 11 ? -13.231 -28.085 3.776   0.50 55.20 ? 11  DA  D OP1   1 
ATOM   751  O OP2   A DA  B 2 11 ? -12.038 -29.217 5.740   0.50 55.02 ? 11  DA  D OP2   1 
ATOM   752  O "O5'" A DA  B 2 11 ? -10.921 -27.384 4.452   0.50 54.75 ? 11  DA  D "O5'" 1 
ATOM   753  C "C5'" A DA  B 2 11 ? -10.699 -25.972 4.508   0.50 54.62 ? 11  DA  D "C5'" 1 
ATOM   754  C "C4'" A DA  B 2 11 ? -9.319  -25.614 5.043   0.50 54.65 ? 11  DA  D "C4'" 1 
ATOM   755  O "O4'" A DA  B 2 11 ? -9.417  -25.275 6.450   0.50 54.71 ? 11  DA  D "O4'" 1 
ATOM   756  C "C3'" A DA  B 2 11 ? -8.237  -26.695 4.953   0.50 54.54 ? 11  DA  D "C3'" 1 
ATOM   757  O "O3'" A DA  B 2 11 ? -7.148  -26.204 4.179   0.50 54.61 ? 11  DA  D "O3'" 1 
ATOM   758  C "C2'" A DA  B 2 11 ? -7.849  -26.964 6.408   0.50 54.47 ? 11  DA  D "C2'" 1 
ATOM   759  C "C1'" A DA  B 2 11 ? -8.202  -25.638 7.067   0.50 54.31 ? 11  DA  D "C1'" 1 
ATOM   760  N N9    A DA  B 2 11 ? -8.418  -25.655 8.513   0.50 54.19 ? 11  DA  D N9    1 
ATOM   761  C C8    A DA  B 2 11 ? -9.296  -26.434 9.214   0.50 54.07 ? 11  DA  D C8    1 
ATOM   762  N N7    A DA  B 2 11 ? -9.277  -26.219 10.509  0.50 54.07 ? 11  DA  D N7    1 
ATOM   763  C C5    A DA  B 2 11 ? -8.326  -25.226 10.671  0.50 54.02 ? 11  DA  D C5    1 
ATOM   764  C C6    A DA  B 2 11 ? -7.829  -24.548 11.806  0.50 54.05 ? 11  DA  D C6    1 
ATOM   765  N N6    A DA  B 2 11 ? -8.252  -24.791 13.051  0.50 54.10 ? 11  DA  D N6    1 
ATOM   766  N N1    A DA  B 2 11 ? -6.875  -23.606 11.618  0.50 54.08 ? 11  DA  D N1    1 
ATOM   767  C C2    A DA  B 2 11 ? -6.450  -23.362 10.369  0.50 54.07 ? 11  DA  D C2    1 
ATOM   768  N N3    A DA  B 2 11 ? -6.842  -23.935 9.230   0.50 54.06 ? 11  DA  D N3    1 
ATOM   769  C C4    A DA  B 2 11 ? -7.789  -24.865 9.448   0.50 54.04 ? 11  DA  D C4    1 
ATOM   770  P P     A DA  B 2 12 ? -6.047  -27.197 3.583   0.50 54.62 ? 12  DA  D P     1 
ATOM   771  O OP1   A DA  B 2 12 ? -5.620  -26.671 2.266   0.50 54.65 ? 12  DA  D OP1   1 
ATOM   772  O OP2   A DA  B 2 12 ? -6.545  -28.586 3.711   0.50 54.35 ? 12  DA  D OP2   1 
ATOM   773  O "O5'" A DA  B 2 12 ? -4.851  -26.997 4.618   0.50 54.27 ? 12  DA  D "O5'" 1 
ATOM   774  C "C5'" A DA  B 2 12 ? -4.202  -25.737 4.677   0.50 54.18 ? 12  DA  D "C5'" 1 
ATOM   775  C "C4'" A DA  B 2 12 ? -3.203  -25.707 5.817   0.50 54.18 ? 12  DA  D "C4'" 1 
ATOM   776  O "O4'" A DA  B 2 12 ? -3.921  -25.697 7.075   0.50 54.16 ? 12  DA  D "O4'" 1 
ATOM   777  C "C3'" A DA  B 2 12 ? -2.266  -26.913 5.868   0.50 54.19 ? 12  DA  D "C3'" 1 
ATOM   778  O "O3'" A DA  B 2 12 ? -0.914  -26.493 5.934   0.50 54.35 ? 12  DA  D "O3'" 1 
ATOM   779  C "C2'" A DA  B 2 12 ? -2.690  -27.664 7.127   0.50 54.07 ? 12  DA  D "C2'" 1 
ATOM   780  C "C1'" A DA  B 2 12 ? -3.231  -26.528 7.983   0.50 54.01 ? 12  DA  D "C1'" 1 
ATOM   781  N N9    A DA  B 2 12 ? -4.151  -26.918 9.046   0.50 53.94 ? 12  DA  D N9    1 
ATOM   782  C C8    A DA  B 2 12 ? -5.164  -27.833 8.983   0.50 53.93 ? 12  DA  D C8    1 
ATOM   783  N N7    A DA  B 2 12 ? -5.827  -27.969 10.107  0.50 53.99 ? 12  DA  D N7    1 
ATOM   784  C C5    A DA  B 2 12 ? -5.208  -27.079 10.969  0.50 53.91 ? 12  DA  D C5    1 
ATOM   785  C C6    A DA  B 2 12 ? -5.438  -26.742 12.320  0.50 53.89 ? 12  DA  D C6    1 
ATOM   786  N N6    A DA  B 2 12 ? -6.402  -27.297 13.059  0.50 53.91 ? 12  DA  D N6    1 
ATOM   787  N N1    A DA  B 2 12 ? -4.636  -25.809 12.883  0.50 53.93 ? 12  DA  D N1    1 
ATOM   788  C C2    A DA  B 2 12 ? -3.669  -25.253 12.138  0.50 53.95 ? 12  DA  D C2    1 
ATOM   789  N N3    A DA  B 2 12 ? -3.358  -25.488 10.862  0.50 53.97 ? 12  DA  D N3    1 
ATOM   790  C C4    A DA  B 2 12 ? -4.172  -26.420 10.329  0.50 53.96 ? 12  DA  D C4    1 
ATOM   791  P P     A DC  B 2 13 ? 0.224   -27.578 5.654   0.50 54.59 ? 13  DC  D P     1 
ATOM   792  O OP1   A DC  B 2 13 ? 1.332   -26.905 4.937   0.50 54.45 ? 13  DC  D OP1   1 
ATOM   793  O OP2   A DC  B 2 13 ? -0.433  -28.761 5.052   0.50 54.40 ? 13  DC  D OP2   1 
ATOM   794  O "O5'" A DC  B 2 13 ? 0.682   -27.991 7.133   0.50 54.39 ? 13  DC  D "O5'" 1 
ATOM   795  C "C5'" A DC  B 2 13 ? 1.811   -27.391 7.772   0.50 54.18 ? 13  DC  D "C5'" 1 
ATOM   796  C "C4'" A DC  B 2 13 ? 1.506   -26.984 9.205   0.50 54.03 ? 13  DC  D "C4'" 1 
ATOM   797  O "O4'" A DC  B 2 13 ? 0.079   -26.932 9.468   0.50 53.97 ? 13  DC  D "O4'" 1 
ATOM   798  C "C3'" A DC  B 2 13 ? 1.970   -27.947 10.286  0.50 53.99 ? 13  DC  D "C3'" 1 
ATOM   799  O "O3'" A DC  B 2 13 ? 3.381   -27.936 10.481  0.50 53.94 ? 13  DC  D "O3'" 1 
ATOM   800  C "C2'" A DC  B 2 13 ? 1.220   -27.386 11.487  0.50 53.93 ? 13  DC  D "C2'" 1 
ATOM   801  C "C1'" A DC  B 2 13 ? -0.085  -26.873 10.878  0.50 53.88 ? 13  DC  D "C1'" 1 
ATOM   802  N N1    A DC  B 2 13 ? -1.274  -27.658 11.377  0.50 53.82 ? 13  DC  D N1    1 
ATOM   803  C C2    A DC  B 2 13 ? -1.766  -27.383 12.667  0.50 53.81 ? 13  DC  D C2    1 
ATOM   804  O O2    A DC  B 2 13 ? -1.230  -26.505 13.358  0.50 53.83 ? 13  DC  D O2    1 
ATOM   805  N N3    A DC  B 2 13 ? -2.831  -28.083 13.137  0.50 53.78 ? 13  DC  D N3    1 
ATOM   806  C C4    A DC  B 2 13 ? -3.401  -29.026 12.384  0.50 53.83 ? 13  DC  D C4    1 
ATOM   807  N N4    A DC  B 2 13 ? -4.447  -29.687 12.893  0.50 53.81 ? 13  DC  D N4    1 
ATOM   808  C C5    A DC  B 2 13 ? -2.919  -29.330 11.073  0.50 53.86 ? 13  DC  D C5    1 
ATOM   809  C C6    A DC  B 2 13 ? -1.866  -28.634 10.616  0.50 53.83 ? 13  DC  D C6    1 
ATOM   810  P P     A DC  B 2 14 ? 4.106   -29.274 10.982  0.50 53.94 ? 14  DC  D P     1 
ATOM   811  O OP1   A DC  B 2 14 ? 5.156   -29.609 9.994   0.50 54.02 ? 14  DC  D OP1   1 
ATOM   812  O OP2   A DC  B 2 14 ? 3.056   -30.269 11.299  0.50 53.77 ? 14  DC  D OP2   1 
ATOM   813  O "O5'" A DC  B 2 14 ? 4.809   -28.839 12.355  0.50 53.77 ? 14  DC  D "O5'" 1 
ATOM   814  C "C5'" A DC  B 2 14 ? 4.228   -27.848 13.204  0.50 53.71 ? 14  DC  D "C5'" 1 
ATOM   815  C "C4'" A DC  B 2 14 ? 3.936   -28.368 14.605  0.50 53.71 ? 14  DC  D "C4'" 1 
ATOM   816  O "O4'" A DC  B 2 14 ? 2.533   -28.170 14.917  0.50 53.72 ? 14  DC  D "O4'" 1 
ATOM   817  C "C3'" A DC  B 2 14 ? 4.143   -29.857 14.854  0.50 53.77 ? 14  DC  D "C3'" 1 
ATOM   818  O "O3'" A DC  B 2 14 ? 5.517   -30.157 15.078  0.50 53.84 ? 14  DC  D "O3'" 1 
ATOM   819  C "C2'" A DC  B 2 14 ? 3.283   -30.086 16.093  0.50 53.78 ? 14  DC  D "C2'" 1 
ATOM   820  C "C1'" A DC  B 2 14 ? 2.148   -29.074 15.939  0.50 53.73 ? 14  DC  D "C1'" 1 
ATOM   821  N N1    A DC  B 2 14 ? 0.834   -29.721 15.589  0.50 53.70 ? 14  DC  D N1    1 
ATOM   822  C C2    A DC  B 2 14 ? -0.186  -29.841 16.553  0.50 53.68 ? 14  DC  D C2    1 
ATOM   823  O O2    A DC  B 2 14 ? -0.014  -29.403 17.699  0.50 53.66 ? 14  DC  D O2    1 
ATOM   824  N N3    A DC  B 2 14 ? -1.355  -30.437 16.202  0.50 53.75 ? 14  DC  D N3    1 
ATOM   825  C C4    A DC  B 2 14 ? -1.532  -30.905 14.964  0.50 53.76 ? 14  DC  D C4    1 
ATOM   826  N N4    A DC  B 2 14 ? -2.702  -31.483 14.671  0.50 53.76 ? 14  DC  D N4    1 
ATOM   827  C C5    A DC  B 2 14 ? -0.511  -30.800 13.971  0.50 53.73 ? 14  DC  D C5    1 
ATOM   828  C C6    A DC  B 2 14 ? 0.640   -30.211 14.323  0.50 53.74 ? 14  DC  D C6    1 
ATOM   829  O "O5'" B DA  C 3 1  ? -11.504 -35.389 18.019  0.50 53.40 ? 1   DA  E "O5'" 1 
ATOM   830  C "C5'" B DA  C 3 1  ? -11.950 -36.030 19.213  0.50 53.41 ? 1   DA  E "C5'" 1 
ATOM   831  C "C4'" B DA  C 3 1  ? -10.963 -35.875 20.359  0.50 53.39 ? 1   DA  E "C4'" 1 
ATOM   832  O "O4'" B DA  C 3 1  ? -9.773  -36.671 20.125  0.50 53.27 ? 1   DA  E "O4'" 1 
ATOM   833  C "C3'" B DA  C 3 1  ? -10.399 -34.482 20.591  0.50 53.42 ? 1   DA  E "C3'" 1 
ATOM   834  O "O3'" B DA  C 3 1  ? -11.349 -33.610 21.196  0.50 53.44 ? 1   DA  E "O3'" 1 
ATOM   835  C "C2'" B DA  C 3 1  ? -9.226  -34.834 21.496  0.50 53.42 ? 1   DA  E "C2'" 1 
ATOM   836  C "C1'" B DA  C 3 1  ? -8.694  -36.115 20.857  0.50 53.23 ? 1   DA  E "C1'" 1 
ATOM   837  P P     B DG  C 3 2  ? -11.304 -32.044 20.867  0.50 53.53 ? 2   DG  E P     1 
ATOM   838  O OP1   B DG  C 3 2  ? -12.396 -31.387 21.618  0.50 53.62 ? 2   DG  E OP1   1 
ATOM   839  O OP2   B DG  C 3 2  ? -11.223 -31.886 19.398  0.50 53.57 ? 2   DG  E OP2   1 
ATOM   840  O "O5'" B DG  C 3 2  ? -9.901  -31.594 21.490  0.50 53.45 ? 2   DG  E "O5'" 1 
ATOM   841  C "C5'" B DG  C 3 2  ? -9.541  -32.023 22.800  0.50 53.34 ? 2   DG  E "C5'" 1 
ATOM   842  C "C4'" B DG  C 3 2  ? -8.187  -31.495 23.252  0.50 53.27 ? 2   DG  E "C4'" 1 
ATOM   843  O "O4'" B DG  C 3 2  ? -7.134  -32.406 22.839  0.50 53.23 ? 2   DG  E "O4'" 1 
ATOM   844  C "C3'" B DG  C 3 2  ? -7.769  -30.144 22.688  0.50 53.22 ? 2   DG  E "C3'" 1 
ATOM   845  O "O3'" B DG  C 3 2  ? -8.313  -29.089 23.449  0.50 52.99 ? 2   DG  E "O3'" 1 
ATOM   846  C "C2'" B DG  C 3 2  ? -6.254  -30.228 22.796  0.50 53.27 ? 2   DG  E "C2'" 1 
ATOM   847  C "C1'" B DG  C 3 2  ? -6.033  -31.664 22.346  0.50 53.27 ? 2   DG  E "C1'" 1 
ATOM   848  N N9    B DG  C 3 2  ? -5.970  -31.793 20.893  0.50 53.28 ? 2   DG  E N9    1 
ATOM   849  C C8    B DG  C 3 2  ? -6.926  -32.296 20.041  0.50 53.31 ? 2   DG  E C8    1 
ATOM   850  N N7    B DG  C 3 2  ? -6.572  -32.273 18.787  0.50 53.29 ? 2   DG  E N7    1 
ATOM   851  C C5    B DG  C 3 2  ? -5.300  -31.717 18.806  0.50 53.28 ? 2   DG  E C5    1 
ATOM   852  C C6    B DG  C 3 2  ? -4.405  -31.439 17.744  0.50 53.31 ? 2   DG  E C6    1 
ATOM   853  O O6    B DG  C 3 2  ? -4.572  -31.639 16.533  0.50 53.32 ? 2   DG  E O6    1 
ATOM   854  N N1    B DG  C 3 2  ? -3.213  -30.872 18.199  0.50 53.29 ? 2   DG  E N1    1 
ATOM   855  C C2    B DG  C 3 2  ? -2.921  -30.607 19.520  0.50 53.25 ? 2   DG  E C2    1 
ATOM   856  N N2    B DG  C 3 2  ? -1.724  -30.059 19.773  0.50 53.24 ? 2   DG  E N2    1 
ATOM   857  N N3    B DG  C 3 2  ? -3.752  -30.864 20.525  0.50 53.23 ? 2   DG  E N3    1 
ATOM   858  C C4    B DG  C 3 2  ? -4.916  -31.415 20.096  0.50 53.26 ? 2   DG  E C4    1 
ATOM   859  P P     B DG  C 3 3  ? -8.230  -27.603 22.878  0.50 52.80 ? 3   DG  E P     1 
ATOM   860  O OP1   B DG  C 3 3  ? -8.566  -26.681 23.986  0.50 52.97 ? 3   DG  E OP1   1 
ATOM   861  O OP2   B DG  C 3 3  ? -9.011  -27.561 21.622  0.50 52.82 ? 3   DG  E OP2   1 
ATOM   862  O "O5'" B DG  C 3 3  ? -6.680  -27.438 22.519  0.50 52.90 ? 3   DG  E "O5'" 1 
ATOM   863  C "C5'" B DG  C 3 3  ? -5.734  -27.034 23.503  0.50 52.96 ? 3   DG  E "C5'" 1 
ATOM   864  C "C4'" B DG  C 3 3  ? -4.367  -26.797 22.886  0.50 53.00 ? 3   DG  E "C4'" 1 
ATOM   865  O "O4'" B DG  C 3 3  ? -4.023  -27.892 22.001  0.50 53.02 ? 3   DG  E "O4'" 1 
ATOM   866  C "C3'" B DG  C 3 3  ? -4.260  -25.555 22.014  0.50 53.02 ? 3   DG  E "C3'" 1 
ATOM   867  O "O3'" B DG  C 3 3  ? -3.982  -24.396 22.783  0.50 53.00 ? 3   DG  E "O3'" 1 
ATOM   868  C "C2'" B DG  C 3 3  ? -3.103  -25.909 21.091  0.50 53.00 ? 3   DG  E "C2'" 1 
ATOM   869  C "C1'" B DG  C 3 3  ? -3.302  -27.407 20.883  0.50 53.00 ? 3   DG  E "C1'" 1 
ATOM   870  N N9    B DG  C 3 3  ? -4.027  -27.721 19.654  0.50 52.98 ? 3   DG  E N9    1 
ATOM   871  C C8    B DG  C 3 3  ? -5.308  -28.205 19.516  0.50 52.98 ? 3   DG  E C8    1 
ATOM   872  N N7    B DG  C 3 3  ? -5.666  -28.384 18.275  0.50 52.98 ? 3   DG  E N7    1 
ATOM   873  C C5    B DG  C 3 3  ? -4.553  -27.994 17.542  0.50 53.01 ? 3   DG  E C5    1 
ATOM   874  C C6    B DG  C 3 3  ? -4.339  -27.965 16.141  0.50 53.04 ? 3   DG  E C6    1 
ATOM   875  O O6    B DG  C 3 3  ? -5.125  -28.292 15.241  0.50 53.05 ? 3   DG  E O6    1 
ATOM   876  N N1    B DG  C 3 3  ? -3.063  -27.499 15.813  0.50 53.00 ? 3   DG  E N1    1 
ATOM   877  C C2    B DG  C 3 3  ? -2.109  -27.108 16.731  0.50 52.99 ? 3   DG  E C2    1 
ATOM   878  N N2    B DG  C 3 3  ? -0.936  -26.686 16.236  0.50 52.99 ? 3   DG  E N2    1 
ATOM   879  N N3    B DG  C 3 3  ? -2.300  -27.132 18.046  0.50 52.99 ? 3   DG  E N3    1 
ATOM   880  C C4    B DG  C 3 3  ? -3.536  -27.584 18.377  0.50 52.98 ? 3   DG  E C4    1 
ATOM   881  P P     B DT  C 3 4  ? -4.635  -23.011 22.333  0.50 52.87 ? 4   DT  E P     1 
ATOM   882  O OP1   B DT  C 3 4  ? -4.476  -22.041 23.438  0.50 52.97 ? 4   DT  E OP1   1 
ATOM   883  O OP2   B DT  C 3 4  ? -5.968  -23.323 21.785  0.50 52.87 ? 4   DT  E OP2   1 
ATOM   884  O "O5'" B DT  C 3 4  ? -3.756  -22.549 21.085  0.50 53.00 ? 4   DT  E "O5'" 1 
ATOM   885  C "C5'" B DT  C 3 4  ? -2.364  -22.321 21.191  0.50 53.13 ? 4   DT  E "C5'" 1 
ATOM   886  C "C4'" B DT  C 3 4  ? -1.746  -22.339 19.807  0.50 53.24 ? 4   DT  E "C4'" 1 
ATOM   887  O "O4'" B DT  C 3 4  ? -2.089  -23.574 19.134  0.50 53.32 ? 4   DT  E "O4'" 1 
ATOM   888  C "C3'" B DT  C 3 4  ? -2.240  -21.238 18.882  0.50 53.31 ? 4   DT  E "C3'" 1 
ATOM   889  O "O3'" B DT  C 3 4  ? -1.453  -20.070 19.055  0.50 53.32 ? 4   DT  E "O3'" 1 
ATOM   890  C "C2'" B DT  C 3 4  ? -2.080  -21.852 17.495  0.50 53.35 ? 4   DT  E "C2'" 1 
ATOM   891  C "C1'" B DT  C 3 4  ? -2.176  -23.357 17.737  0.50 53.35 ? 4   DT  E "C1'" 1 
ATOM   892  N N1    B DT  C 3 4  ? -3.444  -23.967 17.201  0.50 53.34 ? 4   DT  E N1    1 
ATOM   893  C C2    B DT  C 3 4  ? -3.489  -24.388 15.881  0.50 53.42 ? 4   DT  E C2    1 
ATOM   894  O O2    B DT  C 3 4  ? -2.551  -24.300 15.108  0.50 53.47 ? 4   DT  E O2    1 
ATOM   895  N N3    B DT  C 3 4  ? -4.690  -24.928 15.488  0.50 53.42 ? 4   DT  E N3    1 
ATOM   896  C C4    B DT  C 3 4  ? -5.829  -25.088 16.260  0.50 53.38 ? 4   DT  E C4    1 
ATOM   897  O O4    B DT  C 3 4  ? -6.858  -25.584 15.814  0.50 53.38 ? 4   DT  E O4    1 
ATOM   898  C C5    B DT  C 3 4  ? -5.719  -24.628 17.626  0.50 53.38 ? 4   DT  E C5    1 
ATOM   899  C C7    B DT  C 3 4  ? -6.884  -24.747 18.561  0.50 53.39 ? 4   DT  E C7    1 
ATOM   900  C C6    B DT  C 3 4  ? -4.553  -24.097 18.024  0.50 53.33 ? 4   DT  E C6    1 
ATOM   901  P P     B DT  C 3 5  ? -2.007  -18.649 18.582  0.50 53.33 ? 5   DT  E P     1 
ATOM   902  O OP1   B DT  C 3 5  ? -1.092  -17.618 19.116  0.50 53.26 ? 5   DT  E OP1   1 
ATOM   903  O OP2   B DT  C 3 5  ? -3.456  -18.595 18.884  0.50 53.19 ? 5   DT  E OP2   1 
ATOM   904  O "O5'" B DT  C 3 5  ? -1.830  -18.707 16.995  0.50 53.41 ? 5   DT  E "O5'" 1 
ATOM   905  C "C5'" B DT  C 3 5  ? -0.543  -18.859 16.403  0.50 53.46 ? 5   DT  E "C5'" 1 
ATOM   906  C "C4'" B DT  C 3 5  ? -0.693  -18.955 14.897  0.50 53.47 ? 5   DT  E "C4'" 1 
ATOM   907  O "O4'" B DT  C 3 5  ? -1.572  -20.068 14.588  0.50 53.43 ? 5   DT  E "O4'" 1 
ATOM   908  C "C3'" B DT  C 3 5  ? -1.330  -17.717 14.273  0.50 53.51 ? 5   DT  E "C3'" 1 
ATOM   909  O "O3'" B DT  C 3 5  ? -0.734  -17.344 13.047  0.50 53.59 ? 5   DT  E "O3'" 1 
ATOM   910  C "C2'" B DT  C 3 5  ? -2.780  -18.126 14.056  0.50 53.47 ? 5   DT  E "C2'" 1 
ATOM   911  C "C1'" B DT  C 3 5  ? -2.659  -19.623 13.801  0.50 53.41 ? 5   DT  E "C1'" 1 
ATOM   912  N N1    B DT  C 3 5  ? -3.895  -20.410 14.150  0.50 53.37 ? 5   DT  E N1    1 
ATOM   913  C C2    B DT  C 3 5  ? -4.458  -21.259 13.210  0.50 53.40 ? 5   DT  E C2    1 
ATOM   914  O O2    B DT  C 3 5  ? -4.014  -21.424 12.088  0.50 53.43 ? 5   DT  E O2    1 
ATOM   915  N N3    B DT  C 3 5  ? -5.583  -21.923 13.634  0.50 53.45 ? 5   DT  E N3    1 
ATOM   916  C C4    B DT  C 3 5  ? -6.195  -21.833 14.872  0.50 53.44 ? 5   DT  E C4    1 
ATOM   917  O O4    B DT  C 3 5  ? -7.204  -22.475 15.151  0.50 53.40 ? 5   DT  E O4    1 
ATOM   918  C C5    B DT  C 3 5  ? -5.562  -20.933 15.806  0.50 53.41 ? 5   DT  E C5    1 
ATOM   919  C C7    B DT  C 3 5  ? -6.128  -20.747 17.183  0.50 53.38 ? 5   DT  E C7    1 
ATOM   920  C C6    B DT  C 3 5  ? -4.460  -20.277 15.408  0.50 53.39 ? 5   DT  E C6    1 
ATOM   921  P P     B DT  C 3 6  ? -1.398  -16.103 12.291  0.50 53.66 ? 6   DT  E P     1 
ATOM   922  O OP1   B DT  C 3 6  ? -0.306  -15.252 11.788  0.50 53.67 ? 6   DT  E OP1   1 
ATOM   923  O OP2   B DT  C 3 6  ? -2.422  -15.522 13.188  0.50 53.72 ? 6   DT  E OP2   1 
ATOM   924  O "O5'" B DT  C 3 6  ? -2.131  -16.777 11.044  0.50 53.55 ? 6   DT  E "O5'" 1 
ATOM   925  C "C5'" B DT  C 3 6  ? -1.442  -17.698 10.215  0.50 53.52 ? 6   DT  E "C5'" 1 
ATOM   926  C "C4'" B DT  C 3 6  ? -2.386  -18.248 9.165   0.50 53.52 ? 6   DT  E "C4'" 1 
ATOM   927  O "O4'" B DT  C 3 6  ? -3.433  -19.018 9.807   0.50 53.44 ? 6   DT  E "O4'" 1 
ATOM   928  C "C3'" B DT  C 3 6  ? -3.105  -17.184 8.343   0.50 53.53 ? 6   DT  E "C3'" 1 
ATOM   929  O "O3'" B DT  C 3 6  ? -3.117  -17.559 6.982   0.50 53.66 ? 6   DT  E "O3'" 1 
ATOM   930  C "C2'" B DT  C 3 6  ? -4.510  -17.151 8.933   0.50 53.46 ? 6   DT  E "C2'" 1 
ATOM   931  C "C1'" B DT  C 3 6  ? -4.694  -18.613 9.314   0.50 53.37 ? 6   DT  E "C1'" 1 
ATOM   932  N N1    B DT  C 3 6  ? -5.722  -18.888 10.374  0.50 53.32 ? 6   DT  E N1    1 
ATOM   933  C C2    B DT  C 3 6  ? -6.783  -19.740 10.113  0.50 53.29 ? 6   DT  E C2    1 
ATOM   934  O O2    B DT  C 3 6  ? -6.967  -20.300 9.047   0.50 53.27 ? 6   DT  E O2    1 
ATOM   935  N N3    B DT  C 3 6  ? -7.650  -19.917 11.164  0.50 53.27 ? 6   DT  E N3    1 
ATOM   936  C C4    B DT  C 3 6  ? -7.567  -19.348 12.423  0.50 53.30 ? 6   DT  E C4    1 
ATOM   937  O O4    B DT  C 3 6  ? -8.402  -19.576 13.293  0.50 53.31 ? 6   DT  E O4    1 
ATOM   938  C C5    B DT  C 3 6  ? -6.436  -18.473 12.632  0.50 53.30 ? 6   DT  E C5    1 
ATOM   939  C C7    B DT  C 3 6  ? -6.236  -17.795 13.956  0.50 53.33 ? 6   DT  E C7    1 
ATOM   940  C C6    B DT  C 3 6  ? -5.581  -18.290 11.615  0.50 53.33 ? 6   DT  E C6    1 
ATOM   941  P P     B DC  C 3 7  ? -3.322  -16.427 5.881   0.50 53.82 ? 7   DC  E P     1 
ATOM   942  O OP1   B DC  C 3 7  ? -2.367  -16.685 4.781   0.50 53.86 ? 7   DC  E OP1   1 
ATOM   943  O OP2   B DC  C 3 7  ? -3.347  -15.117 6.569   0.50 53.77 ? 7   DC  E OP2   1 
ATOM   944  O "O5'" B DC  C 3 7  ? -4.797  -16.734 5.361   0.50 53.66 ? 7   DC  E "O5'" 1 
ATOM   945  C "C5'" B DC  C 3 7  ? -5.056  -17.980 4.745   0.50 53.69 ? 7   DC  E "C5'" 1 
ATOM   946  C "C4'" B DC  C 3 7  ? -6.531  -18.311 4.817   0.50 53.83 ? 7   DC  E "C4'" 1 
ATOM   947  O "O4'" B DC  C 3 7  ? -6.925  -18.445 6.204   0.50 53.93 ? 7   DC  E "O4'" 1 
ATOM   948  C "C3'" B DC  C 3 7  ? -7.470  -17.266 4.212   0.50 53.82 ? 7   DC  E "C3'" 1 
ATOM   949  O "O3'" B DC  C 3 7  ? -8.091  -17.814 3.046   0.50 53.84 ? 7   DC  E "O3'" 1 
ATOM   950  C "C2'" B DC  C 3 7  ? -8.468  -16.966 5.335   0.50 53.86 ? 7   DC  E "C2'" 1 
ATOM   951  C "C1'" B DC  C 3 7  ? -8.303  -18.165 6.262   0.50 53.80 ? 7   DC  E "C1'" 1 
ATOM   952  N N1    B DC  C 3 7  ? -8.709  -17.966 7.700   0.50 53.77 ? 7   DC  E N1    1 
ATOM   953  C C2    B DC  C 3 7  ? -9.798  -18.678 8.235   0.50 53.75 ? 7   DC  E C2    1 
ATOM   954  O O2    B DC  C 3 7  ? -10.435 -19.467 7.525   0.50 53.86 ? 7   DC  E O2    1 
ATOM   955  N N3    B DC  C 3 7  ? -10.141 -18.483 9.535   0.50 53.75 ? 7   DC  E N3    1 
ATOM   956  C C4    B DC  C 3 7  ? -9.451  -17.631 10.295  0.50 53.80 ? 7   DC  E C4    1 
ATOM   957  N N4    B DC  C 3 7  ? -9.832  -17.478 11.567  0.50 53.82 ? 7   DC  E N4    1 
ATOM   958  C C5    B DC  C 3 7  ? -8.338  -16.899 9.776   0.50 53.85 ? 7   DC  E C5    1 
ATOM   959  C C6    B DC  C 3 7  ? -8.006  -17.096 8.491   0.50 53.81 ? 7   DC  E C6    1 
ATOM   960  P P     B DT  C 3 8  ? -8.587  -16.903 1.826   0.50 53.85 ? 8   DT  E P     1 
ATOM   961  O OP1   B DT  C 3 8  ? -8.257  -17.607 0.567   0.50 53.79 ? 8   DT  E OP1   1 
ATOM   962  O OP2   B DT  C 3 8  ? -8.117  -15.518 2.044   0.50 53.64 ? 8   DT  E OP2   1 
ATOM   963  O "O5'" B DT  C 3 8  ? -10.172 -16.944 2.033   0.50 53.70 ? 8   DT  E "O5'" 1 
ATOM   964  C "C5'" B DT  C 3 8  ? -10.741 -18.111 2.614   0.50 53.75 ? 8   DT  E "C5'" 1 
ATOM   965  C "C4'" B DT  C 3 8  ? -12.172 -17.930 3.103   0.50 53.78 ? 8   DT  E "C4'" 1 
ATOM   966  O "O4'" B DT  C 3 8  ? -12.172 -18.012 4.546   0.50 53.80 ? 8   DT  E "O4'" 1 
ATOM   967  C "C3'" B DT  C 3 8  ? -12.877 -16.616 2.773   0.50 53.83 ? 8   DT  E "C3'" 1 
ATOM   968  O "O3'" B DT  C 3 8  ? -13.659 -16.791 1.591   0.50 53.90 ? 8   DT  E "O3'" 1 
ATOM   969  C "C2'" B DT  C 3 8  ? -13.729 -16.315 4.008   0.50 53.83 ? 8   DT  E "C2'" 1 
ATOM   970  C "C1'" B DT  C 3 8  ? -13.316 -17.360 5.046   0.50 53.79 ? 8   DT  E "C1'" 1 
ATOM   971  N N1    B DT  C 3 8  ? -12.936 -16.804 6.382   0.50 53.78 ? 8   DT  E N1    1 
ATOM   972  C C2    B DT  C 3 8  ? -13.520 -17.281 7.546   0.50 53.80 ? 8   DT  E C2    1 
ATOM   973  O O2    B DT  C 3 8  ? -14.368 -18.157 7.579   0.50 53.86 ? 8   DT  E O2    1 
ATOM   974  N N3    B DT  C 3 8  ? -13.069 -16.680 8.697   0.50 53.79 ? 8   DT  E N3    1 
ATOM   975  C C4    B DT  C 3 8  ? -12.115 -15.680 8.801   0.50 53.80 ? 8   DT  E C4    1 
ATOM   976  O O4    B DT  C 3 8  ? -11.782 -15.209 9.883   0.50 53.84 ? 8   DT  E O4    1 
ATOM   977  C C5    B DT  C 3 8  ? -11.545 -15.233 7.552   0.50 53.82 ? 8   DT  E C5    1 
ATOM   978  C C7    B DT  C 3 8  ? -10.503 -14.154 7.531   0.50 53.76 ? 8   DT  E C7    1 
ATOM   979  C C6    B DT  C 3 8  ? -11.973 -15.811 6.422   0.50 53.76 ? 8   DT  E C6    1 
ATOM   980  P P     B DG  C 3 9  ? -14.868 -15.805 1.241   0.50 53.92 ? 9   DG  E P     1 
ATOM   981  O OP1   B DG  C 3 9  ? -15.508 -16.293 -0.003  0.50 53.79 ? 9   DG  E OP1   1 
ATOM   982  O OP2   B DG  C 3 9  ? -14.359 -14.417 1.313   0.50 53.78 ? 9   DG  E OP2   1 
ATOM   983  O "O5'" B DG  C 3 9  ? -15.870 -16.027 2.467   0.50 53.78 ? 9   DG  E "O5'" 1 
ATOM   984  C "C5'" B DG  C 3 9  ? -16.546 -17.269 2.646   0.50 53.79 ? 9   DG  E "C5'" 1 
ATOM   985  C "C4'" B DG  C 3 9  ? -17.635 -17.119 3.692   0.50 53.75 ? 9   DG  E "C4'" 1 
ATOM   986  O "O4'" B DG  C 3 9  ? -17.023 -16.906 4.991   0.50 53.78 ? 9   DG  E "O4'" 1 
ATOM   987  C "C3'" B DG  C 3 9  ? -18.571 -15.934 3.460   0.50 53.70 ? 9   DG  E "C3'" 1 
ATOM   988  O "O3'" B DG  C 3 9  ? -19.927 -16.325 3.629   0.50 53.68 ? 9   DG  E "O3'" 1 
ATOM   989  C "C2'" B DG  C 3 9  ? -18.126 -14.914 4.506   0.50 53.68 ? 9   DG  E "C2'" 1 
ATOM   990  C "C1'" B DG  C 3 9  ? -17.658 -15.820 5.637   0.50 53.70 ? 9   DG  E "C1'" 1 
ATOM   991  N N9    B DG  C 3 9  ? -16.725 -15.210 6.588   0.50 53.68 ? 9   DG  E N9    1 
ATOM   992  C C8    B DG  C 3 9  ? -15.604 -14.462 6.314   0.50 53.68 ? 9   DG  E C8    1 
ATOM   993  N N7    B DG  C 3 9  ? -14.972 -14.060 7.384   0.50 53.69 ? 9   DG  E N7    1 
ATOM   994  C C5    B DG  C 3 9  ? -15.718 -14.572 8.439   0.50 53.68 ? 9   DG  E C5    1 
ATOM   995  C C6    B DG  C 3 9  ? -15.536 -14.474 9.845   0.50 53.70 ? 9   DG  E C6    1 
ATOM   996  O O6    B DG  C 3 9  ? -14.644 -13.894 10.477  0.50 53.71 ? 9   DG  E O6    1 
ATOM   997  N N1    B DG  C 3 9  ? -16.530 -15.145 10.556  0.50 53.70 ? 9   DG  E N1    1 
ATOM   998  C C2    B DG  C 3 9  ? -17.576 -15.831 9.982   0.50 53.68 ? 9   DG  E C2    1 
ATOM   999  N N2    B DG  C 3 9  ? -18.439 -16.419 10.822  0.50 53.69 ? 9   DG  E N2    1 
ATOM   1000 N N3    B DG  C 3 9  ? -17.759 -15.933 8.670   0.50 53.69 ? 9   DG  E N3    1 
ATOM   1001 C C4    B DG  C 3 9  ? -16.800 -15.283 7.961   0.50 53.68 ? 9   DG  E C4    1 
ATOM   1002 P P     B DA  C 3 10 ? -21.100 -15.307 3.252   0.50 53.65 ? 10  DA  E P     1 
ATOM   1003 O OP1   B DA  C 3 10 ? -21.817 -15.847 2.076   0.50 53.60 ? 10  DA  E OP1   1 
ATOM   1004 O OP2   B DA  C 3 10 ? -20.526 -13.943 3.210   0.50 53.60 ? 10  DA  E OP2   1 
ATOM   1005 O "O5'" B DA  C 3 10 ? -22.055 -15.395 4.530   0.50 53.68 ? 10  DA  E "O5'" 1 
ATOM   1006 C "C5'" B DA  C 3 10 ? -22.056 -16.551 5.368   0.50 53.76 ? 10  DA  E "C5'" 1 
ATOM   1007 C "C4'" B DA  C 3 10 ? -22.310 -16.168 6.817   0.50 53.80 ? 10  DA  E "C4'" 1 
ATOM   1008 O "O4'" B DA  C 3 10 ? -21.085 -15.633 7.391   0.50 53.85 ? 10  DA  E "O4'" 1 
ATOM   1009 C "C3'" B DA  C 3 10 ? -23.381 -15.093 7.016   0.50 53.80 ? 10  DA  E "C3'" 1 
ATOM   1010 O "O3'" B DA  C 3 10 ? -24.313 -15.445 8.035   0.50 53.84 ? 10  DA  E "O3'" 1 
ATOM   1011 C "C2'" B DA  C 3 10 ? -22.575 -13.858 7.405   0.50 53.78 ? 10  DA  E "C2'" 1 
ATOM   1012 C "C1'" B DA  C 3 10 ? -21.405 -14.485 8.149   0.50 53.78 ? 10  DA  E "C1'" 1 
ATOM   1013 N N9    B DA  C 3 10 ? -20.240 -13.609 8.270   0.50 53.76 ? 10  DA  E N9    1 
ATOM   1014 C C8    B DA  C 3 10 ? -19.545 -13.015 7.253   0.50 53.77 ? 10  DA  E C8    1 
ATOM   1015 N N7    B DA  C 3 10 ? -18.540 -12.273 7.657   0.50 53.74 ? 10  DA  E N7    1 
ATOM   1016 C C5    B DA  C 3 10 ? -18.577 -12.387 9.037   0.50 53.74 ? 10  DA  E C5    1 
ATOM   1017 C C6    B DA  C 3 10 ? -17.774 -11.837 10.060  0.50 53.75 ? 10  DA  E C6    1 
ATOM   1018 N N6    B DA  C 3 10 ? -16.734 -11.030 9.824   0.50 53.76 ? 10  DA  E N6    1 
ATOM   1019 N N1    B DA  C 3 10 ? -18.081 -12.150 11.341  0.50 53.77 ? 10  DA  E N1    1 
ATOM   1020 C C2    B DA  C 3 10 ? -19.124 -12.960 11.575  0.50 53.79 ? 10  DA  E C2    1 
ATOM   1021 N N3    B DA  C 3 10 ? -19.951 -13.535 10.696  0.50 53.78 ? 10  DA  E N3    1 
ATOM   1022 C C4    B DA  C 3 10 ? -19.621 -13.207 9.433   0.50 53.76 ? 10  DA  E C4    1 
ATOM   1023 P P     B DA  C 3 11 ? -25.566 -14.486 8.300   0.50 53.86 ? 11  DA  E P     1 
ATOM   1024 O OP1   B DA  C 3 11 ? -26.716 -15.020 7.535   0.50 53.81 ? 11  DA  E OP1   1 
ATOM   1025 O OP2   B DA  C 3 11 ? -25.120 -13.092 8.080   0.50 53.77 ? 11  DA  E OP2   1 
ATOM   1026 O "O5'" B DA  C 3 11 ? -25.856 -14.674 9.863   0.50 53.75 ? 11  DA  E "O5'" 1 
ATOM   1027 C "C5'" B DA  C 3 11 ? -24.805 -14.963 10.788  0.50 53.70 ? 11  DA  E "C5'" 1 
ATOM   1028 C "C4'" B DA  C 3 11 ? -24.490 -13.795 11.715  0.50 53.65 ? 11  DA  E "C4'" 1 
ATOM   1029 O "O4'" B DA  C 3 11 ? -23.268 -13.156 11.270  0.50 53.64 ? 11  DA  E "O4'" 1 
ATOM   1030 C "C3'" B DA  C 3 11 ? -25.534 -12.679 11.814  0.50 53.58 ? 11  DA  E "C3'" 1 
ATOM   1031 O "O3'" B DA  C 3 11 ? -26.074 -12.645 13.130  0.50 53.56 ? 11  DA  E "O3'" 1 
ATOM   1032 C "C2'" B DA  C 3 11 ? -24.776 -11.397 11.461  0.50 53.56 ? 11  DA  E "C2'" 1 
ATOM   1033 C "C1'" B DA  C 3 11 ? -23.319 -11.799 11.648  0.50 53.55 ? 11  DA  E "C1'" 1 
ATOM   1034 N N9    B DA  C 3 11 ? -22.349 -11.069 10.835  0.50 53.52 ? 11  DA  E N9    1 
ATOM   1035 C C8    B DA  C 3 11 ? -22.318 -10.974 9.471   0.50 53.48 ? 11  DA  E C8    1 
ATOM   1036 N N7    B DA  C 3 11 ? -21.322 -10.254 9.011   0.50 53.47 ? 11  DA  E N7    1 
ATOM   1037 C C5    B DA  C 3 11 ? -20.647 -9.852  10.152  0.50 53.46 ? 11  DA  E C5    1 
ATOM   1038 C C6    B DA  C 3 11 ? -19.493 -9.063  10.354  0.50 53.50 ? 11  DA  E C6    1 
ATOM   1039 N N6    B DA  C 3 11 ? -18.792 -8.519  9.355   0.50 53.52 ? 11  DA  E N6    1 
ATOM   1040 N N1    B DA  C 3 11 ? -19.084 -8.853  11.626  0.50 53.50 ? 11  DA  E N1    1 
ATOM   1041 C C2    B DA  C 3 11 ? -19.788 -9.400  12.628  0.50 53.47 ? 11  DA  E C2    1 
ATOM   1042 N N3    B DA  C 3 11 ? -20.883 -10.158 12.560  0.50 53.47 ? 11  DA  E N3    1 
ATOM   1043 C C4    B DA  C 3 11 ? -21.267 -10.349 11.285  0.50 53.46 ? 11  DA  E C4    1 
ATOM   1044 P P     B DA  C 3 12 ? -27.332 -11.719 13.466  0.50 53.51 ? 12  DA  E P     1 
ATOM   1045 O OP1   B DA  C 3 12 ? -28.089 -12.353 14.569  0.50 53.54 ? 12  DA  E OP1   1 
ATOM   1046 O OP2   B DA  C 3 12 ? -28.013 -11.380 12.197  0.50 53.52 ? 12  DA  E OP2   1 
ATOM   1047 O "O5'" B DA  C 3 12 ? -26.627 -10.398 14.017  0.50 53.49 ? 12  DA  E "O5'" 1 
ATOM   1048 C "C5'" B DA  C 3 12 ? -25.877 -10.455 15.221  0.50 53.50 ? 12  DA  E "C5'" 1 
ATOM   1049 C "C4'" B DA  C 3 12 ? -25.238 -9.110  15.505  0.50 53.51 ? 12  DA  E "C4'" 1 
ATOM   1050 O "O4'" B DA  C 3 12 ? -24.234 -8.835  14.495  0.50 53.54 ? 12  DA  E "O4'" 1 
ATOM   1051 C "C3'" B DA  C 3 12 ? -26.219 -7.940  15.470  0.50 53.52 ? 12  DA  E "C3'" 1 
ATOM   1052 O "O3'" B DA  C 3 12 ? -26.106 -7.151  16.642  0.50 53.50 ? 12  DA  E "O3'" 1 
ATOM   1053 C "C2'" B DA  C 3 12 ? -25.828 -7.163  14.216  0.50 53.53 ? 12  DA  E "C2'" 1 
ATOM   1054 C "C1'" B DA  C 3 12 ? -24.344 -7.483  14.104  0.50 53.55 ? 12  DA  E "C1'" 1 
ATOM   1055 N N9    B DA  C 3 12 ? -23.761 -7.332  12.772  0.50 53.58 ? 12  DA  E N9    1 
ATOM   1056 C C8    B DA  C 3 12 ? -24.315 -7.674  11.568  0.50 53.60 ? 12  DA  E C8    1 
ATOM   1057 N N7    B DA  C 3 12 ? -23.544 -7.418  10.538  0.50 53.62 ? 12  DA  E N7    1 
ATOM   1058 C C5    B DA  C 3 12 ? -22.404 -6.873  11.103  0.50 53.61 ? 12  DA  E C5    1 
ATOM   1059 C C6    B DA  C 3 12 ? -21.200 -6.390  10.545  0.50 53.57 ? 12  DA  E C6    1 
ATOM   1060 N N6    B DA  C 3 12 ? -20.950 -6.386  9.232   0.50 53.57 ? 12  DA  E N6    1 
ATOM   1061 N N1    B DA  C 3 12 ? -20.259 -5.910  11.391  0.50 53.58 ? 12  DA  E N1    1 
ATOM   1062 C C2    B DA  C 3 12 ? -20.513 -5.915  12.708  0.50 53.59 ? 12  DA  E C2    1 
ATOM   1063 N N3    B DA  C 3 12 ? -21.605 -6.342  13.347  0.50 53.61 ? 12  DA  E N3    1 
ATOM   1064 C C4    B DA  C 3 12 ? -22.521 -6.814  12.481  0.50 53.61 ? 12  DA  E C4    1 
ATOM   1065 P P     B DA  C 3 13 ? -27.234 -6.054  16.911  0.50 53.49 ? 13  DA  E P     1 
ATOM   1066 O OP1   B DA  C 3 13 ? -27.368 -5.871  18.374  0.50 53.50 ? 13  DA  E OP1   1 
ATOM   1067 O OP2   B DA  C 3 13 ? -28.421 -6.438  16.115  0.50 53.48 ? 13  DA  E OP2   1 
ATOM   1068 O "O5'" B DA  C 3 13 ? -26.602 -4.749  16.228  0.50 53.46 ? 13  DA  E "O5'" 1 
ATOM   1069 C "C5'" B DA  C 3 13 ? -26.007 -3.708  16.997  0.50 53.45 ? 13  DA  E "C5'" 1 
ATOM   1070 C "C4'" B DA  C 3 13 ? -24.652 -3.288  16.449  0.50 53.43 ? 13  DA  E "C4'" 1 
ATOM   1071 O "O4'" B DA  C 3 13 ? -24.196 -4.118  15.349  0.50 53.40 ? 13  DA  E "O4'" 1 
ATOM   1072 C "C3'" B DA  C 3 13 ? -24.598 -1.914  15.807  0.50 53.44 ? 13  DA  E "C3'" 1 
ATOM   1073 O "O3'" B DA  C 3 13 ? -24.754 -0.862  16.749  0.50 53.47 ? 13  DA  E "O3'" 1 
ATOM   1074 C "C2'" B DA  C 3 13 ? -23.203 -1.974  15.203  0.50 53.41 ? 13  DA  E "C2'" 1 
ATOM   1075 C "C1'" B DA  C 3 13 ? -23.110 -3.431  14.741  0.50 53.37 ? 13  DA  E "C1'" 1 
ATOM   1076 N N9    B DA  C 3 13 ? -23.130 -3.545  13.282  0.50 53.36 ? 13  DA  E N9    1 
ATOM   1077 C C8    B DA  C 3 13 ? -24.052 -4.158  12.475  0.50 53.37 ? 13  DA  E C8    1 
ATOM   1078 N N7    B DA  C 3 13 ? -23.771 -4.074  11.194  0.50 53.37 ? 13  DA  E N7    1 
ATOM   1079 C C5    B DA  C 3 13 ? -22.588 -3.355  11.154  0.50 53.34 ? 13  DA  E C5    1 
ATOM   1080 C C6    B DA  C 3 13 ? -21.759 -2.921  10.094  0.50 53.34 ? 13  DA  E C6    1 
ATOM   1081 N N6    B DA  C 3 13 ? -22.024 -3.169  8.807   0.50 53.34 ? 13  DA  E N6    1 
ATOM   1082 N N1    B DA  C 3 13 ? -20.643 -2.222  10.408  0.50 53.34 ? 13  DA  E N1    1 
ATOM   1083 C C2    B DA  C 3 13 ? -20.379 -1.973  11.698  0.50 53.34 ? 13  DA  E C2    1 
ATOM   1084 N N3    B DA  C 3 13 ? -21.080 -2.328  12.777  0.50 53.32 ? 13  DA  E N3    1 
ATOM   1085 C C4    B DA  C 3 13 ? -22.181 -3.023  12.434  0.50 53.33 ? 13  DA  E C4    1 
ATOM   1086 P P     B DC  C 3 14 ? -25.354 0.535   16.251  0.50 53.44 ? 14  DC  E P     1 
ATOM   1087 O OP1   B DC  C 3 14 ? -25.259 1.496   17.371  0.50 53.47 ? 14  DC  E OP1   1 
ATOM   1088 O OP2   B DC  C 3 14 ? -26.662 0.265   15.613  0.50 53.43 ? 14  DC  E OP2   1 
ATOM   1089 O "O5'" B DC  C 3 14 ? -24.330 0.975   15.104  0.50 53.50 ? 14  DC  E "O5'" 1 
ATOM   1090 C "C5'" B DC  C 3 14 ? -22.924 0.969   15.342  0.50 53.59 ? 14  DC  E "C5'" 1 
ATOM   1091 C "C4'" B DC  C 3 14 ? -22.210 2.137   14.675  0.50 53.62 ? 14  DC  E "C4'" 1 
ATOM   1092 O "O4'" B DC  C 3 14 ? -21.245 1.607   13.726  0.50 53.64 ? 14  DC  E "O4'" 1 
ATOM   1093 C "C3'" B DC  C 3 14 ? -23.076 3.127   13.891  0.50 53.66 ? 14  DC  E "C3'" 1 
ATOM   1094 O "O3'" B DC  C 3 14 ? -23.450 4.234   14.707  0.50 53.70 ? 14  DC  E "O3'" 1 
ATOM   1095 C "C2'" B DC  C 3 14 ? -22.166 3.541   12.740  0.50 53.68 ? 14  DC  E "C2'" 1 
ATOM   1096 C "C1'" B DC  C 3 14 ? -21.313 2.299   12.496  0.50 53.65 ? 14  DC  E "C1'" 1 
ATOM   1097 N N1    B DC  C 3 14 ? -21.861 1.371   11.441  0.50 53.64 ? 14  DC  E N1    1 
ATOM   1098 C C2    B DC  C 3 14 ? -21.155 1.142   10.244  0.50 53.65 ? 14  DC  E C2    1 
ATOM   1099 O O2    B DC  C 3 14 ? -20.069 1.703   10.043  0.50 53.64 ? 14  DC  E O2    1 
ATOM   1100 N N3    B DC  C 3 14 ? -21.686 0.299   9.319   0.50 53.67 ? 14  DC  E N3    1 
ATOM   1101 C C4    B DC  C 3 14 ? -22.858 -0.303  9.542   0.50 53.67 ? 14  DC  E C4    1 
ATOM   1102 N N4    B DC  C 3 14 ? -23.335 -1.123  8.599   0.50 53.68 ? 14  DC  E N4    1 
ATOM   1103 C C5    B DC  C 3 14 ? -23.591 -0.086  10.746  0.50 53.66 ? 14  DC  E C5    1 
ATOM   1104 C C6    B DC  C 3 14 ? -23.062 0.744   11.651  0.50 53.66 ? 14  DC  E C6    1 
HETATM 1105 O O     . HOH D 4 .  ? 3.082   -12.096 1.698   1.00 50.61 ? 1   HOH A O     1 
HETATM 1106 O O     . HOH D 4 .  ? -1.774  -7.112  11.285  1.00 55.58 ? 3   HOH A O     1 
HETATM 1107 O O     . HOH D 4 .  ? -6.922  -2.369  10.782  1.00 55.23 ? 4   HOH A O     1 
HETATM 1108 O O     . HOH D 4 .  ? -7.101  9.499   2.172   1.00 67.80 ? 5   HOH A O     1 
HETATM 1109 O O     . HOH D 4 .  ? 1.069   1.930   -0.178  0.50 51.84 ? 6   HOH A O     1 
HETATM 1110 O O     . HOH D 4 .  ? -4.572  -9.161  12.486  1.00 65.92 ? 8   HOH A O     1 
HETATM 1111 O O     . HOH D 4 .  ? -8.669  7.303   2.445   1.00 43.01 ? 9   HOH A O     1 
HETATM 1112 O O     . HOH D 4 .  ? 7.950   3.956   -0.633  1.00 69.22 ? 10  HOH A O     1 
# 
loop_
_pdbx_poly_seq_scheme.asym_id 
_pdbx_poly_seq_scheme.entity_id 
_pdbx_poly_seq_scheme.seq_id 
_pdbx_poly_seq_scheme.mon_id 
_pdbx_poly_seq_scheme.ndb_seq_num 
_pdbx_poly_seq_scheme.pdb_seq_num 
_pdbx_poly_seq_scheme.auth_seq_num 
_pdbx_poly_seq_scheme.pdb_mon_id 
_pdbx_poly_seq_scheme.auth_mon_id 
_pdbx_poly_seq_scheme.pdb_strand_id 
_pdbx_poly_seq_scheme.pdb_ins_code 
_pdbx_poly_seq_scheme.hetero 
A 1 1  MET 1  369 ?   ?   ?   A . n 
A 1 2  GLY 2  370 ?   ?   ?   A . n 
A 1 3  SER 3  371 ?   ?   ?   A . n 
A 1 4  SER 4  372 ?   ?   ?   A . n 
A 1 5  HIS 5  373 ?   ?   ?   A . n 
A 1 6  HIS 6  374 ?   ?   ?   A . n 
A 1 7  HIS 7  375 ?   ?   ?   A . n 
A 1 8  HIS 8  376 ?   ?   ?   A . n 
A 1 9  HIS 9  377 ?   ?   ?   A . n 
A 1 10 HIS 10 378 ?   ?   ?   A . n 
A 1 11 SER 11 379 ?   ?   ?   A . n 
A 1 12 SER 12 380 ?   ?   ?   A . n 
A 1 13 GLY 13 381 ?   ?   ?   A . n 
A 1 14 LEU 14 382 ?   ?   ?   A . n 
A 1 15 VAL 15 383 ?   ?   ?   A . n 
A 1 16 PRO 16 384 ?   ?   ?   A . n 
A 1 17 GLY 17 385 ?   ?   ?   A . n 
A 1 18 SER 18 386 ?   ?   ?   A . n 
A 1 19 HIS 19 387 ?   ?   ?   A . n 
A 1 20 MET 20 388 ?   ?   ?   A . n 
A 1 21 GLY 21 389 389 GLY GLY A . n 
A 1 22 GLY 22 390 390 GLY GLY A . n 
A 1 23 ARG 23 391 391 ARG ARG A . n 
A 1 24 PRO 24 392 392 PRO PRO A . n 
A 1 25 ARG 25 393 393 ARG ARG A . n 
A 1 26 GLN 26 394 394 GLN GLN A . n 
A 1 27 HIS 27 395 395 HIS HIS A . n 
A 1 28 LEU 28 396 396 LEU LEU A . n 
A 1 29 LEU 29 397 397 LEU LEU A . n 
A 1 30 SER 30 398 398 SER SER A . n 
A 1 31 LEU 31 399 399 LEU LEU A . n 
A 1 32 THR 32 400 400 THR THR A . n 
A 1 33 ARG 33 401 401 ARG ARG A . n 
A 1 34 ARG 34 402 402 ARG ARG A . n 
A 1 35 ALA 35 403 403 ALA ALA A . n 
A 1 36 GLN 36 404 404 GLN GLN A . n 
A 1 37 LYS 37 405 405 LYS LYS A . n 
A 1 38 HIS 38 406 406 HIS HIS A . n 
A 1 39 ARG 39 407 407 ARG ARG A . n 
A 1 40 LEU 40 408 408 LEU LEU A . n 
A 1 41 ARG 41 409 409 ARG ARG A . n 
A 1 42 GLU 42 410 410 GLU GLU A . n 
A 1 43 LEU 43 411 411 LEU LEU A . n 
A 1 44 LYS 44 412 412 LYS LYS A . n 
A 1 45 ILE 45 413 413 ILE ILE A . n 
A 1 46 GLN 46 414 414 GLN GLN A . n 
A 1 47 VAL 47 415 415 VAL VAL A . n 
A 1 48 LYS 48 416 416 LYS LYS A . n 
A 1 49 GLU 49 417 417 GLU GLU A . n 
A 1 50 PHE 50 418 418 PHE PHE A . n 
A 1 51 ALA 51 419 419 ALA ALA A . n 
A 1 52 ASP 52 420 420 ASP ASP A . n 
A 1 53 LYS 53 421 421 LYS LYS A . n 
A 1 54 GLU 54 422 422 GLU GLU A . n 
A 1 55 GLU 55 423 423 GLU GLU A . n 
A 1 56 GLY 56 424 424 GLY GLY A . n 
A 1 57 GLY 57 425 425 GLY GLY A . n 
A 1 58 ASP 58 426 426 ASP ASP A . n 
A 1 59 VAL 59 427 427 VAL VAL A . n 
A 1 60 LYS 60 428 428 LYS LYS A . n 
A 1 61 ALA 61 429 429 ALA ALA A . n 
A 1 62 VAL 62 430 430 VAL VAL A . n 
A 1 63 CYS 63 431 431 CYS CYS A . n 
A 1 64 LEU 64 432 432 LEU LEU A . n 
A 1 65 THR 65 433 433 THR THR A . n 
A 1 66 LEU 66 434 434 LEU LEU A . n 
A 1 67 PHE 67 435 435 PHE PHE A . n 
A 1 68 LEU 68 436 436 LEU LEU A . n 
A 1 69 LEU 69 437 437 LEU LEU A . n 
A 1 70 ALA 70 438 438 ALA ALA A . n 
A 1 71 LEU 71 439 439 LEU LEU A . n 
A 1 72 ARG 72 440 440 ARG ARG A . n 
A 1 73 ALA 73 441 441 ALA ALA A . n 
A 1 74 ARG 74 442 442 ARG ARG A . n 
A 1 75 ASN 75 443 443 ASN ASN A . n 
A 1 76 GLU 76 444 444 GLU GLU A . n 
A 1 77 HIS 77 445 445 HIS HIS A . n 
A 1 78 ARG 78 446 446 ARG ARG A . n 
A 1 79 GLN 79 447 447 GLN GLN A . n 
A 1 80 ALA 80 448 448 ALA ALA A . n 
A 1 81 ASP 81 449 449 ASP ASP A . n 
A 1 82 GLU 82 450 450 GLU GLU A . n 
A 1 83 LEU 83 451 451 LEU LEU A . n 
A 1 84 GLU 84 452 452 GLU GLU A . n 
A 1 85 ALA 85 453 453 ALA ALA A . n 
A 1 86 ILE 86 454 454 ILE ILE A . n 
A 1 87 MET 87 455 455 MET MET A . n 
A 1 88 GLN 88 456 456 GLN GLN A . n 
A 1 89 GLY 89 457 ?   ?   ?   A . n 
A 1 90 ARG 90 458 ?   ?   ?   A . n 
A 1 91 GLY 91 459 ?   ?   ?   A . n 
A 1 92 SER 92 460 ?   ?   ?   A . n 
A 1 93 GLY 93 461 ?   ?   ?   A . n 
A 1 94 LEU 94 462 ?   ?   ?   A . n 
A 1 95 GLN 95 463 ?   ?   ?   A . n 
A 1 96 PRO 96 464 ?   ?   ?   A . n 
B 2 1  DA  1  1   1   DA  A   D . n 
B 2 2  DA  2  2   2   DA  A   D . n 
B 2 3  DT  3  3   3   DT  T   D . n 
B 2 4  DT  4  4   4   DT  T   D . n 
B 2 5  DT  5  5   5   DT  T   D . n 
B 2 6  DT  6  6   6   DT  T   D . n 
B 2 7  DC  7  7   7   DC  C   D . n 
B 2 8  DA  8  8   8   DA  A   D . n 
B 2 9  DG  9  9   9   DG  G   D . n 
B 2 10 DA  10 10  10  DA  A   D . n 
B 2 11 DA  11 11  11  DA  A   D . n 
B 2 12 DA  12 12  12  DA  A   D . n 
B 2 13 DC  13 13  13  DC  C   D . n 
B 2 14 DC  14 14  14  DC  C   D . n 
C 3 1  DA  1  1   1   DA  A   E . n 
C 3 2  DG  2  2   2   DG  G   E . n 
C 3 3  DG  3  3   3   DG  G   E . n 
C 3 4  DT  4  4   4   DT  T   E . n 
C 3 5  DT  5  5   5   DT  T   E . n 
C 3 6  DT  6  6   6   DT  T   E . n 
C 3 7  DC  7  7   7   DC  C   E . n 
C 3 8  DT  8  8   8   DT  T   E . n 
C 3 9  DG  9  9   9   DG  G   E . n 
C 3 10 DA  10 10  10  DA  A   E . n 
C 3 11 DA  11 11  11  DA  A   E . n 
C 3 12 DA  12 12  12  DA  A   E . n 
C 3 13 DA  13 13  13  DA  A   E . n 
C 3 14 DC  14 14  14  DC  C   E . n 
# 
loop_
_pdbx_nonpoly_scheme.asym_id 
_pdbx_nonpoly_scheme.entity_id 
_pdbx_nonpoly_scheme.mon_id 
_pdbx_nonpoly_scheme.ndb_seq_num 
_pdbx_nonpoly_scheme.pdb_seq_num 
_pdbx_nonpoly_scheme.auth_seq_num 
_pdbx_nonpoly_scheme.pdb_mon_id 
_pdbx_nonpoly_scheme.auth_mon_id 
_pdbx_nonpoly_scheme.pdb_strand_id 
_pdbx_nonpoly_scheme.pdb_ins_code 
D 4 HOH 1 1  1  HOH HOH A . 
D 4 HOH 2 3  3  HOH HOH A . 
D 4 HOH 3 4  4  HOH HOH A . 
D 4 HOH 4 5  5  HOH HOH A . 
D 4 HOH 5 6  6  HOH HOH A . 
D 4 HOH 6 8  8  HOH HOH A . 
D 4 HOH 7 9  9  HOH HOH A . 
D 4 HOH 8 10 10 HOH HOH A . 
# 
_pdbx_struct_assembly.id                   1 
_pdbx_struct_assembly.details              author_defined_assembly 
_pdbx_struct_assembly.method_details       ? 
_pdbx_struct_assembly.oligomeric_details   hexameric 
_pdbx_struct_assembly.oligomeric_count     6 
# 
_pdbx_struct_assembly_gen.assembly_id       1 
_pdbx_struct_assembly_gen.oper_expression   1,2 
_pdbx_struct_assembly_gen.asym_id_list      A,B,C,D 
# 
loop_
_pdbx_struct_oper_list.id 
_pdbx_struct_oper_list.type 
_pdbx_struct_oper_list.name 
_pdbx_struct_oper_list.symmetry_operation 
_pdbx_struct_oper_list.matrix[1][1] 
_pdbx_struct_oper_list.matrix[1][2] 
_pdbx_struct_oper_list.matrix[1][3] 
_pdbx_struct_oper_list.vector[1] 
_pdbx_struct_oper_list.matrix[2][1] 
_pdbx_struct_oper_list.matrix[2][2] 
_pdbx_struct_oper_list.matrix[2][3] 
_pdbx_struct_oper_list.vector[2] 
_pdbx_struct_oper_list.matrix[3][1] 
_pdbx_struct_oper_list.matrix[3][2] 
_pdbx_struct_oper_list.matrix[3][3] 
_pdbx_struct_oper_list.vector[3] 
1 'identity operation'         1_555 x,y,z  1.0000000000  0.0000000000 0.0000000000 0.0000000000 0.0000000000 1.0000000000  0.0000000000 0.0000000000 0.0000000000 0.0000000000 1.0000000000 0.0000000000  
2 'crystal symmetry operation' 7_555 y,x,-z -0.8459181866 0.0195781447 0.5329532042 1.9811747933 0.0195781447 -0.9975123362 0.0677187962 3.8167270663 0.5329532042 0.0677187962 0.8434305228 -0.7129846232 
# 
_pdbx_struct_special_symmetry.id              1 
_pdbx_struct_special_symmetry.PDB_model_num   1 
_pdbx_struct_special_symmetry.auth_asym_id    A 
_pdbx_struct_special_symmetry.auth_comp_id    HOH 
_pdbx_struct_special_symmetry.auth_seq_id     6 
_pdbx_struct_special_symmetry.PDB_ins_code    ? 
_pdbx_struct_special_symmetry.label_asym_id   D 
_pdbx_struct_special_symmetry.label_comp_id   HOH 
_pdbx_struct_special_symmetry.label_seq_id    . 
# 
loop_
_pdbx_audit_revision_history.ordinal 
_pdbx_audit_revision_history.data_content_type 
_pdbx_audit_revision_history.major_revision 
_pdbx_audit_revision_history.minor_revision 
_pdbx_audit_revision_history.revision_date 
1 'Structure model' 1 0 2009-04-28 
2 'Structure model' 1 1 2011-07-13 
3 'Structure model' 1 2 2023-09-06 
# 
_pdbx_audit_revision_details.ordinal             1 
_pdbx_audit_revision_details.revision_ordinal    1 
_pdbx_audit_revision_details.data_content_type   'Structure model' 
_pdbx_audit_revision_details.provider            repository 
_pdbx_audit_revision_details.type                'Initial release' 
_pdbx_audit_revision_details.description         ? 
_pdbx_audit_revision_details.details             ? 
# 
loop_
_pdbx_audit_revision_group.ordinal 
_pdbx_audit_revision_group.revision_ordinal 
_pdbx_audit_revision_group.data_content_type 
_pdbx_audit_revision_group.group 
1 2 'Structure model' Advisory                    
2 2 'Structure model' 'Version format compliance' 
3 3 'Structure model' 'Data collection'           
4 3 'Structure model' 'Database references'       
5 3 'Structure model' 'Refinement description'    
# 
loop_
_pdbx_audit_revision_category.ordinal 
_pdbx_audit_revision_category.revision_ordinal 
_pdbx_audit_revision_category.data_content_type 
_pdbx_audit_revision_category.category 
1 3 'Structure model' chem_comp_atom                
2 3 'Structure model' chem_comp_bond                
3 3 'Structure model' database_2                    
4 3 'Structure model' pdbx_initial_refinement_model 
5 3 'Structure model' struct_ncs_dom_lim            
6 3 'Structure model' struct_ref_seq_dif            
# 
loop_
_pdbx_audit_revision_item.ordinal 
_pdbx_audit_revision_item.revision_ordinal 
_pdbx_audit_revision_item.data_content_type 
_pdbx_audit_revision_item.item 
1  3 'Structure model' '_database_2.pdbx_DOI'                  
2  3 'Structure model' '_database_2.pdbx_database_accession'   
3  3 'Structure model' '_struct_ncs_dom_lim.beg_auth_comp_id'  
4  3 'Structure model' '_struct_ncs_dom_lim.beg_label_asym_id' 
5  3 'Structure model' '_struct_ncs_dom_lim.beg_label_comp_id' 
6  3 'Structure model' '_struct_ncs_dom_lim.beg_label_seq_id'  
7  3 'Structure model' '_struct_ncs_dom_lim.end_auth_comp_id'  
8  3 'Structure model' '_struct_ncs_dom_lim.end_label_asym_id' 
9  3 'Structure model' '_struct_ncs_dom_lim.end_label_comp_id' 
10 3 'Structure model' '_struct_ncs_dom_lim.end_label_seq_id'  
11 3 'Structure model' '_struct_ref_seq_dif.details'           
# 
loop_
_pdbx_refine_tls.id 
_pdbx_refine_tls.details 
_pdbx_refine_tls.method 
_pdbx_refine_tls.origin_x 
_pdbx_refine_tls.origin_y 
_pdbx_refine_tls.origin_z 
_pdbx_refine_tls.T[1][1] 
_pdbx_refine_tls.T[2][2] 
_pdbx_refine_tls.T[3][3] 
_pdbx_refine_tls.T[1][2] 
_pdbx_refine_tls.T[1][3] 
_pdbx_refine_tls.T[2][3] 
_pdbx_refine_tls.L[1][1] 
_pdbx_refine_tls.L[2][2] 
_pdbx_refine_tls.L[3][3] 
_pdbx_refine_tls.L[1][2] 
_pdbx_refine_tls.L[1][3] 
_pdbx_refine_tls.L[2][3] 
_pdbx_refine_tls.S[1][1] 
_pdbx_refine_tls.S[1][2] 
_pdbx_refine_tls.S[1][3] 
_pdbx_refine_tls.S[2][1] 
_pdbx_refine_tls.S[2][2] 
_pdbx_refine_tls.S[2][3] 
_pdbx_refine_tls.S[3][1] 
_pdbx_refine_tls.S[3][2] 
_pdbx_refine_tls.S[3][3] 
_pdbx_refine_tls.pdbx_refine_id 
1 ? refined -12.8356 -16.2361 11.7310 -0.1196 -0.3074 0.7401 -0.1571 0.1935 0.0486  0.8832 10.5382 7.5107 0.9465 -2.3933 0.5589  -0.9917 0.0697 0.1663 0.4881  1.0764 0.7326 -0.3920 -1.3680 -0.0847 'X-RAY DIFFRACTION' 
2 ? refined -0.2686  -0.8269  0.0194  -0.2490 -0.0374 0.0634 0.0908  0.0216 -0.0467 4.1572 11.1222 3.5000 0.3105 -0.8551 -1.4788 -0.2341 0.1846 0.1213 -0.1057 0.2073 0.6569 0.1647  -0.4561 0.0268  'X-RAY DIFFRACTION' 
# 
loop_
_pdbx_refine_tls_group.id 
_pdbx_refine_tls_group.refine_tls_id 
_pdbx_refine_tls_group.beg_auth_asym_id 
_pdbx_refine_tls_group.beg_auth_seq_id 
_pdbx_refine_tls_group.beg_label_asym_id 
_pdbx_refine_tls_group.beg_label_seq_id 
_pdbx_refine_tls_group.end_auth_asym_id 
_pdbx_refine_tls_group.end_auth_seq_id 
_pdbx_refine_tls_group.end_label_asym_id 
_pdbx_refine_tls_group.end_label_seq_id 
_pdbx_refine_tls_group.selection 
_pdbx_refine_tls_group.selection_details 
_pdbx_refine_tls_group.pdbx_refine_id 
1 1 D 1   ? ? D 14  ? ? ? ? 'X-RAY DIFFRACTION' 
2 1 E 1   ? ? E 14  ? ? ? ? 'X-RAY DIFFRACTION' 
3 2 A 389 ? ? A 456 ? ? ? ? 'X-RAY DIFFRACTION' 
# 
loop_
_software.name 
_software.classification 
_software.version 
_software.citation_id 
_software.pdbx_ordinal 
ADSC     'data collection' Quantum  ? 1 
REFMAC   refinement        5.2.0019 ? 2 
HKL-2000 'data reduction'  .        ? 3 
HKL-2000 'data scaling'    .        ? 4 
REFMAC   phasing           5.2.0019 ? 5 
# 
loop_
_pdbx_validate_rmsd_angle.id 
_pdbx_validate_rmsd_angle.PDB_model_num 
_pdbx_validate_rmsd_angle.auth_atom_id_1 
_pdbx_validate_rmsd_angle.auth_asym_id_1 
_pdbx_validate_rmsd_angle.auth_comp_id_1 
_pdbx_validate_rmsd_angle.auth_seq_id_1 
_pdbx_validate_rmsd_angle.PDB_ins_code_1 
_pdbx_validate_rmsd_angle.label_alt_id_1 
_pdbx_validate_rmsd_angle.auth_atom_id_2 
_pdbx_validate_rmsd_angle.auth_asym_id_2 
_pdbx_validate_rmsd_angle.auth_comp_id_2 
_pdbx_validate_rmsd_angle.auth_seq_id_2 
_pdbx_validate_rmsd_angle.PDB_ins_code_2 
_pdbx_validate_rmsd_angle.label_alt_id_2 
_pdbx_validate_rmsd_angle.auth_atom_id_3 
_pdbx_validate_rmsd_angle.auth_asym_id_3 
_pdbx_validate_rmsd_angle.auth_comp_id_3 
_pdbx_validate_rmsd_angle.auth_seq_id_3 
_pdbx_validate_rmsd_angle.PDB_ins_code_3 
_pdbx_validate_rmsd_angle.label_alt_id_3 
_pdbx_validate_rmsd_angle.angle_value 
_pdbx_validate_rmsd_angle.angle_target_value 
_pdbx_validate_rmsd_angle.angle_deviation 
_pdbx_validate_rmsd_angle.angle_standard_deviation 
_pdbx_validate_rmsd_angle.linker_flag 
1 1 "O4'" D DT 3  ? A "C1'" D DT 3  ? A N1    D DT 3  ? A 110.53 108.30 2.23  0.30 N 
2 1 "O4'" D DC 13 ? A "C4'" D DC 13 ? A "C3'" D DC 13 ? A 101.21 104.50 -3.29 0.40 N 
3 1 "O4'" D DC 13 ? A "C1'" D DC 13 ? A N1    D DC 13 ? A 113.37 108.30 5.07  0.30 N 
4 1 "O4'" E DA 10 ? B "C1'" E DA 10 ? B N9    E DA 10 ? B 110.53 108.30 2.23  0.30 N 
5 1 "O4'" E DA 13 ? B "C4'" E DA 13 ? B "C3'" E DA 13 ? B 100.70 104.50 -3.80 0.40 N 
6 1 "O4'" E DA 13 ? B "C1'" E DA 13 ? B N9    E DA 13 ? B 112.20 108.30 3.90  0.30 N 
# 
loop_
_pdbx_validate_torsion.id 
_pdbx_validate_torsion.PDB_model_num 
_pdbx_validate_torsion.auth_comp_id 
_pdbx_validate_torsion.auth_asym_id 
_pdbx_validate_torsion.auth_seq_id 
_pdbx_validate_torsion.PDB_ins_code 
_pdbx_validate_torsion.label_alt_id 
_pdbx_validate_torsion.phi 
_pdbx_validate_torsion.psi 
1 1 ARG A 409 ? ? -29.38  -51.21 
2 1 GLU A 444 ? ? -101.31 58.57  
# 
loop_
_pdbx_unobs_or_zero_occ_atoms.id 
_pdbx_unobs_or_zero_occ_atoms.PDB_model_num 
_pdbx_unobs_or_zero_occ_atoms.polymer_flag 
_pdbx_unobs_or_zero_occ_atoms.occupancy_flag 
_pdbx_unobs_or_zero_occ_atoms.auth_asym_id 
_pdbx_unobs_or_zero_occ_atoms.auth_comp_id 
_pdbx_unobs_or_zero_occ_atoms.auth_seq_id 
_pdbx_unobs_or_zero_occ_atoms.PDB_ins_code 
_pdbx_unobs_or_zero_occ_atoms.auth_atom_id 
_pdbx_unobs_or_zero_occ_atoms.label_alt_id 
_pdbx_unobs_or_zero_occ_atoms.label_asym_id 
_pdbx_unobs_or_zero_occ_atoms.label_comp_id 
_pdbx_unobs_or_zero_occ_atoms.label_seq_id 
_pdbx_unobs_or_zero_occ_atoms.label_atom_id 
1  1 Y 1 D DA 1 ? N9 ? B DA 1 N9 
2  1 Y 1 D DA 1 ? C8 ? B DA 1 C8 
3  1 Y 1 D DA 1 ? N7 ? B DA 1 N7 
4  1 Y 1 D DA 1 ? C5 ? B DA 1 C5 
5  1 Y 1 D DA 1 ? C6 ? B DA 1 C6 
6  1 Y 1 D DA 1 ? N6 ? B DA 1 N6 
7  1 Y 1 D DA 1 ? N1 ? B DA 1 N1 
8  1 Y 1 D DA 1 ? C2 ? B DA 1 C2 
9  1 Y 1 D DA 1 ? N3 ? B DA 1 N3 
10 1 Y 1 D DA 1 ? C4 ? B DA 1 C4 
11 1 Y 1 E DA 1 ? N9 ? C DA 1 N9 
12 1 Y 1 E DA 1 ? C8 ? C DA 1 C8 
13 1 Y 1 E DA 1 ? N7 ? C DA 1 N7 
14 1 Y 1 E DA 1 ? C5 ? C DA 1 C5 
15 1 Y 1 E DA 1 ? C6 ? C DA 1 C6 
16 1 Y 1 E DA 1 ? N6 ? C DA 1 N6 
17 1 Y 1 E DA 1 ? N1 ? C DA 1 N1 
18 1 Y 1 E DA 1 ? C2 ? C DA 1 C2 
19 1 Y 1 E DA 1 ? N3 ? C DA 1 N3 
20 1 Y 1 E DA 1 ? C4 ? C DA 1 C4 
# 
loop_
_pdbx_unobs_or_zero_occ_residues.id 
_pdbx_unobs_or_zero_occ_residues.PDB_model_num 
_pdbx_unobs_or_zero_occ_residues.polymer_flag 
_pdbx_unobs_or_zero_occ_residues.occupancy_flag 
_pdbx_unobs_or_zero_occ_residues.auth_asym_id 
_pdbx_unobs_or_zero_occ_residues.auth_comp_id 
_pdbx_unobs_or_zero_occ_residues.auth_seq_id 
_pdbx_unobs_or_zero_occ_residues.PDB_ins_code 
_pdbx_unobs_or_zero_occ_residues.label_asym_id 
_pdbx_unobs_or_zero_occ_residues.label_comp_id 
_pdbx_unobs_or_zero_occ_residues.label_seq_id 
1  1 Y 1 A MET 369 ? A MET 1  
2  1 Y 1 A GLY 370 ? A GLY 2  
3  1 Y 1 A SER 371 ? A SER 3  
4  1 Y 1 A SER 372 ? A SER 4  
5  1 Y 1 A HIS 373 ? A HIS 5  
6  1 Y 1 A HIS 374 ? A HIS 6  
7  1 Y 1 A HIS 375 ? A HIS 7  
8  1 Y 1 A HIS 376 ? A HIS 8  
9  1 Y 1 A HIS 377 ? A HIS 9  
10 1 Y 1 A HIS 378 ? A HIS 10 
11 1 Y 1 A SER 379 ? A SER 11 
12 1 Y 1 A SER 380 ? A SER 12 
13 1 Y 1 A GLY 381 ? A GLY 13 
14 1 Y 1 A LEU 382 ? A LEU 14 
15 1 Y 1 A VAL 383 ? A VAL 15 
16 1 Y 1 A PRO 384 ? A PRO 16 
17 1 Y 1 A GLY 385 ? A GLY 17 
18 1 Y 1 A SER 386 ? A SER 18 
19 1 Y 1 A HIS 387 ? A HIS 19 
20 1 Y 1 A MET 388 ? A MET 20 
21 1 Y 1 A GLY 457 ? A GLY 89 
22 1 Y 1 A ARG 458 ? A ARG 90 
23 1 Y 1 A GLY 459 ? A GLY 91 
24 1 Y 1 A SER 460 ? A SER 92 
25 1 Y 1 A GLY 461 ? A GLY 93 
26 1 Y 1 A LEU 462 ? A LEU 94 
27 1 Y 1 A GLN 463 ? A GLN 95 
28 1 Y 1 A PRO 464 ? A PRO 96 
# 
loop_
_chem_comp_atom.comp_id 
_chem_comp_atom.atom_id 
_chem_comp_atom.type_symbol 
_chem_comp_atom.pdbx_aromatic_flag 
_chem_comp_atom.pdbx_stereo_config 
_chem_comp_atom.pdbx_ordinal 
ALA N      N N N 1   
ALA CA     C N S 2   
ALA C      C N N 3   
ALA O      O N N 4   
ALA CB     C N N 5   
ALA OXT    O N N 6   
ALA H      H N N 7   
ALA H2     H N N 8   
ALA HA     H N N 9   
ALA HB1    H N N 10  
ALA HB2    H N N 11  
ALA HB3    H N N 12  
ALA HXT    H N N 13  
ARG N      N N N 14  
ARG CA     C N S 15  
ARG C      C N N 16  
ARG O      O N N 17  
ARG CB     C N N 18  
ARG CG     C N N 19  
ARG CD     C N N 20  
ARG NE     N N N 21  
ARG CZ     C N N 22  
ARG NH1    N N N 23  
ARG NH2    N N N 24  
ARG OXT    O N N 25  
ARG H      H N N 26  
ARG H2     H N N 27  
ARG HA     H N N 28  
ARG HB2    H N N 29  
ARG HB3    H N N 30  
ARG HG2    H N N 31  
ARG HG3    H N N 32  
ARG HD2    H N N 33  
ARG HD3    H N N 34  
ARG HE     H N N 35  
ARG HH11   H N N 36  
ARG HH12   H N N 37  
ARG HH21   H N N 38  
ARG HH22   H N N 39  
ARG HXT    H N N 40  
ASN N      N N N 41  
ASN CA     C N S 42  
ASN C      C N N 43  
ASN O      O N N 44  
ASN CB     C N N 45  
ASN CG     C N N 46  
ASN OD1    O N N 47  
ASN ND2    N N N 48  
ASN OXT    O N N 49  
ASN H      H N N 50  
ASN H2     H N N 51  
ASN HA     H N N 52  
ASN HB2    H N N 53  
ASN HB3    H N N 54  
ASN HD21   H N N 55  
ASN HD22   H N N 56  
ASN HXT    H N N 57  
ASP N      N N N 58  
ASP CA     C N S 59  
ASP C      C N N 60  
ASP O      O N N 61  
ASP CB     C N N 62  
ASP CG     C N N 63  
ASP OD1    O N N 64  
ASP OD2    O N N 65  
ASP OXT    O N N 66  
ASP H      H N N 67  
ASP H2     H N N 68  
ASP HA     H N N 69  
ASP HB2    H N N 70  
ASP HB3    H N N 71  
ASP HD2    H N N 72  
ASP HXT    H N N 73  
CYS N      N N N 74  
CYS CA     C N R 75  
CYS C      C N N 76  
CYS O      O N N 77  
CYS CB     C N N 78  
CYS SG     S N N 79  
CYS OXT    O N N 80  
CYS H      H N N 81  
CYS H2     H N N 82  
CYS HA     H N N 83  
CYS HB2    H N N 84  
CYS HB3    H N N 85  
CYS HG     H N N 86  
CYS HXT    H N N 87  
DA  OP3    O N N 88  
DA  P      P N N 89  
DA  OP1    O N N 90  
DA  OP2    O N N 91  
DA  "O5'"  O N N 92  
DA  "C5'"  C N N 93  
DA  "C4'"  C N R 94  
DA  "O4'"  O N N 95  
DA  "C3'"  C N S 96  
DA  "O3'"  O N N 97  
DA  "C2'"  C N N 98  
DA  "C1'"  C N R 99  
DA  N9     N Y N 100 
DA  C8     C Y N 101 
DA  N7     N Y N 102 
DA  C5     C Y N 103 
DA  C6     C Y N 104 
DA  N6     N N N 105 
DA  N1     N Y N 106 
DA  C2     C Y N 107 
DA  N3     N Y N 108 
DA  C4     C Y N 109 
DA  HOP3   H N N 110 
DA  HOP2   H N N 111 
DA  "H5'"  H N N 112 
DA  "H5''" H N N 113 
DA  "H4'"  H N N 114 
DA  "H3'"  H N N 115 
DA  "HO3'" H N N 116 
DA  "H2'"  H N N 117 
DA  "H2''" H N N 118 
DA  "H1'"  H N N 119 
DA  H8     H N N 120 
DA  H61    H N N 121 
DA  H62    H N N 122 
DA  H2     H N N 123 
DC  OP3    O N N 124 
DC  P      P N N 125 
DC  OP1    O N N 126 
DC  OP2    O N N 127 
DC  "O5'"  O N N 128 
DC  "C5'"  C N N 129 
DC  "C4'"  C N R 130 
DC  "O4'"  O N N 131 
DC  "C3'"  C N S 132 
DC  "O3'"  O N N 133 
DC  "C2'"  C N N 134 
DC  "C1'"  C N R 135 
DC  N1     N N N 136 
DC  C2     C N N 137 
DC  O2     O N N 138 
DC  N3     N N N 139 
DC  C4     C N N 140 
DC  N4     N N N 141 
DC  C5     C N N 142 
DC  C6     C N N 143 
DC  HOP3   H N N 144 
DC  HOP2   H N N 145 
DC  "H5'"  H N N 146 
DC  "H5''" H N N 147 
DC  "H4'"  H N N 148 
DC  "H3'"  H N N 149 
DC  "HO3'" H N N 150 
DC  "H2'"  H N N 151 
DC  "H2''" H N N 152 
DC  "H1'"  H N N 153 
DC  H41    H N N 154 
DC  H42    H N N 155 
DC  H5     H N N 156 
DC  H6     H N N 157 
DG  OP3    O N N 158 
DG  P      P N N 159 
DG  OP1    O N N 160 
DG  OP2    O N N 161 
DG  "O5'"  O N N 162 
DG  "C5'"  C N N 163 
DG  "C4'"  C N R 164 
DG  "O4'"  O N N 165 
DG  "C3'"  C N S 166 
DG  "O3'"  O N N 167 
DG  "C2'"  C N N 168 
DG  "C1'"  C N R 169 
DG  N9     N Y N 170 
DG  C8     C Y N 171 
DG  N7     N Y N 172 
DG  C5     C Y N 173 
DG  C6     C N N 174 
DG  O6     O N N 175 
DG  N1     N N N 176 
DG  C2     C N N 177 
DG  N2     N N N 178 
DG  N3     N N N 179 
DG  C4     C Y N 180 
DG  HOP3   H N N 181 
DG  HOP2   H N N 182 
DG  "H5'"  H N N 183 
DG  "H5''" H N N 184 
DG  "H4'"  H N N 185 
DG  "H3'"  H N N 186 
DG  "HO3'" H N N 187 
DG  "H2'"  H N N 188 
DG  "H2''" H N N 189 
DG  "H1'"  H N N 190 
DG  H8     H N N 191 
DG  H1     H N N 192 
DG  H21    H N N 193 
DG  H22    H N N 194 
DT  OP3    O N N 195 
DT  P      P N N 196 
DT  OP1    O N N 197 
DT  OP2    O N N 198 
DT  "O5'"  O N N 199 
DT  "C5'"  C N N 200 
DT  "C4'"  C N R 201 
DT  "O4'"  O N N 202 
DT  "C3'"  C N S 203 
DT  "O3'"  O N N 204 
DT  "C2'"  C N N 205 
DT  "C1'"  C N R 206 
DT  N1     N N N 207 
DT  C2     C N N 208 
DT  O2     O N N 209 
DT  N3     N N N 210 
DT  C4     C N N 211 
DT  O4     O N N 212 
DT  C5     C N N 213 
DT  C7     C N N 214 
DT  C6     C N N 215 
DT  HOP3   H N N 216 
DT  HOP2   H N N 217 
DT  "H5'"  H N N 218 
DT  "H5''" H N N 219 
DT  "H4'"  H N N 220 
DT  "H3'"  H N N 221 
DT  "HO3'" H N N 222 
DT  "H2'"  H N N 223 
DT  "H2''" H N N 224 
DT  "H1'"  H N N 225 
DT  H3     H N N 226 
DT  H71    H N N 227 
DT  H72    H N N 228 
DT  H73    H N N 229 
DT  H6     H N N 230 
GLN N      N N N 231 
GLN CA     C N S 232 
GLN C      C N N 233 
GLN O      O N N 234 
GLN CB     C N N 235 
GLN CG     C N N 236 
GLN CD     C N N 237 
GLN OE1    O N N 238 
GLN NE2    N N N 239 
GLN OXT    O N N 240 
GLN H      H N N 241 
GLN H2     H N N 242 
GLN HA     H N N 243 
GLN HB2    H N N 244 
GLN HB3    H N N 245 
GLN HG2    H N N 246 
GLN HG3    H N N 247 
GLN HE21   H N N 248 
GLN HE22   H N N 249 
GLN HXT    H N N 250 
GLU N      N N N 251 
GLU CA     C N S 252 
GLU C      C N N 253 
GLU O      O N N 254 
GLU CB     C N N 255 
GLU CG     C N N 256 
GLU CD     C N N 257 
GLU OE1    O N N 258 
GLU OE2    O N N 259 
GLU OXT    O N N 260 
GLU H      H N N 261 
GLU H2     H N N 262 
GLU HA     H N N 263 
GLU HB2    H N N 264 
GLU HB3    H N N 265 
GLU HG2    H N N 266 
GLU HG3    H N N 267 
GLU HE2    H N N 268 
GLU HXT    H N N 269 
GLY N      N N N 270 
GLY CA     C N N 271 
GLY C      C N N 272 
GLY O      O N N 273 
GLY OXT    O N N 274 
GLY H      H N N 275 
GLY H2     H N N 276 
GLY HA2    H N N 277 
GLY HA3    H N N 278 
GLY HXT    H N N 279 
HIS N      N N N 280 
HIS CA     C N S 281 
HIS C      C N N 282 
HIS O      O N N 283 
HIS CB     C N N 284 
HIS CG     C Y N 285 
HIS ND1    N Y N 286 
HIS CD2    C Y N 287 
HIS CE1    C Y N 288 
HIS NE2    N Y N 289 
HIS OXT    O N N 290 
HIS H      H N N 291 
HIS H2     H N N 292 
HIS HA     H N N 293 
HIS HB2    H N N 294 
HIS HB3    H N N 295 
HIS HD1    H N N 296 
HIS HD2    H N N 297 
HIS HE1    H N N 298 
HIS HE2    H N N 299 
HIS HXT    H N N 300 
HOH O      O N N 301 
HOH H1     H N N 302 
HOH H2     H N N 303 
ILE N      N N N 304 
ILE CA     C N S 305 
ILE C      C N N 306 
ILE O      O N N 307 
ILE CB     C N S 308 
ILE CG1    C N N 309 
ILE CG2    C N N 310 
ILE CD1    C N N 311 
ILE OXT    O N N 312 
ILE H      H N N 313 
ILE H2     H N N 314 
ILE HA     H N N 315 
ILE HB     H N N 316 
ILE HG12   H N N 317 
ILE HG13   H N N 318 
ILE HG21   H N N 319 
ILE HG22   H N N 320 
ILE HG23   H N N 321 
ILE HD11   H N N 322 
ILE HD12   H N N 323 
ILE HD13   H N N 324 
ILE HXT    H N N 325 
LEU N      N N N 326 
LEU CA     C N S 327 
LEU C      C N N 328 
LEU O      O N N 329 
LEU CB     C N N 330 
LEU CG     C N N 331 
LEU CD1    C N N 332 
LEU CD2    C N N 333 
LEU OXT    O N N 334 
LEU H      H N N 335 
LEU H2     H N N 336 
LEU HA     H N N 337 
LEU HB2    H N N 338 
LEU HB3    H N N 339 
LEU HG     H N N 340 
LEU HD11   H N N 341 
LEU HD12   H N N 342 
LEU HD13   H N N 343 
LEU HD21   H N N 344 
LEU HD22   H N N 345 
LEU HD23   H N N 346 
LEU HXT    H N N 347 
LYS N      N N N 348 
LYS CA     C N S 349 
LYS C      C N N 350 
LYS O      O N N 351 
LYS CB     C N N 352 
LYS CG     C N N 353 
LYS CD     C N N 354 
LYS CE     C N N 355 
LYS NZ     N N N 356 
LYS OXT    O N N 357 
LYS H      H N N 358 
LYS H2     H N N 359 
LYS HA     H N N 360 
LYS HB2    H N N 361 
LYS HB3    H N N 362 
LYS HG2    H N N 363 
LYS HG3    H N N 364 
LYS HD2    H N N 365 
LYS HD3    H N N 366 
LYS HE2    H N N 367 
LYS HE3    H N N 368 
LYS HZ1    H N N 369 
LYS HZ2    H N N 370 
LYS HZ3    H N N 371 
LYS HXT    H N N 372 
MET N      N N N 373 
MET CA     C N S 374 
MET C      C N N 375 
MET O      O N N 376 
MET CB     C N N 377 
MET CG     C N N 378 
MET SD     S N N 379 
MET CE     C N N 380 
MET OXT    O N N 381 
MET H      H N N 382 
MET H2     H N N 383 
MET HA     H N N 384 
MET HB2    H N N 385 
MET HB3    H N N 386 
MET HG2    H N N 387 
MET HG3    H N N 388 
MET HE1    H N N 389 
MET HE2    H N N 390 
MET HE3    H N N 391 
MET HXT    H N N 392 
PHE N      N N N 393 
PHE CA     C N S 394 
PHE C      C N N 395 
PHE O      O N N 396 
PHE CB     C N N 397 
PHE CG     C Y N 398 
PHE CD1    C Y N 399 
PHE CD2    C Y N 400 
PHE CE1    C Y N 401 
PHE CE2    C Y N 402 
PHE CZ     C Y N 403 
PHE OXT    O N N 404 
PHE H      H N N 405 
PHE H2     H N N 406 
PHE HA     H N N 407 
PHE HB2    H N N 408 
PHE HB3    H N N 409 
PHE HD1    H N N 410 
PHE HD2    H N N 411 
PHE HE1    H N N 412 
PHE HE2    H N N 413 
PHE HZ     H N N 414 
PHE HXT    H N N 415 
PRO N      N N N 416 
PRO CA     C N S 417 
PRO C      C N N 418 
PRO O      O N N 419 
PRO CB     C N N 420 
PRO CG     C N N 421 
PRO CD     C N N 422 
PRO OXT    O N N 423 
PRO H      H N N 424 
PRO HA     H N N 425 
PRO HB2    H N N 426 
PRO HB3    H N N 427 
PRO HG2    H N N 428 
PRO HG3    H N N 429 
PRO HD2    H N N 430 
PRO HD3    H N N 431 
PRO HXT    H N N 432 
SER N      N N N 433 
SER CA     C N S 434 
SER C      C N N 435 
SER O      O N N 436 
SER CB     C N N 437 
SER OG     O N N 438 
SER OXT    O N N 439 
SER H      H N N 440 
SER H2     H N N 441 
SER HA     H N N 442 
SER HB2    H N N 443 
SER HB3    H N N 444 
SER HG     H N N 445 
SER HXT    H N N 446 
THR N      N N N 447 
THR CA     C N S 448 
THR C      C N N 449 
THR O      O N N 450 
THR CB     C N R 451 
THR OG1    O N N 452 
THR CG2    C N N 453 
THR OXT    O N N 454 
THR H      H N N 455 
THR H2     H N N 456 
THR HA     H N N 457 
THR HB     H N N 458 
THR HG1    H N N 459 
THR HG21   H N N 460 
THR HG22   H N N 461 
THR HG23   H N N 462 
THR HXT    H N N 463 
VAL N      N N N 464 
VAL CA     C N S 465 
VAL C      C N N 466 
VAL O      O N N 467 
VAL CB     C N N 468 
VAL CG1    C N N 469 
VAL CG2    C N N 470 
VAL OXT    O N N 471 
VAL H      H N N 472 
VAL H2     H N N 473 
VAL HA     H N N 474 
VAL HB     H N N 475 
VAL HG11   H N N 476 
VAL HG12   H N N 477 
VAL HG13   H N N 478 
VAL HG21   H N N 479 
VAL HG22   H N N 480 
VAL HG23   H N N 481 
VAL HXT    H N N 482 
# 
loop_
_chem_comp_bond.comp_id 
_chem_comp_bond.atom_id_1 
_chem_comp_bond.atom_id_2 
_chem_comp_bond.value_order 
_chem_comp_bond.pdbx_aromatic_flag 
_chem_comp_bond.pdbx_stereo_config 
_chem_comp_bond.pdbx_ordinal 
ALA N     CA     sing N N 1   
ALA N     H      sing N N 2   
ALA N     H2     sing N N 3   
ALA CA    C      sing N N 4   
ALA CA    CB     sing N N 5   
ALA CA    HA     sing N N 6   
ALA C     O      doub N N 7   
ALA C     OXT    sing N N 8   
ALA CB    HB1    sing N N 9   
ALA CB    HB2    sing N N 10  
ALA CB    HB3    sing N N 11  
ALA OXT   HXT    sing N N 12  
ARG N     CA     sing N N 13  
ARG N     H      sing N N 14  
ARG N     H2     sing N N 15  
ARG CA    C      sing N N 16  
ARG CA    CB     sing N N 17  
ARG CA    HA     sing N N 18  
ARG C     O      doub N N 19  
ARG C     OXT    sing N N 20  
ARG CB    CG     sing N N 21  
ARG CB    HB2    sing N N 22  
ARG CB    HB3    sing N N 23  
ARG CG    CD     sing N N 24  
ARG CG    HG2    sing N N 25  
ARG CG    HG3    sing N N 26  
ARG CD    NE     sing N N 27  
ARG CD    HD2    sing N N 28  
ARG CD    HD3    sing N N 29  
ARG NE    CZ     sing N N 30  
ARG NE    HE     sing N N 31  
ARG CZ    NH1    sing N N 32  
ARG CZ    NH2    doub N N 33  
ARG NH1   HH11   sing N N 34  
ARG NH1   HH12   sing N N 35  
ARG NH2   HH21   sing N N 36  
ARG NH2   HH22   sing N N 37  
ARG OXT   HXT    sing N N 38  
ASN N     CA     sing N N 39  
ASN N     H      sing N N 40  
ASN N     H2     sing N N 41  
ASN CA    C      sing N N 42  
ASN CA    CB     sing N N 43  
ASN CA    HA     sing N N 44  
ASN C     O      doub N N 45  
ASN C     OXT    sing N N 46  
ASN CB    CG     sing N N 47  
ASN CB    HB2    sing N N 48  
ASN CB    HB3    sing N N 49  
ASN CG    OD1    doub N N 50  
ASN CG    ND2    sing N N 51  
ASN ND2   HD21   sing N N 52  
ASN ND2   HD22   sing N N 53  
ASN OXT   HXT    sing N N 54  
ASP N     CA     sing N N 55  
ASP N     H      sing N N 56  
ASP N     H2     sing N N 57  
ASP CA    C      sing N N 58  
ASP CA    CB     sing N N 59  
ASP CA    HA     sing N N 60  
ASP C     O      doub N N 61  
ASP C     OXT    sing N N 62  
ASP CB    CG     sing N N 63  
ASP CB    HB2    sing N N 64  
ASP CB    HB3    sing N N 65  
ASP CG    OD1    doub N N 66  
ASP CG    OD2    sing N N 67  
ASP OD2   HD2    sing N N 68  
ASP OXT   HXT    sing N N 69  
CYS N     CA     sing N N 70  
CYS N     H      sing N N 71  
CYS N     H2     sing N N 72  
CYS CA    C      sing N N 73  
CYS CA    CB     sing N N 74  
CYS CA    HA     sing N N 75  
CYS C     O      doub N N 76  
CYS C     OXT    sing N N 77  
CYS CB    SG     sing N N 78  
CYS CB    HB2    sing N N 79  
CYS CB    HB3    sing N N 80  
CYS SG    HG     sing N N 81  
CYS OXT   HXT    sing N N 82  
DA  OP3   P      sing N N 83  
DA  OP3   HOP3   sing N N 84  
DA  P     OP1    doub N N 85  
DA  P     OP2    sing N N 86  
DA  P     "O5'"  sing N N 87  
DA  OP2   HOP2   sing N N 88  
DA  "O5'" "C5'"  sing N N 89  
DA  "C5'" "C4'"  sing N N 90  
DA  "C5'" "H5'"  sing N N 91  
DA  "C5'" "H5''" sing N N 92  
DA  "C4'" "O4'"  sing N N 93  
DA  "C4'" "C3'"  sing N N 94  
DA  "C4'" "H4'"  sing N N 95  
DA  "O4'" "C1'"  sing N N 96  
DA  "C3'" "O3'"  sing N N 97  
DA  "C3'" "C2'"  sing N N 98  
DA  "C3'" "H3'"  sing N N 99  
DA  "O3'" "HO3'" sing N N 100 
DA  "C2'" "C1'"  sing N N 101 
DA  "C2'" "H2'"  sing N N 102 
DA  "C2'" "H2''" sing N N 103 
DA  "C1'" N9     sing N N 104 
DA  "C1'" "H1'"  sing N N 105 
DA  N9    C8     sing Y N 106 
DA  N9    C4     sing Y N 107 
DA  C8    N7     doub Y N 108 
DA  C8    H8     sing N N 109 
DA  N7    C5     sing Y N 110 
DA  C5    C6     sing Y N 111 
DA  C5    C4     doub Y N 112 
DA  C6    N6     sing N N 113 
DA  C6    N1     doub Y N 114 
DA  N6    H61    sing N N 115 
DA  N6    H62    sing N N 116 
DA  N1    C2     sing Y N 117 
DA  C2    N3     doub Y N 118 
DA  C2    H2     sing N N 119 
DA  N3    C4     sing Y N 120 
DC  OP3   P      sing N N 121 
DC  OP3   HOP3   sing N N 122 
DC  P     OP1    doub N N 123 
DC  P     OP2    sing N N 124 
DC  P     "O5'"  sing N N 125 
DC  OP2   HOP2   sing N N 126 
DC  "O5'" "C5'"  sing N N 127 
DC  "C5'" "C4'"  sing N N 128 
DC  "C5'" "H5'"  sing N N 129 
DC  "C5'" "H5''" sing N N 130 
DC  "C4'" "O4'"  sing N N 131 
DC  "C4'" "C3'"  sing N N 132 
DC  "C4'" "H4'"  sing N N 133 
DC  "O4'" "C1'"  sing N N 134 
DC  "C3'" "O3'"  sing N N 135 
DC  "C3'" "C2'"  sing N N 136 
DC  "C3'" "H3'"  sing N N 137 
DC  "O3'" "HO3'" sing N N 138 
DC  "C2'" "C1'"  sing N N 139 
DC  "C2'" "H2'"  sing N N 140 
DC  "C2'" "H2''" sing N N 141 
DC  "C1'" N1     sing N N 142 
DC  "C1'" "H1'"  sing N N 143 
DC  N1    C2     sing N N 144 
DC  N1    C6     sing N N 145 
DC  C2    O2     doub N N 146 
DC  C2    N3     sing N N 147 
DC  N3    C4     doub N N 148 
DC  C4    N4     sing N N 149 
DC  C4    C5     sing N N 150 
DC  N4    H41    sing N N 151 
DC  N4    H42    sing N N 152 
DC  C5    C6     doub N N 153 
DC  C5    H5     sing N N 154 
DC  C6    H6     sing N N 155 
DG  OP3   P      sing N N 156 
DG  OP3   HOP3   sing N N 157 
DG  P     OP1    doub N N 158 
DG  P     OP2    sing N N 159 
DG  P     "O5'"  sing N N 160 
DG  OP2   HOP2   sing N N 161 
DG  "O5'" "C5'"  sing N N 162 
DG  "C5'" "C4'"  sing N N 163 
DG  "C5'" "H5'"  sing N N 164 
DG  "C5'" "H5''" sing N N 165 
DG  "C4'" "O4'"  sing N N 166 
DG  "C4'" "C3'"  sing N N 167 
DG  "C4'" "H4'"  sing N N 168 
DG  "O4'" "C1'"  sing N N 169 
DG  "C3'" "O3'"  sing N N 170 
DG  "C3'" "C2'"  sing N N 171 
DG  "C3'" "H3'"  sing N N 172 
DG  "O3'" "HO3'" sing N N 173 
DG  "C2'" "C1'"  sing N N 174 
DG  "C2'" "H2'"  sing N N 175 
DG  "C2'" "H2''" sing N N 176 
DG  "C1'" N9     sing N N 177 
DG  "C1'" "H1'"  sing N N 178 
DG  N9    C8     sing Y N 179 
DG  N9    C4     sing Y N 180 
DG  C8    N7     doub Y N 181 
DG  C8    H8     sing N N 182 
DG  N7    C5     sing Y N 183 
DG  C5    C6     sing N N 184 
DG  C5    C4     doub Y N 185 
DG  C6    O6     doub N N 186 
DG  C6    N1     sing N N 187 
DG  N1    C2     sing N N 188 
DG  N1    H1     sing N N 189 
DG  C2    N2     sing N N 190 
DG  C2    N3     doub N N 191 
DG  N2    H21    sing N N 192 
DG  N2    H22    sing N N 193 
DG  N3    C4     sing N N 194 
DT  OP3   P      sing N N 195 
DT  OP3   HOP3   sing N N 196 
DT  P     OP1    doub N N 197 
DT  P     OP2    sing N N 198 
DT  P     "O5'"  sing N N 199 
DT  OP2   HOP2   sing N N 200 
DT  "O5'" "C5'"  sing N N 201 
DT  "C5'" "C4'"  sing N N 202 
DT  "C5'" "H5'"  sing N N 203 
DT  "C5'" "H5''" sing N N 204 
DT  "C4'" "O4'"  sing N N 205 
DT  "C4'" "C3'"  sing N N 206 
DT  "C4'" "H4'"  sing N N 207 
DT  "O4'" "C1'"  sing N N 208 
DT  "C3'" "O3'"  sing N N 209 
DT  "C3'" "C2'"  sing N N 210 
DT  "C3'" "H3'"  sing N N 211 
DT  "O3'" "HO3'" sing N N 212 
DT  "C2'" "C1'"  sing N N 213 
DT  "C2'" "H2'"  sing N N 214 
DT  "C2'" "H2''" sing N N 215 
DT  "C1'" N1     sing N N 216 
DT  "C1'" "H1'"  sing N N 217 
DT  N1    C2     sing N N 218 
DT  N1    C6     sing N N 219 
DT  C2    O2     doub N N 220 
DT  C2    N3     sing N N 221 
DT  N3    C4     sing N N 222 
DT  N3    H3     sing N N 223 
DT  C4    O4     doub N N 224 
DT  C4    C5     sing N N 225 
DT  C5    C7     sing N N 226 
DT  C5    C6     doub N N 227 
DT  C7    H71    sing N N 228 
DT  C7    H72    sing N N 229 
DT  C7    H73    sing N N 230 
DT  C6    H6     sing N N 231 
GLN N     CA     sing N N 232 
GLN N     H      sing N N 233 
GLN N     H2     sing N N 234 
GLN CA    C      sing N N 235 
GLN CA    CB     sing N N 236 
GLN CA    HA     sing N N 237 
GLN C     O      doub N N 238 
GLN C     OXT    sing N N 239 
GLN CB    CG     sing N N 240 
GLN CB    HB2    sing N N 241 
GLN CB    HB3    sing N N 242 
GLN CG    CD     sing N N 243 
GLN CG    HG2    sing N N 244 
GLN CG    HG3    sing N N 245 
GLN CD    OE1    doub N N 246 
GLN CD    NE2    sing N N 247 
GLN NE2   HE21   sing N N 248 
GLN NE2   HE22   sing N N 249 
GLN OXT   HXT    sing N N 250 
GLU N     CA     sing N N 251 
GLU N     H      sing N N 252 
GLU N     H2     sing N N 253 
GLU CA    C      sing N N 254 
GLU CA    CB     sing N N 255 
GLU CA    HA     sing N N 256 
GLU C     O      doub N N 257 
GLU C     OXT    sing N N 258 
GLU CB    CG     sing N N 259 
GLU CB    HB2    sing N N 260 
GLU CB    HB3    sing N N 261 
GLU CG    CD     sing N N 262 
GLU CG    HG2    sing N N 263 
GLU CG    HG3    sing N N 264 
GLU CD    OE1    doub N N 265 
GLU CD    OE2    sing N N 266 
GLU OE2   HE2    sing N N 267 
GLU OXT   HXT    sing N N 268 
GLY N     CA     sing N N 269 
GLY N     H      sing N N 270 
GLY N     H2     sing N N 271 
GLY CA    C      sing N N 272 
GLY CA    HA2    sing N N 273 
GLY CA    HA3    sing N N 274 
GLY C     O      doub N N 275 
GLY C     OXT    sing N N 276 
GLY OXT   HXT    sing N N 277 
HIS N     CA     sing N N 278 
HIS N     H      sing N N 279 
HIS N     H2     sing N N 280 
HIS CA    C      sing N N 281 
HIS CA    CB     sing N N 282 
HIS CA    HA     sing N N 283 
HIS C     O      doub N N 284 
HIS C     OXT    sing N N 285 
HIS CB    CG     sing N N 286 
HIS CB    HB2    sing N N 287 
HIS CB    HB3    sing N N 288 
HIS CG    ND1    sing Y N 289 
HIS CG    CD2    doub Y N 290 
HIS ND1   CE1    doub Y N 291 
HIS ND1   HD1    sing N N 292 
HIS CD2   NE2    sing Y N 293 
HIS CD2   HD2    sing N N 294 
HIS CE1   NE2    sing Y N 295 
HIS CE1   HE1    sing N N 296 
HIS NE2   HE2    sing N N 297 
HIS OXT   HXT    sing N N 298 
HOH O     H1     sing N N 299 
HOH O     H2     sing N N 300 
ILE N     CA     sing N N 301 
ILE N     H      sing N N 302 
ILE N     H2     sing N N 303 
ILE CA    C      sing N N 304 
ILE CA    CB     sing N N 305 
ILE CA    HA     sing N N 306 
ILE C     O      doub N N 307 
ILE C     OXT    sing N N 308 
ILE CB    CG1    sing N N 309 
ILE CB    CG2    sing N N 310 
ILE CB    HB     sing N N 311 
ILE CG1   CD1    sing N N 312 
ILE CG1   HG12   sing N N 313 
ILE CG1   HG13   sing N N 314 
ILE CG2   HG21   sing N N 315 
ILE CG2   HG22   sing N N 316 
ILE CG2   HG23   sing N N 317 
ILE CD1   HD11   sing N N 318 
ILE CD1   HD12   sing N N 319 
ILE CD1   HD13   sing N N 320 
ILE OXT   HXT    sing N N 321 
LEU N     CA     sing N N 322 
LEU N     H      sing N N 323 
LEU N     H2     sing N N 324 
LEU CA    C      sing N N 325 
LEU CA    CB     sing N N 326 
LEU CA    HA     sing N N 327 
LEU C     O      doub N N 328 
LEU C     OXT    sing N N 329 
LEU CB    CG     sing N N 330 
LEU CB    HB2    sing N N 331 
LEU CB    HB3    sing N N 332 
LEU CG    CD1    sing N N 333 
LEU CG    CD2    sing N N 334 
LEU CG    HG     sing N N 335 
LEU CD1   HD11   sing N N 336 
LEU CD1   HD12   sing N N 337 
LEU CD1   HD13   sing N N 338 
LEU CD2   HD21   sing N N 339 
LEU CD2   HD22   sing N N 340 
LEU CD2   HD23   sing N N 341 
LEU OXT   HXT    sing N N 342 
LYS N     CA     sing N N 343 
LYS N     H      sing N N 344 
LYS N     H2     sing N N 345 
LYS CA    C      sing N N 346 
LYS CA    CB     sing N N 347 
LYS CA    HA     sing N N 348 
LYS C     O      doub N N 349 
LYS C     OXT    sing N N 350 
LYS CB    CG     sing N N 351 
LYS CB    HB2    sing N N 352 
LYS CB    HB3    sing N N 353 
LYS CG    CD     sing N N 354 
LYS CG    HG2    sing N N 355 
LYS CG    HG3    sing N N 356 
LYS CD    CE     sing N N 357 
LYS CD    HD2    sing N N 358 
LYS CD    HD3    sing N N 359 
LYS CE    NZ     sing N N 360 
LYS CE    HE2    sing N N 361 
LYS CE    HE3    sing N N 362 
LYS NZ    HZ1    sing N N 363 
LYS NZ    HZ2    sing N N 364 
LYS NZ    HZ3    sing N N 365 
LYS OXT   HXT    sing N N 366 
MET N     CA     sing N N 367 
MET N     H      sing N N 368 
MET N     H2     sing N N 369 
MET CA    C      sing N N 370 
MET CA    CB     sing N N 371 
MET CA    HA     sing N N 372 
MET C     O      doub N N 373 
MET C     OXT    sing N N 374 
MET CB    CG     sing N N 375 
MET CB    HB2    sing N N 376 
MET CB    HB3    sing N N 377 
MET CG    SD     sing N N 378 
MET CG    HG2    sing N N 379 
MET CG    HG3    sing N N 380 
MET SD    CE     sing N N 381 
MET CE    HE1    sing N N 382 
MET CE    HE2    sing N N 383 
MET CE    HE3    sing N N 384 
MET OXT   HXT    sing N N 385 
PHE N     CA     sing N N 386 
PHE N     H      sing N N 387 
PHE N     H2     sing N N 388 
PHE CA    C      sing N N 389 
PHE CA    CB     sing N N 390 
PHE CA    HA     sing N N 391 
PHE C     O      doub N N 392 
PHE C     OXT    sing N N 393 
PHE CB    CG     sing N N 394 
PHE CB    HB2    sing N N 395 
PHE CB    HB3    sing N N 396 
PHE CG    CD1    doub Y N 397 
PHE CG    CD2    sing Y N 398 
PHE CD1   CE1    sing Y N 399 
PHE CD1   HD1    sing N N 400 
PHE CD2   CE2    doub Y N 401 
PHE CD2   HD2    sing N N 402 
PHE CE1   CZ     doub Y N 403 
PHE CE1   HE1    sing N N 404 
PHE CE2   CZ     sing Y N 405 
PHE CE2   HE2    sing N N 406 
PHE CZ    HZ     sing N N 407 
PHE OXT   HXT    sing N N 408 
PRO N     CA     sing N N 409 
PRO N     CD     sing N N 410 
PRO N     H      sing N N 411 
PRO CA    C      sing N N 412 
PRO CA    CB     sing N N 413 
PRO CA    HA     sing N N 414 
PRO C     O      doub N N 415 
PRO C     OXT    sing N N 416 
PRO CB    CG     sing N N 417 
PRO CB    HB2    sing N N 418 
PRO CB    HB3    sing N N 419 
PRO CG    CD     sing N N 420 
PRO CG    HG2    sing N N 421 
PRO CG    HG3    sing N N 422 
PRO CD    HD2    sing N N 423 
PRO CD    HD3    sing N N 424 
PRO OXT   HXT    sing N N 425 
SER N     CA     sing N N 426 
SER N     H      sing N N 427 
SER N     H2     sing N N 428 
SER CA    C      sing N N 429 
SER CA    CB     sing N N 430 
SER CA    HA     sing N N 431 
SER C     O      doub N N 432 
SER C     OXT    sing N N 433 
SER CB    OG     sing N N 434 
SER CB    HB2    sing N N 435 
SER CB    HB3    sing N N 436 
SER OG    HG     sing N N 437 
SER OXT   HXT    sing N N 438 
THR N     CA     sing N N 439 
THR N     H      sing N N 440 
THR N     H2     sing N N 441 
THR CA    C      sing N N 442 
THR CA    CB     sing N N 443 
THR CA    HA     sing N N 444 
THR C     O      doub N N 445 
THR C     OXT    sing N N 446 
THR CB    OG1    sing N N 447 
THR CB    CG2    sing N N 448 
THR CB    HB     sing N N 449 
THR OG1   HG1    sing N N 450 
THR CG2   HG21   sing N N 451 
THR CG2   HG22   sing N N 452 
THR CG2   HG23   sing N N 453 
THR OXT   HXT    sing N N 454 
VAL N     CA     sing N N 455 
VAL N     H      sing N N 456 
VAL N     H2     sing N N 457 
VAL CA    C      sing N N 458 
VAL CA    CB     sing N N 459 
VAL CA    HA     sing N N 460 
VAL C     O      doub N N 461 
VAL C     OXT    sing N N 462 
VAL CB    CG1    sing N N 463 
VAL CB    CG2    sing N N 464 
VAL CB    HB     sing N N 465 
VAL CG1   HG11   sing N N 466 
VAL CG1   HG12   sing N N 467 
VAL CG1   HG13   sing N N 468 
VAL CG2   HG21   sing N N 469 
VAL CG2   HG22   sing N N 470 
VAL CG2   HG23   sing N N 471 
VAL OXT   HXT    sing N N 472 
# 
loop_
_ndb_struct_conf_na.entry_id 
_ndb_struct_conf_na.feature 
3GNB 'double helix'        
3GNB 'b-form double helix' 
# 
loop_
_ndb_struct_na_base_pair.model_number 
_ndb_struct_na_base_pair.i_label_asym_id 
_ndb_struct_na_base_pair.i_label_comp_id 
_ndb_struct_na_base_pair.i_label_seq_id 
_ndb_struct_na_base_pair.i_symmetry 
_ndb_struct_na_base_pair.j_label_asym_id 
_ndb_struct_na_base_pair.j_label_comp_id 
_ndb_struct_na_base_pair.j_label_seq_id 
_ndb_struct_na_base_pair.j_symmetry 
_ndb_struct_na_base_pair.shear 
_ndb_struct_na_base_pair.stretch 
_ndb_struct_na_base_pair.stagger 
_ndb_struct_na_base_pair.buckle 
_ndb_struct_na_base_pair.propeller 
_ndb_struct_na_base_pair.opening 
_ndb_struct_na_base_pair.pair_number 
_ndb_struct_na_base_pair.pair_name 
_ndb_struct_na_base_pair.i_auth_asym_id 
_ndb_struct_na_base_pair.i_auth_seq_id 
_ndb_struct_na_base_pair.i_PDB_ins_code 
_ndb_struct_na_base_pair.j_auth_asym_id 
_ndb_struct_na_base_pair.j_auth_seq_id 
_ndb_struct_na_base_pair.j_PDB_ins_code 
_ndb_struct_na_base_pair.hbond_type_28 
_ndb_struct_na_base_pair.hbond_type_12 
1 B DT 3  1_555 C DA 13 1_555 0.699  -0.443 0.838  1.682   -23.596 -2.634 1  D_DT3:DA13_E D 3  ? E 13 ? 20 1 
1 B DT 4  1_555 C DA 12 1_555 0.126  -0.111 0.289  -6.651  -21.166 8.157  2  D_DT4:DA12_E D 4  ? E 12 ? 20 1 
1 B DT 5  1_555 C DA 11 1_555 0.186  0.065  0.267  4.910   -17.617 11.307 3  D_DT5:DA11_E D 5  ? E 11 ? ?  1 
1 B DT 6  1_555 C DA 10 1_555 0.241  -0.171 0.516  -6.906  -20.604 5.825  4  D_DT6:DA10_E D 6  ? E 10 ? 20 1 
1 B DC 7  1_555 C DG 9  1_555 0.626  0.070  0.642  -15.292 -1.111  3.823  5  D_DC7:DG9_E  D 7  ? E 9  ? 19 1 
1 B DA 8  1_555 C DT 8  1_555 -0.114 -0.220 -0.234 1.038   -4.488  9.255  6  D_DA8:DT8_E  D 8  ? E 8  ? 20 1 
1 B DG 9  1_555 C DC 7  1_555 -0.400 -0.348 -0.137 12.621  -10.914 -2.100 7  D_DG9:DC7_E  D 9  ? E 7  ? 19 1 
1 B DA 10 1_555 C DT 6  1_555 0.104  -0.017 0.215  12.348  -15.819 4.167  8  D_DA10:DT6_E D 10 ? E 6  ? 20 1 
1 B DA 11 1_555 C DT 5  1_555 0.063  0.033  0.049  -2.597  -15.539 4.893  9  D_DA11:DT5_E D 11 ? E 5  ? 20 1 
1 B DA 12 1_555 C DT 4  1_555 -0.022 -0.130 0.299  5.720   -20.500 6.876  10 D_DA12:DT4_E D 12 ? E 4  ? 20 1 
1 B DC 13 1_555 C DG 3  1_555 0.716  -0.434 0.072  12.515  -26.838 -3.356 11 D_DC13:DG3_E D 13 ? E 3  ? 19 1 
1 B DC 14 1_555 C DG 2  1_555 0.169  -0.293 -0.094 7.267   -8.328  -3.502 12 D_DC14:DG2_E D 14 ? E 2  ? 19 1 
# 
loop_
_ndb_struct_na_base_pair_step.model_number 
_ndb_struct_na_base_pair_step.i_label_asym_id_1 
_ndb_struct_na_base_pair_step.i_label_comp_id_1 
_ndb_struct_na_base_pair_step.i_label_seq_id_1 
_ndb_struct_na_base_pair_step.i_symmetry_1 
_ndb_struct_na_base_pair_step.j_label_asym_id_1 
_ndb_struct_na_base_pair_step.j_label_comp_id_1 
_ndb_struct_na_base_pair_step.j_label_seq_id_1 
_ndb_struct_na_base_pair_step.j_symmetry_1 
_ndb_struct_na_base_pair_step.i_label_asym_id_2 
_ndb_struct_na_base_pair_step.i_label_comp_id_2 
_ndb_struct_na_base_pair_step.i_label_seq_id_2 
_ndb_struct_na_base_pair_step.i_symmetry_2 
_ndb_struct_na_base_pair_step.j_label_asym_id_2 
_ndb_struct_na_base_pair_step.j_label_comp_id_2 
_ndb_struct_na_base_pair_step.j_label_seq_id_2 
_ndb_struct_na_base_pair_step.j_symmetry_2 
_ndb_struct_na_base_pair_step.shift 
_ndb_struct_na_base_pair_step.slide 
_ndb_struct_na_base_pair_step.rise 
_ndb_struct_na_base_pair_step.tilt 
_ndb_struct_na_base_pair_step.roll 
_ndb_struct_na_base_pair_step.twist 
_ndb_struct_na_base_pair_step.x_displacement 
_ndb_struct_na_base_pair_step.y_displacement 
_ndb_struct_na_base_pair_step.helical_rise 
_ndb_struct_na_base_pair_step.inclination 
_ndb_struct_na_base_pair_step.tip 
_ndb_struct_na_base_pair_step.helical_twist 
_ndb_struct_na_base_pair_step.step_number 
_ndb_struct_na_base_pair_step.step_name 
_ndb_struct_na_base_pair_step.i_auth_asym_id_1 
_ndb_struct_na_base_pair_step.i_auth_seq_id_1 
_ndb_struct_na_base_pair_step.i_PDB_ins_code_1 
_ndb_struct_na_base_pair_step.j_auth_asym_id_1 
_ndb_struct_na_base_pair_step.j_auth_seq_id_1 
_ndb_struct_na_base_pair_step.j_PDB_ins_code_1 
_ndb_struct_na_base_pair_step.i_auth_asym_id_2 
_ndb_struct_na_base_pair_step.i_auth_seq_id_2 
_ndb_struct_na_base_pair_step.i_PDB_ins_code_2 
_ndb_struct_na_base_pair_step.j_auth_asym_id_2 
_ndb_struct_na_base_pair_step.j_auth_seq_id_2 
_ndb_struct_na_base_pair_step.j_PDB_ins_code_2 
1 B DT 3  1_555 C DA 13 1_555 B DT 4  1_555 C DA 12 1_555 0.113  -1.117 3.216 9.147  2.604  28.855 -2.645 1.579  3.001 5.055  
-17.757 30.350 1  DD_DT3DT4:DA12DA13_EE D 3  ? E 13 ? D 4  ? E 12 ? 
1 B DT 4  1_555 C DA 12 1_555 B DT 5  1_555 C DA 11 1_555 -0.010 0.101  2.987 1.308  10.074 33.933 -1.198 0.194  2.896 16.799 
-2.181  35.378 2  DD_DT4DT5:DA11DA12_EE D 4  ? E 12 ? D 5  ? E 11 ? 
1 B DT 5  1_555 C DA 11 1_555 B DT 6  1_555 C DA 10 1_555 -0.381 -0.497 3.477 -1.595 0.098  35.847 -0.821 0.376  3.489 0.160  
2.591   35.881 3  DD_DT5DT6:DA10DA11_EE D 5  ? E 11 ? D 6  ? E 10 ? 
1 B DT 6  1_555 C DA 10 1_555 B DC 7  1_555 C DG 9  1_555 -0.104 -0.351 3.455 -1.935 1.794  36.217 -0.827 -0.119 3.435 2.881  
3.108   36.310 4  DD_DT6DC7:DG9DA10_EE  D 6  ? E 10 ? D 7  ? E 9  ? 
1 B DC 7  1_555 C DG 9  1_555 B DA 8  1_555 C DT 8  1_555 -0.155 -0.727 2.702 7.475  10.359 23.389 -3.692 1.860  2.058 23.443 
-16.916 26.607 5  DD_DC7DA8:DT8DG9_EE   D 7  ? E 9  ? D 8  ? E 8  ? 
1 B DA 8  1_555 C DT 8  1_555 B DG 9  1_555 C DC 7  1_555 -0.341 -0.230 2.993 -4.916 1.799  27.402 -0.874 -0.374 2.986 3.755  
10.259  27.888 6  DD_DA8DG9:DC7DT8_EE   D 8  ? E 8  ? D 9  ? E 7  ? 
1 B DG 9  1_555 C DC 7  1_555 B DA 10 1_555 C DT 6  1_555 0.158  -0.216 3.075 -0.895 3.194  36.931 -0.740 -0.361 3.042 5.030  
1.409   37.074 7  DD_DG9DA10:DT6DC7_EE  D 9  ? E 7  ? D 10 ? E 6  ? 
1 B DA 10 1_555 C DT 6  1_555 B DA 11 1_555 C DT 5  1_555 0.157  -0.585 3.542 0.130  1.902  35.548 -1.255 -0.236 3.507 3.113  
-0.213  35.597 8  DD_DA10DA11:DT5DT6_EE D 10 ? E 6  ? D 11 ? E 5  ? 
1 B DA 11 1_555 C DT 5  1_555 B DA 12 1_555 C DT 4  1_555 0.095  -0.174 3.085 -2.468 11.178 32.545 -1.922 -0.519 2.858 19.220 
4.243   34.448 9  DD_DA11DA12:DT4DT5_EE D 11 ? E 5  ? D 12 ? E 4  ? 
1 B DA 12 1_555 C DT 4  1_555 B DC 13 1_555 C DG 3  1_555 -0.303 -0.931 2.783 -4.247 -0.423 34.398 -1.507 -0.051 2.810 -0.712 
7.148   34.654 10 DD_DA12DC13:DG3DT4_EE D 12 ? E 4  ? D 13 ? E 3  ? 
1 B DC 13 1_555 C DG 3  1_555 B DC 14 1_555 C DG 2  1_555 -0.231 -1.805 3.337 3.384  7.153  32.340 -4.298 0.945  2.845 12.607 
-5.965  33.269 11 DD_DC13DC14:DG2DG3_EE D 13 ? E 3  ? D 14 ? E 2  ? 
# 
_pdbx_entity_nonpoly.entity_id   4 
_pdbx_entity_nonpoly.name        water 
_pdbx_entity_nonpoly.comp_id     HOH 
# 
_pdbx_initial_refinement_model.id               1 
_pdbx_initial_refinement_model.entity_id_list   ? 
_pdbx_initial_refinement_model.type             'experimental model' 
_pdbx_initial_refinement_model.source_name      PDB 
_pdbx_initial_refinement_model.accession_code   3GNA 
_pdbx_initial_refinement_model.details          'PDB entry 3GNA' 
# 
